data_7WGS
#
_entry.id   7WGS
#
_cell.length_a   94.029
_cell.length_b   125.285
_cell.length_c   145.919
_cell.angle_alpha   90.000
_cell.angle_beta   93.780
_cell.angle_gamma   90.000
#
_symmetry.space_group_name_H-M   'P 1 21 1'
#
loop_
_entity.id
_entity.type
_entity.pdbx_description
1 polymer 'ATP-dependent Clp protease proteolytic subunit'
2 non-polymer (6S,9aS)-6-[(2R)-butan-2-yl]-8-[(1S)-1-naphthalen-1-ylethyl]-4,7-bis(oxidanylidene)-N-[4,4,4-tris(fluoranyl)butyl]-3,6,9,9a-tetrahydro-2H-pyrazino[1,2-a]pyrimidine-1-carboxamide
3 non-polymer (4S)-2-METHYL-2,4-PENTANEDIOL
4 water water
#
_entity_poly.entity_id   1
_entity_poly.type   'polypeptide(L)'
_entity_poly.pdbx_seq_one_letter_code
;MNLIPTVIETTNRGERAYDIYSRLLKDRIIMLGSQIDDNVANSIVSQLLFLQAQDSEKDIYLYINSPGGSVTAGFAIYDT
IQHIKPDVQTICIGMAASMGSFLLAAGAKGKRFALPNAEVMIHQPLGGAQGQATEIEIAANHILKTREKLNRILSERTGQ
SIEKIQKDTDRDNFLTAEEAKEYGLIDEVMVPETK
;
_entity_poly.pdbx_strand_id   A,B,C,D,E,F,G,H,I,J,K,L,M,N
#
# COMPACT_ATOMS: atom_id res chain seq x y z
N ILE A 4 13.59 28.97 -6.19
CA ILE A 4 14.09 30.13 -5.41
C ILE A 4 15.11 30.90 -6.25
N PRO A 5 14.81 32.16 -6.62
CA PRO A 5 15.72 32.86 -7.51
C PRO A 5 17.04 33.29 -6.83
N THR A 6 18.04 33.51 -7.66
CA THR A 6 19.34 34.06 -7.28
C THR A 6 19.44 35.54 -7.69
N VAL A 7 20.08 36.34 -6.85
CA VAL A 7 20.43 37.74 -7.18
C VAL A 7 21.95 37.93 -7.07
N ILE A 8 22.50 38.71 -7.98
CA ILE A 8 23.96 38.89 -8.08
C ILE A 8 24.33 40.37 -7.89
N GLU A 9 25.20 40.59 -6.90
CA GLU A 9 25.87 41.87 -6.65
C GLU A 9 27.37 41.73 -6.98
N ARG A 16 29.04 38.75 -6.05
CA ARG A 16 28.57 37.70 -5.13
C ARG A 16 27.15 37.25 -5.48
N ALA A 17 26.89 35.95 -5.30
CA ALA A 17 25.62 35.32 -5.64
C ALA A 17 24.90 34.92 -4.33
N TYR A 18 23.67 35.38 -4.19
CA TYR A 18 22.78 35.07 -3.08
C TYR A 18 21.48 34.47 -3.62
N ASP A 19 20.95 33.44 -2.99
CA ASP A 19 19.51 33.15 -3.11
C ASP A 19 18.71 34.32 -2.47
N ILE A 20 17.46 34.48 -2.86
CA ILE A 20 16.66 35.64 -2.44
C ILE A 20 16.54 35.77 -0.91
N TYR A 21 16.40 34.66 -0.21
CA TYR A 21 16.26 34.69 1.26
C TYR A 21 17.54 35.14 1.95
N SER A 22 18.67 34.66 1.46
CA SER A 22 19.99 35.11 1.93
C SER A 22 20.21 36.58 1.68
N ARG A 23 19.74 37.07 0.53
CA ARG A 23 19.82 38.48 0.21
C ARG A 23 19.03 39.30 1.23
N LEU A 24 17.82 38.85 1.57
CA LEU A 24 17.03 39.52 2.60
C LEU A 24 17.70 39.49 3.98
N LEU A 25 18.34 38.38 4.30
CA LEU A 25 19.05 38.23 5.57
C LEU A 25 20.20 39.24 5.71
N LYS A 26 20.87 39.54 4.60
CA LYS A 26 21.89 40.59 4.56
C LYS A 26 21.33 41.94 5.02
N ASP A 27 20.07 42.23 4.73
CA ASP A 27 19.37 43.42 5.26
C ASP A 27 18.57 43.17 6.55
N ARG A 28 18.93 42.14 7.30
CA ARG A 28 18.38 41.83 8.63
C ARG A 28 16.90 41.46 8.62
N ILE A 29 16.44 40.88 7.51
CA ILE A 29 15.08 40.37 7.37
C ILE A 29 15.15 38.83 7.46
N ILE A 30 14.40 38.27 8.42
CA ILE A 30 14.28 36.83 8.61
C ILE A 30 12.86 36.45 8.19
N MET A 31 12.73 35.40 7.38
CA MET A 31 11.43 34.94 6.88
C MET A 31 11.00 33.69 7.65
N LEU A 32 9.92 33.82 8.43
CA LEU A 32 9.27 32.66 9.03
C LEU A 32 8.02 32.43 8.19
N GLY A 33 8.17 31.62 7.16
CA GLY A 33 7.16 31.45 6.13
C GLY A 33 6.61 30.04 5.99
N SER A 34 6.67 29.26 7.05
CA SER A 34 6.23 27.88 7.01
C SER A 34 5.74 27.44 8.38
N GLN A 35 5.29 26.19 8.43
CA GLN A 35 4.99 25.52 9.67
C GLN A 35 6.23 25.53 10.58
N ILE A 36 6.02 25.76 11.86
CA ILE A 36 7.11 25.84 12.81
C ILE A 36 7.43 24.43 13.34
N ASP A 37 8.57 23.90 12.94
CA ASP A 37 9.08 22.67 13.52
C ASP A 37 10.51 22.94 14.01
N ASP A 38 11.17 21.92 14.53
CA ASP A 38 12.51 22.08 15.08
C ASP A 38 13.53 22.61 14.08
N ASN A 39 13.48 22.16 12.84
CA ASN A 39 14.38 22.65 11.78
C ASN A 39 14.22 24.13 11.51
N VAL A 40 12.98 24.56 11.39
CA VAL A 40 12.69 25.96 11.18
C VAL A 40 13.17 26.78 12.38
N ALA A 41 12.89 26.31 13.59
CA ALA A 41 13.33 27.03 14.79
C ALA A 41 14.86 27.13 14.86
N ASN A 42 15.56 26.04 14.58
CA ASN A 42 17.02 26.05 14.58
C ASN A 42 17.59 27.05 13.60
N SER A 43 16.98 27.11 12.41
CA SER A 43 17.42 28.05 11.41
C SER A 43 17.17 29.49 11.84
N ILE A 44 16.00 29.77 12.38
CA ILE A 44 15.66 31.12 12.81
C ILE A 44 16.50 31.54 14.02
N VAL A 45 16.69 30.64 14.97
CA VAL A 45 17.58 30.90 16.10
C VAL A 45 18.99 31.27 15.60
N SER A 46 19.52 30.48 14.66
CA SER A 46 20.84 30.73 14.11
C SER A 46 20.93 32.09 13.42
N GLN A 47 19.90 32.44 12.66
CA GLN A 47 19.86 33.74 11.99
C GLN A 47 19.82 34.89 13.00
N LEU A 48 19.06 34.74 14.07
CA LEU A 48 19.00 35.76 15.11
C LEU A 48 20.35 35.96 15.79
N LEU A 49 21.04 34.86 16.10
CA LEU A 49 22.36 34.93 16.72
C LEU A 49 23.38 35.54 15.78
N PHE A 50 23.32 35.17 14.50
CA PHE A 50 24.19 35.75 13.50
C PHE A 50 23.98 37.26 13.39
N LEU A 51 22.72 37.68 13.29
CA LEU A 51 22.41 39.09 13.13
C LEU A 51 22.82 39.93 14.35
N GLN A 52 22.61 39.41 15.57
CA GLN A 52 23.08 40.10 16.76
C GLN A 52 24.59 40.28 16.75
N ALA A 53 25.33 39.25 16.34
CA ALA A 53 26.80 39.33 16.27
C ALA A 53 27.27 40.31 15.19
N GLN A 54 26.56 40.39 14.06
CA GLN A 54 26.87 41.36 13.02
C GLN A 54 26.66 42.78 13.51
N ASP A 55 25.56 43.03 14.21
CA ASP A 55 25.24 44.35 14.74
C ASP A 55 24.26 44.22 15.89
N SER A 56 24.72 44.49 17.10
CA SER A 56 23.90 44.32 18.30
C SER A 56 22.86 45.43 18.53
N GLU A 57 22.91 46.50 17.73
CA GLU A 57 22.04 47.66 17.93
C GLU A 57 20.97 47.81 16.86
N LYS A 58 21.22 47.39 15.63
CA LYS A 58 20.27 47.55 14.54
C LYS A 58 19.09 46.59 14.68
N ASP A 59 17.90 47.09 14.38
CA ASP A 59 16.69 46.30 14.42
C ASP A 59 16.79 45.09 13.47
N ILE A 60 16.07 44.03 13.84
CA ILE A 60 15.87 42.86 13.02
C ILE A 60 14.38 42.85 12.62
N TYR A 61 14.11 42.35 11.41
CA TYR A 61 12.75 42.30 10.87
C TYR A 61 12.33 40.84 10.66
N LEU A 62 11.34 40.40 11.44
CA LEU A 62 10.81 39.03 11.34
C LEU A 62 9.46 39.03 10.63
N TYR A 63 9.48 38.49 9.41
CA TYR A 63 8.27 38.29 8.60
C TYR A 63 7.60 37.00 9.04
N ILE A 64 6.29 37.06 9.27
CA ILE A 64 5.55 35.89 9.73
C ILE A 64 4.39 35.63 8.78
N ASN A 65 4.48 34.50 8.08
CA ASN A 65 3.37 33.91 7.33
C ASN A 65 3.39 32.42 7.67
N SER A 66 2.68 32.04 8.72
CA SER A 66 2.84 30.73 9.31
C SER A 66 1.54 30.24 9.95
N PRO A 67 1.19 28.95 9.71
CA PRO A 67 0.05 28.33 10.39
C PRO A 67 0.37 27.88 11.82
N GLY A 68 1.59 28.09 12.30
CA GLY A 68 1.98 27.67 13.63
C GLY A 68 2.73 26.34 13.54
N GLY A 69 2.66 25.57 14.61
CA GLY A 69 3.34 24.29 14.70
C GLY A 69 3.78 23.99 16.12
N SER A 70 4.95 23.40 16.26
CA SER A 70 5.44 22.94 17.56
C SER A 70 5.59 24.06 18.57
N VAL A 71 5.03 23.85 19.76
CA VAL A 71 5.10 24.83 20.83
C VAL A 71 6.55 25.01 21.34
N THR A 72 7.28 23.91 21.52
CA THR A 72 8.65 24.02 22.02
C THR A 72 9.55 24.69 20.98
N ALA A 73 9.35 24.38 19.69
CA ALA A 73 10.06 25.07 18.63
C ALA A 73 9.73 26.56 18.62
N GLY A 74 8.47 26.90 18.80
CA GLY A 74 8.04 28.28 18.91
C GLY A 74 8.72 28.99 20.07
N PHE A 75 8.84 28.30 21.21
CA PHE A 75 9.52 28.87 22.36
C PHE A 75 11.03 29.02 22.19
N ALA A 76 11.65 28.18 21.38
CA ALA A 76 13.04 28.38 21.00
C ALA A 76 13.21 29.75 20.34
N ILE A 77 12.31 30.07 19.42
CA ILE A 77 12.36 31.35 18.72
C ILE A 77 12.02 32.49 19.69
N TYR A 78 10.94 32.33 20.44
CA TYR A 78 10.50 33.33 21.40
C TYR A 78 11.62 33.72 22.36
N ASP A 79 12.21 32.74 23.02
CA ASP A 79 13.25 33.01 24.01
C ASP A 79 14.50 33.62 23.38
N THR A 80 14.83 33.23 22.15
CA THR A 80 15.98 33.80 21.47
C THR A 80 15.72 35.26 21.14
N ILE A 81 14.51 35.58 20.68
CA ILE A 81 14.12 36.98 20.45
C ILE A 81 14.32 37.80 21.72
N GLN A 82 13.82 37.33 22.85
CA GLN A 82 13.95 38.10 24.09
C GLN A 82 15.39 38.17 24.60
N HIS A 83 16.18 37.13 24.32
CA HIS A 83 17.55 37.06 24.80
C HIS A 83 18.50 38.05 24.13
N ILE A 84 18.36 38.24 22.82
CA ILE A 84 19.29 39.08 22.08
C ILE A 84 19.04 40.57 22.33
N LYS A 85 20.06 41.38 22.05
CA LYS A 85 20.00 42.82 22.29
C LYS A 85 19.16 43.59 21.26
N PRO A 86 19.31 43.31 19.96
CA PRO A 86 18.50 44.05 19.00
C PRO A 86 16.99 43.87 19.19
N ASP A 87 16.24 44.91 18.93
CA ASP A 87 14.79 44.84 18.81
C ASP A 87 14.43 43.98 17.61
N VAL A 88 13.45 43.08 17.79
CA VAL A 88 12.94 42.29 16.69
C VAL A 88 11.55 42.79 16.35
N GLN A 89 11.44 43.44 15.20
CA GLN A 89 10.16 43.88 14.69
C GLN A 89 9.47 42.67 14.07
N THR A 90 8.14 42.61 14.19
CA THR A 90 7.37 41.51 13.59
C THR A 90 6.32 42.07 12.67
N ILE A 91 6.08 41.35 11.57
CA ILE A 91 5.00 41.70 10.67
C ILE A 91 4.25 40.45 10.25
N CYS A 92 2.93 40.52 10.29
CA CYS A 92 2.11 39.47 9.74
C CYS A 92 1.70 39.81 8.34
N ILE A 93 2.10 38.96 7.41
CA ILE A 93 1.72 39.06 6.01
C ILE A 93 1.12 37.68 5.67
N GLY A 94 -0.11 37.68 5.17
CA GLY A 94 -0.82 36.45 4.88
C GLY A 94 -1.59 35.94 6.10
N MET A 95 -0.92 35.15 6.92
CA MET A 95 -1.54 34.53 8.10
C MET A 95 -0.52 34.34 9.21
N ALA A 96 -0.95 34.57 10.45
CA ALA A 96 -0.21 34.11 11.62
C ALA A 96 -1.23 33.38 12.48
N ALA A 97 -1.08 32.06 12.59
CA ALA A 97 -1.99 31.25 13.37
C ALA A 97 -1.22 30.53 14.47
N SER A 98 -1.87 30.37 15.62
CA SER A 98 -1.37 29.54 16.70
C SER A 98 0.01 30.06 17.17
N MET A 99 1.06 29.22 17.19
CA MET A 99 2.37 29.71 17.58
C MET A 99 2.90 30.85 16.69
N GLY A 100 2.41 30.94 15.45
CA GLY A 100 2.73 32.05 14.58
C GLY A 100 2.23 33.37 15.13
N SER A 101 1.00 33.38 15.63
CA SER A 101 0.42 34.59 16.22
C SER A 101 1.07 34.91 17.57
N PHE A 102 1.51 33.87 18.29
CA PHE A 102 2.24 34.06 19.54
C PHE A 102 3.57 34.77 19.26
N LEU A 103 4.27 34.35 18.21
CA LEU A 103 5.53 35.00 17.82
C LEU A 103 5.31 36.42 17.29
N LEU A 104 4.23 36.65 16.55
CA LEU A 104 3.86 37.98 16.12
C LEU A 104 3.75 38.94 17.34
N ALA A 105 3.05 38.48 18.37
CA ALA A 105 2.88 39.25 19.60
C ALA A 105 4.17 39.43 20.42
N ALA A 106 5.19 38.62 20.14
CA ALA A 106 6.47 38.64 20.83
C ALA A 106 7.46 39.70 20.33
N GLY A 107 7.13 40.39 19.25
CA GLY A 107 8.00 41.41 18.70
C GLY A 107 8.15 42.57 19.66
N ALA A 108 9.16 43.40 19.42
CA ALA A 108 9.44 44.56 20.28
C ALA A 108 8.21 45.45 20.38
N LYS A 109 7.91 45.91 21.59
CA LYS A 109 6.75 46.77 21.84
C LYS A 109 6.80 48.01 20.96
N GLY A 110 5.69 48.31 20.30
CA GLY A 110 5.63 49.38 19.32
C GLY A 110 6.05 48.99 17.90
N LYS A 111 6.59 47.78 17.71
CA LYS A 111 7.14 47.40 16.42
C LYS A 111 6.56 46.05 15.94
N ARG A 112 5.28 45.83 16.24
CA ARG A 112 4.55 44.65 15.79
C ARG A 112 3.49 45.14 14.82
N PHE A 113 3.52 44.61 13.60
CA PHE A 113 2.69 45.11 12.52
C PHE A 113 1.93 43.98 11.82
N ALA A 114 0.93 44.39 11.04
CA ALA A 114 0.31 43.51 10.06
C ALA A 114 -0.10 44.33 8.86
N LEU A 115 -0.13 43.70 7.70
CA LEU A 115 -0.73 44.34 6.52
C LEU A 115 -2.26 44.14 6.60
N PRO A 116 -3.04 45.00 5.92
CA PRO A 116 -4.47 45.11 6.21
C PRO A 116 -5.32 43.85 6.03
N ASN A 117 -4.95 42.99 5.10
CA ASN A 117 -5.70 41.78 4.79
C ASN A 117 -5.11 40.51 5.41
N ALA A 118 -4.10 40.69 6.25
CA ALA A 118 -3.51 39.57 6.98
C ALA A 118 -4.50 39.02 8.00
N GLU A 119 -4.41 37.72 8.22
CA GLU A 119 -5.30 37.00 9.11
C GLU A 119 -4.50 36.54 10.34
N VAL A 120 -5.04 36.78 11.52
CA VAL A 120 -4.41 36.34 12.76
C VAL A 120 -5.38 35.37 13.42
N MET A 121 -4.90 34.21 13.84
CA MET A 121 -5.76 33.24 14.53
C MET A 121 -5.12 32.81 15.83
N ILE A 122 -5.91 32.81 16.89
CA ILE A 122 -5.45 32.35 18.20
C ILE A 122 -6.34 31.19 18.65
N HIS A 123 -5.73 30.22 19.30
CA HIS A 123 -6.44 29.07 19.86
C HIS A 123 -5.58 28.37 20.91
N GLN A 124 -6.16 27.41 21.60
CA GLN A 124 -5.43 26.66 22.61
C GLN A 124 -4.50 25.62 21.98
N PRO A 125 -3.44 25.21 22.70
CA PRO A 125 -2.53 24.21 22.13
C PRO A 125 -3.18 22.84 21.90
N LEU A 126 -2.64 22.13 20.92
CA LEU A 126 -3.10 20.82 20.51
C LEU A 126 -2.05 19.80 20.89
N GLY A 127 -2.49 18.57 21.16
CA GLY A 127 -1.57 17.50 21.43
C GLY A 127 -2.23 16.14 21.46
N GLY A 128 -1.52 15.20 22.02
CA GLY A 128 -1.92 13.81 22.04
C GLY A 128 -1.25 13.07 23.17
N ALA A 129 -1.83 11.94 23.52
CA ALA A 129 -1.26 11.07 24.54
C ALA A 129 -1.97 9.73 24.41
N GLN A 130 -1.20 8.65 24.46
CA GLN A 130 -1.76 7.32 24.59
C GLN A 130 -0.94 6.50 25.56
N GLY A 131 -1.57 5.51 26.17
CA GLY A 131 -0.88 4.58 27.06
C GLY A 131 -1.68 4.44 28.34
N GLN A 132 -0.95 4.23 29.43
CA GLN A 132 -1.56 3.98 30.72
C GLN A 132 -2.19 5.23 31.27
N ALA A 133 -3.16 5.05 32.17
CA ALA A 133 -3.82 6.19 32.82
C ALA A 133 -2.83 7.22 33.38
N THR A 134 -1.78 6.75 34.10
CA THR A 134 -0.80 7.66 34.69
C THR A 134 0.02 8.41 33.62
N GLU A 135 0.29 7.77 32.47
CA GLU A 135 0.96 8.44 31.36
C GLU A 135 0.05 9.52 30.74
N ILE A 136 -1.24 9.22 30.62
CA ILE A 136 -2.21 10.19 30.10
C ILE A 136 -2.28 11.39 31.05
N GLU A 137 -2.28 11.13 32.36
CA GLU A 137 -2.31 12.17 33.37
C GLU A 137 -1.09 13.10 33.26
N ILE A 138 0.09 12.52 33.10
CA ILE A 138 1.33 13.29 32.95
C ILE A 138 1.25 14.18 31.70
N ALA A 139 0.80 13.61 30.58
CA ALA A 139 0.66 14.37 29.34
C ALA A 139 -0.38 15.49 29.47
N ALA A 140 -1.50 15.21 30.14
CA ALA A 140 -2.53 16.22 30.37
C ALA A 140 -2.01 17.38 31.23
N ASN A 141 -1.34 17.04 32.33
CA ASN A 141 -0.76 18.07 33.21
C ASN A 141 0.25 18.94 32.44
N HIS A 142 1.06 18.30 31.60
CA HIS A 142 2.05 19.02 30.82
C HIS A 142 1.42 20.00 29.83
N ILE A 143 0.41 19.54 29.08
CA ILE A 143 -0.23 20.43 28.10
C ILE A 143 -1.03 21.56 28.78
N LEU A 144 -1.61 21.28 29.95
CA LEU A 144 -2.30 22.32 30.73
C LEU A 144 -1.33 23.38 31.26
N LYS A 145 -0.18 22.95 31.78
CA LYS A 145 0.87 23.90 32.18
C LYS A 145 1.41 24.72 31.00
N THR A 146 1.57 24.07 29.86
CA THR A 146 2.00 24.75 28.65
C THR A 146 0.99 25.82 28.25
N ARG A 147 -0.31 25.51 28.32
CA ARG A 147 -1.34 26.49 28.02
C ARG A 147 -1.30 27.68 28.98
N GLU A 148 -1.13 27.41 30.28
CA GLU A 148 -1.01 28.48 31.26
C GLU A 148 0.19 29.40 30.96
N LYS A 149 1.32 28.80 30.59
CA LYS A 149 2.52 29.55 30.25
C LYS A 149 2.27 30.46 29.02
N LEU A 150 1.67 29.89 27.97
CA LEU A 150 1.34 30.66 26.78
C LEU A 150 0.38 31.82 27.09
N ASN A 151 -0.66 31.54 27.86
CA ASN A 151 -1.66 32.53 28.18
C ASN A 151 -1.12 33.66 29.04
N ARG A 152 -0.28 33.31 30.00
CA ARG A 152 0.37 34.31 30.85
C ARG A 152 1.23 35.26 30.02
N ILE A 153 2.05 34.71 29.11
CA ILE A 153 2.90 35.53 28.26
C ILE A 153 2.04 36.38 27.32
N LEU A 154 1.00 35.79 26.72
CA LEU A 154 0.10 36.55 25.86
C LEU A 154 -0.60 37.71 26.60
N SER A 155 -0.99 37.45 27.84
CA SER A 155 -1.56 38.49 28.71
C SER A 155 -0.57 39.67 28.89
N GLU A 156 0.68 39.36 29.21
CA GLU A 156 1.72 40.38 29.36
C GLU A 156 1.98 41.16 28.07
N ARG A 157 1.92 40.48 26.92
CA ARG A 157 2.23 41.12 25.63
C ARG A 157 1.07 41.91 25.04
N THR A 158 -0.16 41.54 25.37
CA THR A 158 -1.34 42.19 24.82
C THR A 158 -1.97 43.22 25.76
N GLY A 159 -1.74 43.08 27.06
CA GLY A 159 -2.49 43.83 28.07
C GLY A 159 -3.85 43.26 28.43
N GLN A 160 -4.26 42.12 27.84
CA GLN A 160 -5.53 41.49 28.19
C GLN A 160 -5.32 40.62 29.43
N SER A 161 -6.37 40.43 30.21
CA SER A 161 -6.28 39.54 31.36
C SER A 161 -6.13 38.08 30.95
N ILE A 162 -5.54 37.28 31.84
CA ILE A 162 -5.42 35.84 31.63
C ILE A 162 -6.80 35.20 31.43
N GLU A 163 -7.80 35.66 32.18
CA GLU A 163 -9.16 35.10 32.06
C GLU A 163 -9.75 35.37 30.68
N LYS A 164 -9.53 36.56 30.16
CA LYS A 164 -10.00 36.87 28.81
C LYS A 164 -9.25 36.05 27.74
N ILE A 165 -7.94 35.92 27.87
CA ILE A 165 -7.14 35.12 26.93
C ILE A 165 -7.66 33.67 26.91
N GLN A 166 -7.87 33.10 28.09
CA GLN A 166 -8.41 31.73 28.25
C GLN A 166 -9.73 31.55 27.50
N LYS A 167 -10.65 32.46 27.72
CA LYS A 167 -11.95 32.45 27.06
C LYS A 167 -11.81 32.60 25.53
N ASP A 168 -10.98 33.54 25.09
CA ASP A 168 -10.85 33.84 23.67
C ASP A 168 -10.06 32.81 22.86
N THR A 169 -9.32 31.93 23.52
CA THR A 169 -8.56 30.87 22.86
C THR A 169 -9.17 29.48 23.03
N ASP A 170 -10.37 29.41 23.61
CA ASP A 170 -11.04 28.14 23.86
C ASP A 170 -11.28 27.39 22.56
N ARG A 171 -11.69 28.13 21.53
CA ARG A 171 -11.78 27.60 20.18
C ARG A 171 -11.09 28.56 19.22
N ASP A 172 -10.94 28.12 17.97
CA ASP A 172 -10.34 28.91 16.91
C ASP A 172 -11.01 30.28 16.84
N ASN A 173 -10.19 31.32 16.96
CA ASN A 173 -10.64 32.68 16.98
C ASN A 173 -9.84 33.45 15.91
N PHE A 174 -10.50 33.77 14.82
CA PHE A 174 -9.92 34.48 13.69
C PHE A 174 -10.08 35.98 13.88
N LEU A 175 -9.00 36.73 13.73
CA LEU A 175 -9.01 38.18 13.83
C LEU A 175 -8.52 38.80 12.53
N THR A 176 -9.16 39.89 12.13
CA THR A 176 -8.60 40.75 11.09
C THR A 176 -7.38 41.50 11.67
N ALA A 177 -6.58 42.10 10.80
CA ALA A 177 -5.42 42.90 11.25
C ALA A 177 -5.85 43.99 12.23
N GLU A 178 -6.94 44.69 11.91
CA GLU A 178 -7.46 45.75 12.78
C GLU A 178 -7.92 45.20 14.13
N GLU A 179 -8.60 44.06 14.13
CA GLU A 179 -8.99 43.41 15.39
C GLU A 179 -7.77 42.95 16.20
N ALA A 180 -6.73 42.46 15.53
CA ALA A 180 -5.48 42.09 16.22
C ALA A 180 -4.84 43.30 16.91
N LYS A 181 -4.90 44.46 16.26
CA LYS A 181 -4.42 45.70 16.86
C LYS A 181 -5.23 46.08 18.10
N GLU A 182 -6.55 46.07 17.96
CA GLU A 182 -7.45 46.34 19.10
C GLU A 182 -7.23 45.37 20.25
N TYR A 183 -6.95 44.12 19.92
CA TYR A 183 -6.67 43.10 20.92
C TYR A 183 -5.32 43.32 21.64
N GLY A 184 -4.36 43.98 21.01
CA GLY A 184 -3.02 44.17 21.54
C GLY A 184 -1.98 43.14 21.04
N LEU A 185 -2.33 42.34 20.03
CA LEU A 185 -1.39 41.40 19.45
C LEU A 185 -0.36 42.09 18.57
N ILE A 186 -0.78 43.18 17.94
CA ILE A 186 0.10 44.04 17.17
C ILE A 186 -0.14 45.48 17.61
N ASP A 187 0.76 46.35 17.19
CA ASP A 187 0.70 47.78 17.52
C ASP A 187 0.11 48.62 16.39
N GLU A 188 0.29 48.20 15.15
CA GLU A 188 -0.12 49.01 14.02
C GLU A 188 -0.45 48.16 12.79
N VAL A 189 -1.48 48.57 12.07
CA VAL A 189 -1.77 48.08 10.72
C VAL A 189 -1.13 49.05 9.73
N MET A 190 -0.21 48.57 8.89
CA MET A 190 0.38 49.41 7.84
C MET A 190 -0.54 49.52 6.66
N VAL A 191 -1.21 50.66 6.52
CA VAL A 191 -2.15 50.91 5.40
C VAL A 191 -1.31 51.38 4.21
N PRO A 192 -1.69 50.99 2.97
CA PRO A 192 -0.87 51.41 1.84
C PRO A 192 -1.01 52.92 1.52
N GLU A 193 0.10 53.52 1.10
CA GLU A 193 0.18 54.92 0.65
C GLU A 193 -0.23 55.06 -0.81
N LEU B 3 16.53 26.47 1.99
CA LEU B 3 16.12 26.18 3.38
C LEU B 3 17.12 26.77 4.37
N ILE B 4 18.43 26.54 4.17
CA ILE B 4 19.49 27.05 5.07
C ILE B 4 20.15 28.28 4.43
N PRO B 5 20.02 29.46 5.04
CA PRO B 5 20.56 30.66 4.40
C PRO B 5 22.10 30.72 4.42
N THR B 6 22.63 31.48 3.47
CA THR B 6 24.06 31.77 3.35
C THR B 6 24.39 33.19 3.87
N VAL B 7 25.55 33.30 4.52
CA VAL B 7 26.10 34.61 4.93
C VAL B 7 27.47 34.80 4.31
N ILE B 8 27.76 36.03 3.90
CA ILE B 8 29.03 36.34 3.21
C ILE B 8 29.84 37.37 4.05
N GLU B 9 31.05 36.99 4.45
CA GLU B 9 31.92 37.83 5.29
C GLU B 9 33.14 38.23 4.47
N GLU B 15 37.05 36.97 0.60
CA GLU B 15 35.66 36.97 1.07
C GLU B 15 35.08 35.55 1.03
N ARG B 16 34.37 35.16 2.11
CA ARG B 16 33.95 33.76 2.29
C ARG B 16 32.43 33.64 2.30
N ALA B 17 31.91 32.54 1.73
CA ALA B 17 30.49 32.19 1.77
C ALA B 17 30.31 30.96 2.69
N TYR B 18 29.48 31.13 3.72
CA TYR B 18 29.15 30.12 4.71
C TYR B 18 27.64 29.91 4.74
N ASP B 19 27.17 28.67 4.85
CA ASP B 19 25.82 28.43 5.38
C ASP B 19 25.80 28.87 6.88
N ILE B 20 24.62 29.17 7.39
CA ILE B 20 24.50 29.76 8.72
C ILE B 20 25.14 28.88 9.84
N TYR B 21 24.97 27.57 9.73
CA TYR B 21 25.52 26.65 10.74
C TYR B 21 27.04 26.62 10.74
N SER B 22 27.62 26.62 9.55
CA SER B 22 29.08 26.72 9.41
C SER B 22 29.61 28.03 9.94
N ARG B 23 28.85 29.11 9.73
CA ARG B 23 29.24 30.41 10.29
C ARG B 23 29.28 30.36 11.81
N LEU B 24 28.28 29.72 12.43
CA LEU B 24 28.28 29.56 13.88
C LEU B 24 29.43 28.68 14.37
N LEU B 25 29.77 27.65 13.61
CA LEU B 25 30.87 26.76 13.95
C LEU B 25 32.22 27.52 13.99
N LYS B 26 32.40 28.47 13.08
CA LYS B 26 33.57 29.34 13.07
C LYS B 26 33.74 30.07 14.43
N ASP B 27 32.62 30.44 15.08
CA ASP B 27 32.66 31.00 16.44
C ASP B 27 32.48 29.96 17.57
N ARG B 28 32.78 28.70 17.28
CA ARG B 28 32.81 27.63 18.28
C ARG B 28 31.42 27.27 18.86
N ILE B 29 30.38 27.50 18.08
CA ILE B 29 29.02 27.11 18.43
C ILE B 29 28.64 25.87 17.60
N ILE B 30 28.27 24.80 18.30
CA ILE B 30 27.80 23.56 17.69
C ILE B 30 26.31 23.43 17.96
N MET B 31 25.54 23.10 16.91
CA MET B 31 24.08 22.97 17.04
C MET B 31 23.70 21.48 17.08
N LEU B 32 23.17 21.05 18.22
CA LEU B 32 22.49 19.76 18.32
C LEU B 32 21.03 20.04 18.30
N GLY B 33 20.46 20.05 17.11
CA GLY B 33 19.09 20.50 16.87
C GLY B 33 18.16 19.45 16.30
N SER B 34 18.45 18.17 16.54
CA SER B 34 17.62 17.10 16.02
C SER B 34 17.66 15.89 16.91
N GLN B 35 16.91 14.87 16.51
CA GLN B 35 17.00 13.54 17.11
C GLN B 35 18.44 13.06 17.04
N ILE B 36 18.90 12.42 18.11
CA ILE B 36 20.28 11.95 18.20
C ILE B 36 20.34 10.52 17.61
N ASP B 37 20.97 10.40 16.46
CA ASP B 37 21.30 9.09 15.90
C ASP B 37 22.80 9.07 15.61
N ASP B 38 23.30 7.99 15.04
CA ASP B 38 24.72 7.84 14.78
C ASP B 38 25.30 8.94 13.87
N ASN B 39 24.57 9.33 12.82
CA ASN B 39 24.99 10.41 11.92
C ASN B 39 25.18 11.73 12.63
N VAL B 40 24.20 12.09 13.45
CA VAL B 40 24.25 13.31 14.24
C VAL B 40 25.43 13.24 15.21
N ALA B 41 25.61 12.12 15.88
CA ALA B 41 26.73 11.95 16.82
C ALA B 41 28.07 12.09 16.11
N ASN B 42 28.23 11.45 14.96
CA ASN B 42 29.46 11.52 14.20
C ASN B 42 29.80 12.96 13.80
N SER B 43 28.77 13.71 13.39
CA SER B 43 28.96 15.08 13.01
C SER B 43 29.38 15.93 14.22
N ILE B 44 28.70 15.76 15.36
CA ILE B 44 29.02 16.51 16.54
C ILE B 44 30.38 16.16 17.11
N VAL B 45 30.70 14.87 17.13
CA VAL B 45 32.03 14.42 17.55
C VAL B 45 33.10 15.07 16.67
N SER B 46 32.91 15.07 15.35
CA SER B 46 33.86 15.68 14.43
C SER B 46 34.04 17.17 14.68
N GLN B 47 32.93 17.87 14.94
CA GLN B 47 32.99 19.30 15.23
C GLN B 47 33.76 19.57 16.53
N LEU B 48 33.54 18.74 17.55
CA LEU B 48 34.24 18.88 18.81
C LEU B 48 35.75 18.67 18.64
N LEU B 49 36.13 17.65 17.88
CA LEU B 49 37.54 17.37 17.61
C LEU B 49 38.19 18.48 16.80
N PHE B 50 37.47 18.99 15.80
CA PHE B 50 37.96 20.11 15.02
C PHE B 50 38.19 21.34 15.90
N LEU B 51 37.20 21.67 16.74
CA LEU B 51 37.32 22.85 17.58
C LEU B 51 38.45 22.75 18.60
N GLN B 52 38.64 21.58 19.21
CA GLN B 52 39.76 21.36 20.12
C GLN B 52 41.10 21.58 19.40
N ALA B 53 41.23 21.07 18.17
CA ALA B 53 42.44 21.25 17.39
C ALA B 53 42.69 22.71 17.00
N GLN B 54 41.63 23.45 16.70
CA GLN B 54 41.74 24.88 16.41
C GLN B 54 42.22 25.66 17.62
N ASP B 55 41.67 25.34 18.80
CA ASP B 55 42.05 26.00 20.03
C ASP B 55 41.67 25.14 21.22
N SER B 56 42.69 24.59 21.90
CA SER B 56 42.45 23.68 23.01
C SER B 56 42.04 24.36 24.33
N GLU B 57 42.05 25.69 24.38
CA GLU B 57 41.75 26.43 25.61
C GLU B 57 40.43 27.19 25.56
N LYS B 58 39.98 27.64 24.39
CA LYS B 58 38.76 28.43 24.28
C LYS B 58 37.52 27.54 24.45
N ASP B 59 36.53 28.08 25.15
CA ASP B 59 35.27 27.39 25.36
C ASP B 59 34.57 27.04 24.05
N ILE B 60 33.82 25.96 24.09
CA ILE B 60 32.92 25.55 23.02
C ILE B 60 31.49 25.73 23.53
N TYR B 61 30.58 26.07 22.64
CA TYR B 61 29.17 26.31 22.98
C TYR B 61 28.29 25.29 22.25
N LEU B 62 27.67 24.39 23.02
CA LEU B 62 26.77 23.36 22.49
C LEU B 62 25.31 23.74 22.74
N TYR B 63 24.62 24.07 21.67
CA TYR B 63 23.18 24.35 21.65
C TYR B 63 22.42 23.05 21.58
N ILE B 64 21.44 22.89 22.45
CA ILE B 64 20.64 21.65 22.51
C ILE B 64 19.17 21.99 22.37
N ASN B 65 18.60 21.55 21.25
CA ASN B 65 17.16 21.51 21.01
C ASN B 65 16.88 20.14 20.41
N SER B 66 16.63 19.15 21.25
CA SER B 66 16.61 17.76 20.83
C SER B 66 15.64 16.93 21.67
N PRO B 67 14.84 16.06 21.02
CA PRO B 67 13.99 15.11 21.73
C PRO B 67 14.75 13.87 22.24
N GLY B 68 16.06 13.80 22.00
CA GLY B 68 16.85 12.65 22.43
C GLY B 68 17.05 11.69 21.27
N GLY B 69 17.19 10.41 21.58
CA GLY B 69 17.44 9.39 20.57
C GLY B 69 18.35 8.30 21.12
N SER B 70 19.24 7.80 20.28
CA SER B 70 20.08 6.67 20.61
C SER B 70 20.99 6.94 21.79
N VAL B 71 20.98 6.02 22.75
CA VAL B 71 21.82 6.11 23.93
C VAL B 71 23.31 6.02 23.61
N THR B 72 23.68 5.08 22.75
CA THR B 72 25.10 4.90 22.38
C THR B 72 25.60 6.10 21.59
N ALA B 73 24.76 6.64 20.69
CA ALA B 73 25.11 7.86 19.99
C ALA B 73 25.29 9.03 20.97
N GLY B 74 24.40 9.14 21.94
CA GLY B 74 24.51 10.13 22.99
C GLY B 74 25.81 9.98 23.78
N PHE B 75 26.21 8.75 24.07
CA PHE B 75 27.45 8.49 24.76
C PHE B 75 28.69 8.79 23.94
N ALA B 76 28.61 8.67 22.61
CA ALA B 76 29.68 9.11 21.75
C ALA B 76 29.96 10.61 21.98
N ILE B 77 28.88 11.40 22.04
CA ILE B 77 29.00 12.83 22.26
C ILE B 77 29.48 13.10 23.69
N TYR B 78 28.85 12.46 24.66
CA TYR B 78 29.20 12.61 26.07
C TYR B 78 30.70 12.38 26.32
N ASP B 79 31.19 11.23 25.88
CA ASP B 79 32.58 10.88 26.12
C ASP B 79 33.54 11.81 25.38
N THR B 80 33.17 12.27 24.20
CA THR B 80 34.01 13.20 23.47
C THR B 80 34.08 14.55 24.20
N ILE B 81 32.95 15.02 24.72
CA ILE B 81 32.94 16.22 25.56
C ILE B 81 33.93 16.08 26.72
N GLN B 82 33.81 15.01 27.48
CA GLN B 82 34.68 14.79 28.60
C GLN B 82 36.16 14.61 28.21
N HIS B 83 36.43 14.03 27.04
CA HIS B 83 37.77 13.73 26.60
C HIS B 83 38.59 14.98 26.20
N ILE B 84 37.94 15.93 25.53
CA ILE B 84 38.64 17.10 25.01
C ILE B 84 38.99 18.08 26.13
N LYS B 85 39.97 18.93 25.85
CA LYS B 85 40.47 19.91 26.84
C LYS B 85 39.53 21.09 27.04
N PRO B 86 39.01 21.70 25.96
CA PRO B 86 38.12 22.85 26.16
C PRO B 86 36.87 22.51 27.00
N ASP B 87 36.44 23.47 27.81
CA ASP B 87 35.15 23.43 28.45
C ASP B 87 34.06 23.50 27.38
N VAL B 88 33.04 22.65 27.51
CA VAL B 88 31.90 22.68 26.62
C VAL B 88 30.72 23.21 27.42
N GLN B 89 30.31 24.43 27.09
CA GLN B 89 29.14 25.03 27.66
C GLN B 89 27.93 24.43 26.95
N THR B 90 26.83 24.25 27.68
CA THR B 90 25.59 23.72 27.12
C THR B 90 24.47 24.70 27.37
N ILE B 91 23.57 24.81 26.40
CA ILE B 91 22.36 25.58 26.58
C ILE B 91 21.17 24.84 26.01
N CYS B 92 20.09 24.80 26.78
CA CYS B 92 18.83 24.27 26.29
C CYS B 92 17.97 25.42 25.77
N ILE B 93 17.65 25.36 24.49
CA ILE B 93 16.74 26.28 23.86
C ILE B 93 15.67 25.40 23.20
N GLY B 94 14.41 25.65 23.53
CA GLY B 94 13.31 24.83 23.04
C GLY B 94 13.06 23.64 23.96
N MET B 95 13.74 22.54 23.69
CA MET B 95 13.53 21.29 24.45
C MET B 95 14.82 20.50 24.53
N ALA B 96 15.07 19.89 25.67
CA ALA B 96 16.08 18.83 25.80
C ALA B 96 15.38 17.68 26.50
N ALA B 97 15.13 16.59 25.77
CA ALA B 97 14.46 15.42 26.33
C ALA B 97 15.37 14.22 26.24
N SER B 98 15.28 13.35 27.24
CA SER B 98 15.94 12.05 27.23
C SER B 98 17.45 12.22 27.08
N MET B 99 18.10 11.60 26.10
CA MET B 99 19.54 11.80 25.91
C MET B 99 19.93 13.26 25.68
N GLY B 100 19.00 14.08 25.17
CA GLY B 100 19.22 15.51 25.05
C GLY B 100 19.45 16.17 26.39
N SER B 101 18.63 15.81 27.37
CA SER B 101 18.76 16.37 28.72
C SER B 101 20.01 15.80 29.42
N PHE B 102 20.38 14.56 29.10
CA PHE B 102 21.60 13.96 29.61
C PHE B 102 22.83 14.75 29.12
N LEU B 103 22.83 15.11 27.84
CA LEU B 103 23.90 15.91 27.26
C LEU B 103 23.93 17.35 27.79
N LEU B 104 22.76 17.93 28.03
CA LEU B 104 22.66 19.21 28.69
C LEU B 104 23.39 19.21 30.04
N ALA B 105 23.12 18.18 30.84
CA ALA B 105 23.77 17.98 32.15
C ALA B 105 25.26 17.68 32.08
N ALA B 106 25.75 17.28 30.90
CA ALA B 106 27.15 16.92 30.67
C ALA B 106 28.08 18.10 30.42
N GLY B 107 27.53 19.31 30.26
CA GLY B 107 28.34 20.49 30.01
C GLY B 107 29.25 20.79 31.20
N ALA B 108 30.25 21.63 30.97
CA ALA B 108 31.20 22.01 32.03
C ALA B 108 30.47 22.59 33.23
N LYS B 109 30.87 22.17 34.43
CA LYS B 109 30.24 22.64 35.67
C LYS B 109 30.31 24.15 35.76
N GLY B 110 29.19 24.78 36.08
CA GLY B 110 29.02 26.21 36.05
C GLY B 110 28.64 26.80 34.71
N LYS B 111 28.65 26.00 33.63
CA LYS B 111 28.41 26.54 32.28
C LYS B 111 27.32 25.75 31.54
N ARG B 112 26.30 25.33 32.30
CA ARG B 112 25.13 24.67 31.75
C ARG B 112 23.95 25.60 31.95
N PHE B 113 23.29 25.95 30.87
CA PHE B 113 22.26 26.96 30.87
C PHE B 113 20.97 26.50 30.20
N ALA B 114 19.91 27.26 30.44
CA ALA B 114 18.69 27.18 29.65
C ALA B 114 18.08 28.54 29.55
N LEU B 115 17.34 28.78 28.46
CA LEU B 115 16.50 29.97 28.38
C LEU B 115 15.19 29.68 29.14
N PRO B 116 14.48 30.73 29.60
CA PRO B 116 13.43 30.56 30.63
C PRO B 116 12.26 29.64 30.27
N ASN B 117 11.89 29.58 29.00
CA ASN B 117 10.75 28.77 28.54
C ASN B 117 11.15 27.46 27.91
N ALA B 118 12.44 27.12 28.00
CA ALA B 118 12.91 25.82 27.55
C ALA B 118 12.34 24.71 28.43
N GLU B 119 12.13 23.57 27.80
CA GLU B 119 11.53 22.40 28.44
C GLU B 119 12.61 21.33 28.57
N VAL B 120 12.75 20.75 29.75
CA VAL B 120 13.69 19.67 29.99
C VAL B 120 12.86 18.46 30.41
N MET B 121 13.10 17.31 29.78
CA MET B 121 12.38 16.11 30.16
C MET B 121 13.36 14.98 30.44
N ILE B 122 13.15 14.30 31.55
CA ILE B 122 13.97 13.14 31.91
C ILE B 122 13.05 11.94 32.05
N HIS B 123 13.56 10.79 31.62
CA HIS B 123 12.86 9.51 31.74
C HIS B 123 13.84 8.37 31.57
N GLN B 124 13.38 7.15 31.80
CA GLN B 124 14.24 5.98 31.66
C GLN B 124 14.41 5.60 30.19
N PRO B 125 15.50 4.88 29.86
CA PRO B 125 15.71 4.51 28.46
C PRO B 125 14.64 3.59 27.89
N LEU B 126 14.45 3.70 26.58
CA LEU B 126 13.45 2.94 25.84
C LEU B 126 14.19 1.95 24.94
N GLY B 127 13.55 0.82 24.68
CA GLY B 127 14.10 -0.14 23.75
C GLY B 127 13.11 -1.23 23.40
N GLY B 128 13.66 -2.30 22.86
CA GLY B 128 12.86 -3.41 22.38
C GLY B 128 13.71 -4.66 22.30
N ALA B 129 13.02 -5.79 22.23
CA ALA B 129 13.65 -7.08 22.06
C ALA B 129 12.54 -8.04 21.64
N GLN B 130 12.83 -8.88 20.66
CA GLN B 130 11.98 -10.00 20.32
C GLN B 130 12.85 -11.20 20.01
N GLY B 131 12.29 -12.40 20.21
CA GLY B 131 12.99 -13.64 19.94
C GLY B 131 12.85 -14.56 21.12
N GLN B 132 13.86 -15.39 21.30
CA GLN B 132 13.83 -16.44 22.32
C GLN B 132 13.95 -15.85 23.70
N ALA B 133 13.47 -16.58 24.70
CA ALA B 133 13.55 -16.15 26.08
C ALA B 133 14.96 -15.66 26.49
N THR B 134 15.99 -16.42 26.16
CA THR B 134 17.37 -16.06 26.50
C THR B 134 17.84 -14.78 25.78
N GLU B 135 17.38 -14.56 24.55
CA GLU B 135 17.66 -13.31 23.83
C GLU B 135 16.98 -12.12 24.51
N ILE B 136 15.74 -12.30 24.95
CA ILE B 136 15.00 -11.26 25.66
C ILE B 136 15.73 -10.93 26.97
N GLU B 137 16.20 -11.96 27.68
CA GLU B 137 16.95 -11.79 28.91
C GLU B 137 18.23 -10.96 28.70
N ILE B 138 18.98 -11.27 27.65
CA ILE B 138 20.20 -10.53 27.31
C ILE B 138 19.88 -9.07 27.03
N ALA B 139 18.84 -8.82 26.24
CA ALA B 139 18.41 -7.44 25.94
C ALA B 139 17.95 -6.69 27.19
N ALA B 140 17.21 -7.37 28.07
CA ALA B 140 16.76 -6.78 29.32
C ALA B 140 17.93 -6.42 30.23
N ASN B 141 18.87 -7.34 30.40
CA ASN B 141 20.07 -7.09 31.21
C ASN B 141 20.86 -5.91 30.67
N HIS B 142 20.97 -5.83 29.34
CA HIS B 142 21.70 -4.76 28.70
C HIS B 142 21.05 -3.40 28.95
N ILE B 143 19.74 -3.29 28.76
CA ILE B 143 19.06 -2.02 28.97
C ILE B 143 19.04 -1.61 30.46
N LEU B 144 18.96 -2.58 31.35
CA LEU B 144 19.05 -2.31 32.79
C LEU B 144 20.43 -1.80 33.21
N LYS B 145 21.49 -2.42 32.68
CA LYS B 145 22.86 -1.92 32.89
C LYS B 145 23.08 -0.52 32.30
N THR B 146 22.50 -0.28 31.13
CA THR B 146 22.56 1.03 30.51
C THR B 146 21.87 2.07 31.38
N ARG B 147 20.72 1.74 31.95
CA ARG B 147 20.03 2.64 32.86
C ARG B 147 20.86 2.94 34.11
N GLU B 148 21.48 1.93 34.69
CA GLU B 148 22.37 2.12 35.84
C GLU B 148 23.54 3.07 35.51
N LYS B 149 24.13 2.89 34.34
CA LYS B 149 25.22 3.75 33.87
C LYS B 149 24.76 5.20 33.74
N LEU B 150 23.61 5.41 33.09
CA LEU B 150 23.03 6.74 32.93
C LEU B 150 22.73 7.39 34.27
N ASN B 151 22.12 6.64 35.18
CA ASN B 151 21.72 7.17 36.48
C ASN B 151 22.92 7.53 37.34
N ARG B 152 23.95 6.68 37.30
CA ARG B 152 25.17 6.95 38.05
C ARG B 152 25.82 8.27 37.56
N ILE B 153 25.93 8.43 36.25
CA ILE B 153 26.52 9.65 35.70
C ILE B 153 25.64 10.86 36.03
N LEU B 154 24.33 10.73 35.89
CA LEU B 154 23.41 11.81 36.22
C LEU B 154 23.52 12.23 37.70
N SER B 155 23.66 11.23 38.58
CA SER B 155 23.88 11.49 39.99
C SER B 155 25.15 12.34 40.23
N GLU B 156 26.25 11.95 39.60
CA GLU B 156 27.50 12.71 39.68
C GLU B 156 27.38 14.12 39.12
N ARG B 157 26.64 14.30 38.05
CA ARG B 157 26.48 15.60 37.43
C ARG B 157 25.47 16.55 38.07
N THR B 158 24.49 16.01 38.74
CA THR B 158 23.44 16.81 39.38
C THR B 158 23.64 16.99 40.88
N GLY B 159 24.37 16.08 41.52
CA GLY B 159 24.39 16.02 42.98
C GLY B 159 23.22 15.27 43.63
N GLN B 160 22.28 14.73 42.83
CA GLN B 160 21.18 13.96 43.38
C GLN B 160 21.64 12.52 43.59
N SER B 161 21.03 11.83 44.56
CA SER B 161 21.35 10.43 44.77
C SER B 161 20.83 9.56 43.61
N ILE B 162 21.47 8.41 43.42
CA ILE B 162 21.04 7.42 42.45
C ILE B 162 19.59 6.98 42.71
N GLU B 163 19.21 6.83 43.98
CA GLU B 163 17.85 6.41 44.33
C GLU B 163 16.82 7.47 43.90
N LYS B 164 17.15 8.73 44.11
CA LYS B 164 16.25 9.80 43.67
C LYS B 164 16.15 9.86 42.13
N ILE B 165 17.28 9.73 41.43
CA ILE B 165 17.29 9.73 39.95
C ILE B 165 16.38 8.60 39.43
N GLN B 166 16.55 7.40 40.00
CA GLN B 166 15.74 6.22 39.64
C GLN B 166 14.24 6.49 39.76
N LYS B 167 13.85 7.03 40.90
CA LYS B 167 12.46 7.38 41.16
C LYS B 167 11.94 8.45 40.20
N ASP B 168 12.74 9.50 39.98
CA ASP B 168 12.30 10.64 39.17
C ASP B 168 12.29 10.39 37.65
N THR B 169 12.95 9.31 37.21
CA THR B 169 12.97 8.95 35.80
C THR B 169 12.09 7.73 35.47
N ASP B 170 11.31 7.26 36.44
CA ASP B 170 10.47 6.08 36.26
C ASP B 170 9.46 6.30 35.15
N ARG B 171 8.89 7.51 35.11
CA ARG B 171 8.05 7.94 33.99
C ARG B 171 8.51 9.30 33.52
N ASP B 172 7.94 9.73 32.39
CA ASP B 172 8.22 11.04 31.82
C ASP B 172 8.05 12.12 32.87
N ASN B 173 9.10 12.90 33.06
CA ASN B 173 9.15 13.94 34.07
C ASN B 173 9.58 15.22 33.36
N PHE B 174 8.63 16.13 33.18
CA PHE B 174 8.85 17.41 32.50
C PHE B 174 9.25 18.45 33.53
N LEU B 175 10.35 19.17 33.26
CA LEU B 175 10.82 20.22 34.13
C LEU B 175 10.85 21.53 33.37
N THR B 176 10.50 22.61 34.05
CA THR B 176 10.79 23.96 33.56
C THR B 176 12.32 24.19 33.67
N ALA B 177 12.80 25.25 33.01
CA ALA B 177 14.22 25.62 33.12
C ALA B 177 14.62 25.84 34.58
N GLU B 178 13.78 26.53 35.35
CA GLU B 178 14.04 26.79 36.75
C GLU B 178 14.08 25.50 37.57
N GLU B 179 13.15 24.59 37.31
CA GLU B 179 13.17 23.27 37.97
C GLU B 179 14.41 22.46 37.59
N ALA B 180 14.84 22.55 36.34
CA ALA B 180 16.08 21.88 35.93
C ALA B 180 17.31 22.42 36.70
N LYS B 181 17.33 23.72 36.94
CA LYS B 181 18.37 24.34 37.76
C LYS B 181 18.34 23.82 39.19
N GLU B 182 17.16 23.84 39.80
CA GLU B 182 16.98 23.31 41.16
C GLU B 182 17.38 21.84 41.26
N TYR B 183 17.10 21.08 40.21
CA TYR B 183 17.48 19.68 40.15
C TYR B 183 19.00 19.46 40.02
N GLY B 184 19.72 20.43 39.47
CA GLY B 184 21.16 20.30 39.21
C GLY B 184 21.51 19.87 37.79
N LEU B 185 20.54 19.86 36.88
CA LEU B 185 20.79 19.52 35.47
C LEU B 185 21.48 20.68 34.74
N ILE B 186 21.17 21.89 35.15
CA ILE B 186 21.81 23.10 34.68
C ILE B 186 22.24 23.94 35.88
N ASP B 187 23.06 24.92 35.60
CA ASP B 187 23.59 25.84 36.62
C ASP B 187 22.85 27.15 36.66
N GLU B 188 22.33 27.62 35.53
CA GLU B 188 21.73 28.95 35.45
C GLU B 188 20.67 29.04 34.37
N VAL B 189 19.60 29.76 34.67
CA VAL B 189 18.62 30.21 33.70
C VAL B 189 19.02 31.62 33.26
N MET B 190 19.27 31.82 31.96
CA MET B 190 19.56 33.16 31.43
C MET B 190 18.29 33.95 31.25
N VAL B 191 17.99 34.87 32.15
CA VAL B 191 16.78 35.70 32.09
C VAL B 191 17.07 36.88 31.16
N PRO B 192 16.08 37.33 30.37
CA PRO B 192 16.41 38.39 29.39
C PRO B 192 16.62 39.75 30.06
N GLU B 193 17.57 40.52 29.53
CA GLU B 193 17.83 41.92 29.92
C GLU B 193 16.88 42.89 29.18
N LEU C 3 23.30 19.74 6.56
CA LEU C 3 23.52 18.68 7.55
C LEU C 3 24.98 18.64 7.98
N ILE C 4 25.93 18.63 7.03
CA ILE C 4 27.37 18.53 7.32
C ILE C 4 28.02 19.92 7.18
N PRO C 5 28.54 20.47 8.29
CA PRO C 5 29.08 21.83 8.20
C PRO C 5 30.41 21.93 7.41
N THR C 6 30.67 23.12 6.92
CA THR C 6 31.88 23.49 6.20
C THR C 6 32.83 24.31 7.09
N VAL C 7 34.13 24.08 6.91
CA VAL C 7 35.19 24.89 7.53
C VAL C 7 36.10 25.47 6.46
N ILE C 8 36.57 26.70 6.66
CA ILE C 8 37.45 27.36 5.68
C ILE C 8 38.83 27.67 6.33
N GLU C 9 39.89 27.13 5.72
CA GLU C 9 41.26 27.28 6.22
C GLU C 9 42.06 28.15 5.24
N GLU C 15 41.70 29.94 2.42
CA GLU C 15 41.91 29.56 1.02
C GLU C 15 41.08 28.35 0.57
N ARG C 16 40.96 27.32 1.41
CA ARG C 16 40.30 26.05 1.03
C ARG C 16 39.03 25.83 1.84
N ALA C 17 38.01 25.27 1.18
CA ALA C 17 36.71 24.95 1.79
C ALA C 17 36.55 23.44 1.88
N TYR C 18 36.35 22.94 3.10
CA TYR C 18 36.24 21.52 3.43
C TYR C 18 34.93 21.30 4.17
N ASP C 19 34.21 20.21 3.86
CA ASP C 19 33.25 19.66 4.83
C ASP C 19 34.03 19.13 6.04
N ILE C 20 33.36 19.00 7.19
CA ILE C 20 34.04 18.66 8.44
C ILE C 20 34.83 17.33 8.37
N TYR C 21 34.27 16.33 7.69
CA TYR C 21 34.93 15.02 7.58
C TYR C 21 36.19 15.08 6.74
N SER C 22 36.15 15.83 5.65
CA SER C 22 37.35 16.09 4.83
C SER C 22 38.40 16.84 5.58
N ARG C 23 37.99 17.77 6.42
CA ARG C 23 38.93 18.50 7.28
C ARG C 23 39.64 17.54 8.22
N LEU C 24 38.90 16.62 8.83
CA LEU C 24 39.51 15.62 9.71
C LEU C 24 40.45 14.69 8.93
N LEU C 25 40.08 14.34 7.70
CA LEU C 25 40.92 13.48 6.86
C LEU C 25 42.27 14.14 6.55
N LYS C 26 42.30 15.44 6.38
CA LYS C 26 43.54 16.20 6.21
C LYS C 26 44.50 15.96 7.41
N ASP C 27 43.97 15.79 8.62
CA ASP C 27 44.77 15.40 9.79
C ASP C 27 44.81 13.88 10.06
N ARG C 28 44.56 13.08 9.03
CA ARG C 28 44.69 11.63 9.07
C ARG C 28 43.70 10.90 9.99
N ILE C 29 42.53 11.52 10.18
CA ILE C 29 41.43 10.92 10.93
C ILE C 29 40.35 10.45 9.94
N ILE C 30 40.03 9.16 10.00
CA ILE C 30 38.97 8.55 9.20
C ILE C 30 37.82 8.21 10.14
N MET C 31 36.59 8.58 9.74
CA MET C 31 35.39 8.33 10.56
C MET C 31 34.60 7.16 9.98
N LEU C 32 34.55 6.05 10.74
CA LEU C 32 33.64 4.95 10.43
C LEU C 32 32.49 5.08 11.40
N GLY C 33 31.46 5.80 10.98
CA GLY C 33 30.37 6.20 11.84
C GLY C 33 28.99 5.70 11.43
N SER C 34 28.95 4.60 10.71
CA SER C 34 27.68 4.06 10.23
C SER C 34 27.76 2.55 10.10
N GLN C 35 26.64 1.98 9.67
CA GLN C 35 26.58 0.59 9.26
C GLN C 35 27.61 0.34 8.16
N ILE C 36 28.27 -0.81 8.22
CA ILE C 36 29.29 -1.15 7.25
C ILE C 36 28.66 -1.86 6.06
N ASP C 37 28.60 -1.19 4.92
CA ASP C 37 28.21 -1.81 3.67
C ASP C 37 29.31 -1.55 2.65
N ASP C 38 29.12 -2.00 1.42
CA ASP C 38 30.14 -1.87 0.39
C ASP C 38 30.55 -0.41 0.12
N ASN C 39 29.58 0.52 0.10
CA ASN C 39 29.89 1.94 -0.10
C ASN C 39 30.79 2.51 0.97
N VAL C 40 30.47 2.21 2.23
CA VAL C 40 31.26 2.64 3.35
C VAL C 40 32.66 2.04 3.26
N ALA C 41 32.76 0.76 2.96
CA ALA C 41 34.06 0.10 2.82
C ALA C 41 34.90 0.72 1.70
N ASN C 42 34.29 0.96 0.56
CA ASN C 42 35.00 1.57 -0.56
C ASN C 42 35.55 2.94 -0.21
N SER C 43 34.76 3.73 0.52
CA SER C 43 35.18 5.04 0.94
C SER C 43 36.35 4.95 1.93
N ILE C 44 36.24 4.06 2.91
CA ILE C 44 37.30 3.91 3.90
C ILE C 44 38.58 3.34 3.29
N VAL C 45 38.44 2.36 2.41
CA VAL C 45 39.59 1.83 1.68
C VAL C 45 40.30 2.96 0.90
N SER C 46 39.52 3.77 0.19
CA SER C 46 40.07 4.89 -0.56
C SER C 46 40.81 5.89 0.32
N GLN C 47 40.23 6.21 1.48
CA GLN C 47 40.86 7.12 2.42
C GLN C 47 42.18 6.55 2.95
N LEU C 48 42.21 5.26 3.25
CA LEU C 48 43.42 4.62 3.72
C LEU C 48 44.54 4.67 2.66
N LEU C 49 44.19 4.39 1.41
CA LEU C 49 45.14 4.44 0.32
C LEU C 49 45.65 5.85 0.07
N PHE C 50 44.75 6.82 0.14
CA PHE C 50 45.13 8.22 0.01
C PHE C 50 46.10 8.64 1.12
N LEU C 51 45.79 8.29 2.36
CA LEU C 51 46.63 8.66 3.48
C LEU C 51 48.02 8.03 3.43
N GLN C 52 48.09 6.75 3.05
CA GLN C 52 49.38 6.09 2.87
C GLN C 52 50.23 6.80 1.81
N ALA C 53 49.61 7.20 0.70
CA ALA C 53 50.31 7.92 -0.36
C ALA C 53 50.78 9.32 0.08
N GLN C 54 49.99 10.00 0.91
CA GLN C 54 50.38 11.30 1.46
C GLN C 54 51.59 11.15 2.39
N ASP C 55 51.58 10.12 3.23
CA ASP C 55 52.67 9.88 4.17
C ASP C 55 52.64 8.42 4.63
N SER C 56 53.61 7.64 4.20
CA SER C 56 53.63 6.21 4.51
C SER C 56 54.09 5.87 5.94
N GLU C 57 54.55 6.85 6.70
CA GLU C 57 55.09 6.63 8.05
C GLU C 57 54.21 7.15 9.17
N LYS C 58 53.44 8.21 8.94
CA LYS C 58 52.62 8.81 9.98
C LYS C 58 51.39 7.93 10.28
N ASP C 59 51.06 7.82 11.55
CA ASP C 59 49.89 7.10 12.01
C ASP C 59 48.60 7.64 11.38
N ILE C 60 47.63 6.73 11.24
CA ILE C 60 46.28 7.05 10.83
C ILE C 60 45.37 6.77 12.04
N TYR C 61 44.31 7.55 12.17
CA TYR C 61 43.38 7.44 13.29
C TYR C 61 41.99 7.06 12.77
N LEU C 62 41.54 5.86 13.11
CA LEU C 62 40.22 5.35 12.69
C LEU C 62 39.24 5.38 13.86
N TYR C 63 38.28 6.28 13.75
CA TYR C 63 37.16 6.42 14.70
C TYR C 63 36.09 5.40 14.35
N ILE C 64 35.61 4.65 15.35
CA ILE C 64 34.60 3.63 15.13
C ILE C 64 33.42 3.87 16.04
N ASN C 65 32.28 4.21 15.41
CA ASN C 65 30.97 4.22 16.04
C ASN C 65 30.03 3.53 15.04
N SER C 66 29.91 2.21 15.18
CA SER C 66 29.27 1.41 14.15
C SER C 66 28.56 0.19 14.75
N PRO C 67 27.32 -0.09 14.28
CA PRO C 67 26.64 -1.34 14.66
C PRO C 67 27.11 -2.57 13.88
N GLY C 68 28.07 -2.41 12.97
CA GLY C 68 28.55 -3.51 12.17
C GLY C 68 27.92 -3.49 10.81
N GLY C 69 27.82 -4.66 10.19
CA GLY C 69 27.22 -4.80 8.86
C GLY C 69 27.88 -5.92 8.09
N SER C 70 28.07 -5.71 6.80
CA SER C 70 28.56 -6.75 5.89
C SER C 70 29.95 -7.25 6.30
N VAL C 71 30.08 -8.56 6.37
CA VAL C 71 31.35 -9.20 6.70
C VAL C 71 32.41 -8.97 5.62
N THR C 72 32.03 -9.13 4.35
CA THR C 72 32.98 -8.95 3.26
C THR C 72 33.42 -7.48 3.15
N ALA C 73 32.48 -6.55 3.36
CA ALA C 73 32.83 -5.14 3.41
C ALA C 73 33.80 -4.86 4.58
N GLY C 74 33.54 -5.46 5.72
CA GLY C 74 34.43 -5.34 6.86
C GLY C 74 35.82 -5.89 6.56
N PHE C 75 35.89 -7.00 5.83
CA PHE C 75 37.16 -7.56 5.44
C PHE C 75 37.92 -6.73 4.40
N ALA C 76 37.20 -5.99 3.55
CA ALA C 76 37.84 -5.02 2.68
C ALA C 76 38.64 -4.00 3.51
N ILE C 77 38.03 -3.51 4.58
CA ILE C 77 38.66 -2.54 5.45
C ILE C 77 39.81 -3.20 6.21
N TYR C 78 39.52 -4.36 6.81
CA TYR C 78 40.51 -5.09 7.57
C TYR C 78 41.80 -5.35 6.78
N ASP C 79 41.66 -5.93 5.59
CA ASP C 79 42.81 -6.26 4.78
C ASP C 79 43.57 -5.02 4.31
N THR C 80 42.86 -3.93 4.03
CA THR C 80 43.51 -2.70 3.62
C THR C 80 44.32 -2.12 4.78
N ILE C 81 43.77 -2.15 5.99
CA ILE C 81 44.52 -1.74 7.18
C ILE C 81 45.83 -2.53 7.29
N GLN C 82 45.76 -3.85 7.18
CA GLN C 82 46.98 -4.66 7.32
C GLN C 82 47.95 -4.46 6.14
N HIS C 83 47.42 -4.17 4.96
CA HIS C 83 48.24 -4.02 3.77
C HIS C 83 49.12 -2.76 3.77
N ILE C 84 48.58 -1.65 4.24
CA ILE C 84 49.30 -0.39 4.18
C ILE C 84 50.41 -0.30 5.24
N LYS C 85 51.37 0.58 5.00
CA LYS C 85 52.53 0.73 5.88
C LYS C 85 52.21 1.46 7.20
N PRO C 86 51.48 2.59 7.15
CA PRO C 86 51.20 3.28 8.39
C PRO C 86 50.43 2.44 9.41
N ASP C 87 50.73 2.63 10.69
CA ASP C 87 49.92 2.08 11.77
C ASP C 87 48.56 2.76 11.75
N VAL C 88 47.50 1.97 11.93
CA VAL C 88 46.15 2.49 12.05
C VAL C 88 45.71 2.32 13.48
N GLN C 89 45.60 3.44 14.18
CA GLN C 89 45.07 3.45 15.53
C GLN C 89 43.54 3.38 15.43
N THR C 90 42.91 2.70 16.37
CA THR C 90 41.45 2.60 16.41
C THR C 90 40.94 3.09 17.73
N ILE C 91 39.80 3.76 17.70
CA ILE C 91 39.11 4.17 18.91
C ILE C 91 37.62 3.88 18.78
N CYS C 92 37.05 3.30 19.85
CA CYS C 92 35.63 3.12 19.95
C CYS C 92 35.04 4.27 20.73
N ILE C 93 34.15 4.99 20.08
CA ILE C 93 33.38 6.07 20.70
C ILE C 93 31.92 5.73 20.39
N GLY C 94 31.09 5.64 21.42
CA GLY C 94 29.70 5.25 21.27
C GLY C 94 29.53 3.74 21.33
N MET C 95 29.66 3.09 20.18
CA MET C 95 29.45 1.65 20.07
C MET C 95 30.31 1.07 18.96
N ALA C 96 30.84 -0.12 19.20
CA ALA C 96 31.40 -0.94 18.13
C ALA C 96 30.78 -2.32 18.31
N ALA C 97 29.91 -2.70 17.39
CA ALA C 97 29.22 -4.00 17.44
C ALA C 97 29.57 -4.80 16.21
N SER C 98 29.67 -6.12 16.41
CA SER C 98 29.80 -7.08 15.31
C SER C 98 31.06 -6.76 14.48
N MET C 99 30.93 -6.56 13.16
CA MET C 99 32.11 -6.19 12.36
C MET C 99 32.79 -4.91 12.82
N GLY C 100 32.04 -4.02 13.47
CA GLY C 100 32.62 -2.82 14.07
C GLY C 100 33.63 -3.15 15.15
N SER C 101 33.30 -4.10 16.01
CA SER C 101 34.20 -4.52 17.07
C SER C 101 35.37 -5.33 16.51
N PHE C 102 35.14 -6.05 15.42
CA PHE C 102 36.21 -6.76 14.71
C PHE C 102 37.24 -5.77 14.17
N LEU C 103 36.76 -4.67 13.58
CA LEU C 103 37.66 -3.62 13.08
C LEU C 103 38.36 -2.86 14.18
N LEU C 104 37.68 -2.64 15.30
CA LEU C 104 38.31 -2.05 16.48
C LEU C 104 39.53 -2.87 16.91
N ALA C 105 39.35 -4.20 16.98
CA ALA C 105 40.43 -5.13 17.34
C ALA C 105 41.55 -5.22 16.30
N ALA C 106 41.28 -4.76 15.07
CA ALA C 106 42.23 -4.80 13.96
C ALA C 106 43.26 -3.66 13.94
N GLY C 107 43.11 -2.69 14.82
CA GLY C 107 44.05 -1.57 14.88
C GLY C 107 45.44 -2.04 15.29
N ALA C 108 46.43 -1.20 15.07
CA ALA C 108 47.83 -1.52 15.40
C ALA C 108 47.94 -1.88 16.88
N LYS C 109 48.69 -2.94 17.18
CA LYS C 109 48.88 -3.42 18.54
C LYS C 109 49.44 -2.31 19.42
N GLY C 110 48.84 -2.12 20.58
CA GLY C 110 49.15 -1.01 21.47
C GLY C 110 48.41 0.29 21.17
N LYS C 111 47.68 0.37 20.06
CA LYS C 111 47.04 1.62 19.66
C LYS C 111 45.54 1.43 19.35
N ARG C 112 44.90 0.57 20.13
CA ARG C 112 43.46 0.34 20.08
C ARG C 112 42.88 0.85 21.38
N PHE C 113 41.93 1.77 21.26
CA PHE C 113 41.40 2.49 22.40
C PHE C 113 39.87 2.47 22.43
N ALA C 114 39.34 2.82 23.59
CA ALA C 114 37.92 3.17 23.74
C ALA C 114 37.79 4.24 24.77
N LEU C 115 36.75 5.07 24.64
CA LEU C 115 36.38 6.00 25.70
C LEU C 115 35.56 5.25 26.75
N PRO C 116 35.50 5.74 27.99
CA PRO C 116 35.03 4.91 29.12
C PRO C 116 33.61 4.36 29.03
N ASN C 117 32.71 5.10 28.38
CA ASN C 117 31.31 4.71 28.28
C ASN C 117 30.94 4.09 26.94
N ALA C 118 31.95 3.84 26.12
CA ALA C 118 31.75 3.16 24.85
C ALA C 118 31.35 1.71 25.09
N GLU C 119 30.53 1.20 24.19
CA GLU C 119 29.96 -0.15 24.28
C GLU C 119 30.58 -0.99 23.16
N VAL C 120 31.05 -2.18 23.50
CA VAL C 120 31.59 -3.10 22.52
C VAL C 120 30.71 -4.34 22.56
N MET C 121 30.28 -4.82 21.40
CA MET C 121 29.45 -6.02 21.35
C MET C 121 30.03 -7.02 20.35
N ILE C 122 30.14 -8.27 20.76
CA ILE C 122 30.59 -9.33 19.88
C ILE C 122 29.48 -10.39 19.79
N HIS C 123 29.34 -10.96 18.61
CA HIS C 123 28.37 -12.03 18.36
C HIS C 123 28.73 -12.76 17.07
N GLN C 124 28.05 -13.86 16.81
CA GLN C 124 28.31 -14.64 15.60
C GLN C 124 27.67 -13.96 14.38
N PRO C 125 28.20 -14.26 13.17
CA PRO C 125 27.62 -13.64 11.97
C PRO C 125 26.17 -14.10 11.70
N LEU C 126 25.43 -13.22 11.05
CA LEU C 126 24.03 -13.42 10.70
C LEU C 126 23.94 -13.59 9.20
N GLY C 127 22.95 -14.35 8.75
CA GLY C 127 22.69 -14.49 7.33
C GLY C 127 21.36 -15.14 7.05
N GLY C 128 21.23 -15.60 5.82
CA GLY C 128 20.01 -16.25 5.37
C GLY C 128 20.30 -17.18 4.21
N ALA C 129 19.34 -18.04 3.94
CA ALA C 129 19.41 -18.95 2.81
C ALA C 129 18.01 -19.45 2.55
N GLN C 130 17.60 -19.48 1.29
CA GLN C 130 16.39 -20.16 0.89
C GLN C 130 16.61 -20.89 -0.42
N GLY C 131 15.84 -21.94 -0.63
CA GLY C 131 15.88 -22.72 -1.86
C GLY C 131 15.98 -24.19 -1.53
N GLN C 132 16.63 -24.92 -2.42
CA GLN C 132 16.74 -26.36 -2.31
C GLN C 132 17.65 -26.75 -1.17
N ALA C 133 17.47 -27.96 -0.66
CA ALA C 133 18.33 -28.49 0.41
C ALA C 133 19.83 -28.30 0.14
N THR C 134 20.30 -28.62 -1.04
CA THR C 134 21.72 -28.49 -1.39
C THR C 134 22.18 -27.01 -1.41
N GLU C 135 21.29 -26.10 -1.83
CA GLU C 135 21.59 -24.67 -1.76
C GLU C 135 21.70 -24.19 -0.31
N ILE C 136 20.81 -24.67 0.55
CA ILE C 136 20.85 -24.33 1.98
C ILE C 136 22.16 -24.85 2.59
N GLU C 137 22.55 -26.07 2.22
CA GLU C 137 23.81 -26.66 2.68
C GLU C 137 25.03 -25.81 2.29
N ILE C 138 25.06 -25.36 1.04
CA ILE C 138 26.14 -24.52 0.55
C ILE C 138 26.21 -23.20 1.34
N ALA C 139 25.06 -22.57 1.54
CA ALA C 139 24.99 -21.33 2.34
C ALA C 139 25.41 -21.55 3.78
N ALA C 140 24.98 -22.65 4.38
CA ALA C 140 25.37 -23.00 5.76
C ALA C 140 26.87 -23.21 5.88
N ASN C 141 27.44 -23.99 4.98
CA ASN C 141 28.90 -24.22 4.96
C ASN C 141 29.67 -22.92 4.81
N HIS C 142 29.18 -22.04 3.95
CA HIS C 142 29.82 -20.76 3.72
C HIS C 142 29.82 -19.89 4.97
N ILE C 143 28.66 -19.76 5.64
CA ILE C 143 28.60 -18.93 6.83
C ILE C 143 29.39 -19.53 8.01
N LEU C 144 29.43 -20.86 8.11
CA LEU C 144 30.26 -21.53 9.11
C LEU C 144 31.76 -21.31 8.87
N LYS C 145 32.21 -21.40 7.63
CA LYS C 145 33.59 -21.08 7.28
C LYS C 145 33.93 -19.61 7.54
N THR C 146 32.99 -18.72 7.23
CA THR C 146 33.16 -17.31 7.52
C THR C 146 33.32 -17.08 9.01
N ARG C 147 32.52 -17.74 9.83
CA ARG C 147 32.64 -17.63 11.28
C ARG C 147 34.01 -18.14 11.78
N GLU C 148 34.47 -19.27 11.25
CA GLU C 148 35.81 -19.79 11.58
C GLU C 148 36.91 -18.78 11.24
N LYS C 149 36.81 -18.15 10.07
CA LYS C 149 37.77 -17.15 9.63
C LYS C 149 37.79 -15.95 10.60
N LEU C 150 36.61 -15.45 10.94
CA LEU C 150 36.49 -14.35 11.88
C LEU C 150 37.06 -14.69 13.25
N ASN C 151 36.72 -15.87 13.75
CA ASN C 151 37.14 -16.30 15.09
C ASN C 151 38.65 -16.50 15.15
N ARG C 152 39.23 -17.08 14.10
CA ARG C 152 40.67 -17.26 14.02
C ARG C 152 41.41 -15.92 14.09
N ILE C 153 40.95 -14.96 13.29
CA ILE C 153 41.58 -13.62 13.30
C ILE C 153 41.39 -12.94 14.65
N LEU C 154 40.18 -13.02 15.21
CA LEU C 154 39.92 -12.43 16.51
C LEU C 154 40.81 -13.05 17.61
N SER C 155 41.02 -14.36 17.53
CA SER C 155 41.93 -15.06 18.43
C SER C 155 43.35 -14.49 18.35
N GLU C 156 43.86 -14.32 17.13
CA GLU C 156 45.18 -13.73 16.91
C GLU C 156 45.28 -12.29 17.42
N ARG C 157 44.22 -11.51 17.26
CA ARG C 157 44.24 -10.14 17.71
C ARG C 157 44.03 -9.89 19.19
N THR C 158 43.30 -10.76 19.84
CA THR C 158 42.98 -10.63 21.26
C THR C 158 43.88 -11.43 22.18
N GLY C 159 44.48 -12.49 21.67
CA GLY C 159 45.16 -13.49 22.52
C GLY C 159 44.24 -14.53 23.15
N GLN C 160 42.93 -14.49 22.87
CA GLN C 160 42.01 -15.50 23.39
C GLN C 160 42.03 -16.69 22.46
N SER C 161 41.72 -17.86 23.00
CA SER C 161 41.62 -19.07 22.18
C SER C 161 40.40 -19.00 21.25
N ILE C 162 40.47 -19.73 20.14
CA ILE C 162 39.36 -19.88 19.22
C ILE C 162 38.14 -20.47 19.95
N GLU C 163 38.37 -21.43 20.86
CA GLU C 163 37.29 -22.08 21.60
C GLU C 163 36.58 -21.08 22.50
N LYS C 164 37.34 -20.20 23.15
CA LYS C 164 36.73 -19.17 23.98
C LYS C 164 35.94 -18.15 23.14
N ILE C 165 36.50 -17.72 22.01
CA ILE C 165 35.82 -16.78 21.11
C ILE C 165 34.47 -17.39 20.66
N GLN C 166 34.50 -18.65 20.25
CA GLN C 166 33.29 -19.40 19.82
C GLN C 166 32.20 -19.37 20.90
N LYS C 167 32.57 -19.71 22.12
CA LYS C 167 31.66 -19.71 23.26
C LYS C 167 31.13 -18.28 23.53
N ASP C 168 32.01 -17.29 23.53
CA ASP C 168 31.63 -15.94 23.91
C ASP C 168 30.83 -15.17 22.84
N THR C 169 30.82 -15.66 21.60
CA THR C 169 30.08 -15.05 20.51
C THR C 169 28.81 -15.82 20.12
N ASP C 170 28.46 -16.86 20.90
CA ASP C 170 27.31 -17.69 20.60
C ASP C 170 26.02 -16.85 20.60
N ARG C 171 25.93 -15.94 21.54
CA ARG C 171 24.88 -14.93 21.56
C ARG C 171 25.48 -13.55 21.77
N ASP C 172 24.66 -12.53 21.62
CA ASP C 172 25.06 -11.14 21.84
C ASP C 172 25.74 -11.01 23.18
N ASN C 173 26.97 -10.50 23.16
CA ASN C 173 27.79 -10.34 24.34
C ASN C 173 28.27 -8.88 24.37
N PHE C 174 27.69 -8.11 25.29
CA PHE C 174 27.98 -6.70 25.47
C PHE C 174 29.12 -6.55 26.47
N LEU C 175 30.13 -5.76 26.11
CA LEU C 175 31.25 -5.48 26.99
C LEU C 175 31.35 -3.99 27.22
N THR C 176 31.69 -3.61 28.46
CA THR C 176 32.12 -2.25 28.75
C THR C 176 33.52 -2.03 28.14
N ALA C 177 33.96 -0.77 28.06
CA ALA C 177 35.30 -0.46 27.56
C ALA C 177 36.38 -1.21 28.36
N GLU C 178 36.24 -1.22 29.69
CA GLU C 178 37.20 -1.91 30.55
C GLU C 178 37.19 -3.42 30.31
N GLU C 179 36.01 -4.01 30.15
CA GLU C 179 35.92 -5.44 29.81
C GLU C 179 36.51 -5.75 28.43
N ALA C 180 36.33 -4.83 27.47
CA ALA C 180 36.96 -5.00 26.14
C ALA C 180 38.49 -5.00 26.24
N LYS C 181 39.04 -4.16 27.12
CA LYS C 181 40.47 -4.16 27.39
C LYS C 181 40.94 -5.47 27.98
N GLU C 182 40.25 -5.93 29.03
CA GLU C 182 40.55 -7.24 29.65
C GLU C 182 40.45 -8.39 28.66
N TYR C 183 39.49 -8.29 27.75
CA TYR C 183 39.33 -9.30 26.71
C TYR C 183 40.45 -9.30 25.66
N GLY C 184 41.12 -8.16 25.47
CA GLY C 184 42.16 -8.00 24.44
C GLY C 184 41.66 -7.40 23.13
N LEU C 185 40.43 -6.88 23.11
CA LEU C 185 39.88 -6.21 21.91
C LEU C 185 40.50 -4.83 21.73
N ILE C 186 40.83 -4.18 22.85
CA ILE C 186 41.52 -2.92 22.85
C ILE C 186 42.69 -3.02 23.82
N ASP C 187 43.57 -2.04 23.76
CA ASP C 187 44.76 -1.97 24.60
C ASP C 187 44.58 -1.03 25.79
N GLU C 188 43.78 0.02 25.63
CA GLU C 188 43.66 1.03 26.67
C GLU C 188 42.30 1.74 26.63
N VAL C 189 41.78 2.06 27.81
CA VAL C 189 40.67 2.96 27.98
C VAL C 189 41.23 4.35 28.26
N MET C 190 40.91 5.33 27.40
CA MET C 190 41.33 6.73 27.63
C MET C 190 40.41 7.38 28.64
N VAL C 191 40.89 7.55 29.87
CA VAL C 191 40.14 8.21 30.94
C VAL C 191 40.31 9.73 30.77
N PRO C 192 39.25 10.52 31.04
CA PRO C 192 39.41 11.96 30.81
C PRO C 192 40.32 12.64 31.86
N GLU C 193 41.11 13.61 31.41
CA GLU C 193 42.03 14.39 32.27
C GLU C 193 41.30 15.58 32.90
N ILE D 4 30.86 11.39 0.67
CA ILE D 4 32.17 11.21 -0.02
C ILE D 4 33.09 12.39 0.32
N PRO D 5 34.21 12.13 1.02
CA PRO D 5 35.05 13.26 1.43
C PRO D 5 35.81 13.93 0.27
N THR D 6 36.19 15.16 0.50
CA THR D 6 37.01 15.97 -0.42
C THR D 6 38.47 16.06 0.06
N VAL D 7 39.40 16.05 -0.88
CA VAL D 7 40.82 16.32 -0.61
C VAL D 7 41.29 17.50 -1.46
N TYR D 18 39.20 17.76 -5.12
CA TYR D 18 38.77 16.46 -5.63
C TYR D 18 37.93 15.74 -4.58
N ASP D 19 36.84 15.09 -4.99
CA ASP D 19 36.29 14.01 -4.16
C ASP D 19 37.30 12.84 -4.14
N ILE D 20 37.21 11.98 -3.14
CA ILE D 20 38.24 10.95 -2.92
C ILE D 20 38.41 10.01 -4.12
N TYR D 21 37.30 9.65 -4.79
CA TYR D 21 37.37 8.74 -5.94
C TYR D 21 38.07 9.38 -7.13
N SER D 22 37.77 10.65 -7.38
CA SER D 22 38.47 11.42 -8.41
C SER D 22 39.95 11.57 -8.12
N ARG D 23 40.30 11.72 -6.84
CA ARG D 23 41.70 11.77 -6.44
C ARG D 23 42.41 10.47 -6.78
N LEU D 24 41.76 9.34 -6.49
CA LEU D 24 42.32 8.03 -6.85
C LEU D 24 42.45 7.86 -8.37
N LEU D 25 41.48 8.36 -9.12
CA LEU D 25 41.52 8.28 -10.57
C LEU D 25 42.70 9.04 -11.17
N LYS D 26 43.07 10.16 -10.56
CA LYS D 26 44.28 10.92 -10.93
C LYS D 26 45.53 10.02 -10.87
N ASP D 27 45.59 9.09 -9.91
CA ASP D 27 46.66 8.08 -9.85
C ASP D 27 46.34 6.74 -10.54
N ARG D 28 45.39 6.78 -11.48
CA ARG D 28 45.06 5.64 -12.34
C ARG D 28 44.42 4.45 -11.60
N ILE D 29 43.74 4.74 -10.50
CA ILE D 29 42.97 3.75 -9.75
C ILE D 29 41.49 3.95 -10.02
N ILE D 30 40.84 2.89 -10.52
CA ILE D 30 39.39 2.88 -10.76
C ILE D 30 38.76 1.95 -9.72
N MET D 31 37.69 2.42 -9.09
CA MET D 31 36.98 1.65 -8.05
C MET D 31 35.70 1.05 -8.60
N LEU D 32 35.66 -0.28 -8.70
CA LEU D 32 34.43 -0.99 -8.99
C LEU D 32 33.96 -1.57 -7.66
N GLY D 33 33.14 -0.79 -6.95
CA GLY D 33 32.77 -1.07 -5.59
C GLY D 33 31.28 -1.27 -5.35
N SER D 34 30.57 -1.68 -6.38
CA SER D 34 29.12 -1.87 -6.26
C SER D 34 28.65 -2.95 -7.21
N GLN D 35 27.34 -3.20 -7.17
CA GLN D 35 26.66 -4.03 -8.14
C GLN D 35 26.93 -3.47 -9.54
N ILE D 36 27.14 -4.35 -10.50
CA ILE D 36 27.43 -3.96 -11.86
C ILE D 36 26.13 -3.79 -12.63
N ASP D 37 25.78 -2.56 -12.96
CA ASP D 37 24.67 -2.27 -13.86
C ASP D 37 25.21 -1.38 -14.98
N ASP D 38 24.32 -0.97 -15.89
CA ASP D 38 24.74 -0.15 -17.03
C ASP D 38 25.41 1.16 -16.65
N ASN D 39 24.90 1.84 -15.62
CA ASN D 39 25.50 3.10 -15.14
C ASN D 39 26.93 2.92 -14.66
N VAL D 40 27.14 1.87 -13.86
CA VAL D 40 28.46 1.57 -13.36
C VAL D 40 29.39 1.23 -14.53
N ALA D 41 28.92 0.41 -15.47
CA ALA D 41 29.73 0.06 -16.63
C ALA D 41 30.11 1.29 -17.46
N ASN D 42 29.13 2.16 -17.72
CA ASN D 42 29.40 3.37 -18.49
C ASN D 42 30.45 4.25 -17.83
N SER D 43 30.38 4.36 -16.50
CA SER D 43 31.34 5.15 -15.76
C SER D 43 32.74 4.52 -15.84
N ILE D 44 32.82 3.21 -15.65
CA ILE D 44 34.11 2.52 -15.69
C ILE D 44 34.71 2.53 -17.10
N VAL D 45 33.88 2.31 -18.11
CA VAL D 45 34.33 2.41 -19.49
C VAL D 45 34.91 3.81 -19.76
N SER D 46 34.20 4.85 -19.34
CA SER D 46 34.67 6.21 -19.51
C SER D 46 36.00 6.48 -18.82
N GLN D 47 36.15 5.98 -17.60
CA GLN D 47 37.40 6.13 -16.86
C GLN D 47 38.55 5.43 -17.56
N LEU D 48 38.30 4.23 -18.09
CA LEU D 48 39.33 3.49 -18.82
C LEU D 48 39.78 4.26 -20.07
N LEU D 49 38.82 4.81 -20.82
CA LEU D 49 39.15 5.59 -22.01
C LEU D 49 39.90 6.86 -21.67
N PHE D 50 39.48 7.53 -20.60
CA PHE D 50 40.17 8.72 -20.13
C PHE D 50 41.63 8.39 -19.76
N LEU D 51 41.82 7.33 -18.98
CA LEU D 51 43.15 6.96 -18.55
C LEU D 51 44.09 6.56 -19.69
N GLN D 52 43.56 5.81 -20.66
CA GLN D 52 44.35 5.48 -21.85
C GLN D 52 44.79 6.75 -22.61
N ALA D 53 43.89 7.72 -22.74
CA ALA D 53 44.21 8.98 -23.41
C ALA D 53 45.24 9.82 -22.63
N GLN D 54 45.18 9.78 -21.30
CA GLN D 54 46.17 10.46 -20.46
C GLN D 54 47.56 9.84 -20.63
N ASP D 55 47.60 8.50 -20.66
CA ASP D 55 48.86 7.77 -20.81
C ASP D 55 48.58 6.35 -21.28
N SER D 56 48.95 6.06 -22.53
CA SER D 56 48.65 4.76 -23.12
C SER D 56 49.59 3.62 -22.67
N GLU D 57 50.63 3.94 -21.90
CA GLU D 57 51.63 2.95 -21.49
C GLU D 57 51.57 2.60 -19.99
N LYS D 58 51.17 3.55 -19.14
CA LYS D 58 51.15 3.30 -17.70
C LYS D 58 50.01 2.38 -17.30
N ASP D 59 50.29 1.48 -16.37
CA ASP D 59 49.29 0.56 -15.85
C ASP D 59 48.10 1.30 -15.23
N ILE D 60 46.95 0.65 -15.30
CA ILE D 60 45.74 1.07 -14.62
C ILE D 60 45.47 0.04 -13.51
N TYR D 61 44.89 0.51 -12.41
CA TYR D 61 44.58 -0.33 -11.25
C TYR D 61 43.07 -0.38 -11.03
N LEU D 62 42.48 -1.55 -11.22
CA LEU D 62 41.03 -1.76 -11.03
C LEU D 62 40.78 -2.51 -9.72
N TYR D 63 40.22 -1.78 -8.76
CA TYR D 63 39.78 -2.33 -7.47
C TYR D 63 38.41 -2.97 -7.64
N ILE D 64 38.25 -4.20 -7.15
CA ILE D 64 36.99 -4.91 -7.27
C ILE D 64 36.50 -5.35 -5.91
N ASN D 65 35.38 -4.76 -5.50
CA ASN D 65 34.58 -5.21 -4.36
C ASN D 65 33.13 -5.17 -4.83
N SER D 66 32.67 -6.29 -5.40
CA SER D 66 31.41 -6.31 -6.12
C SER D 66 30.73 -7.66 -6.03
N PRO D 67 29.39 -7.67 -5.79
CA PRO D 67 28.61 -8.91 -5.85
C PRO D 67 28.25 -9.34 -7.27
N GLY D 68 28.69 -8.60 -8.29
CA GLY D 68 28.36 -8.93 -9.66
C GLY D 68 27.21 -8.08 -10.15
N GLY D 69 26.45 -8.62 -11.10
CA GLY D 69 25.31 -7.91 -11.68
C GLY D 69 25.13 -8.26 -13.13
N SER D 70 24.76 -7.28 -13.93
CA SER D 70 24.42 -7.49 -15.34
C SER D 70 25.60 -8.06 -16.13
N VAL D 71 25.32 -9.13 -16.87
CA VAL D 71 26.34 -9.78 -17.70
C VAL D 71 26.79 -8.86 -18.85
N THR D 72 25.84 -8.21 -19.53
CA THR D 72 26.18 -7.34 -20.64
C THR D 72 26.96 -6.11 -20.16
N ALA D 73 26.58 -5.57 -19.01
CA ALA D 73 27.34 -4.47 -18.40
C ALA D 73 28.75 -4.93 -18.06
N GLY D 74 28.87 -6.13 -17.51
CA GLY D 74 30.18 -6.72 -17.22
C GLY D 74 31.02 -6.88 -18.48
N PHE D 75 30.39 -7.28 -19.58
CA PHE D 75 31.11 -7.40 -20.84
C PHE D 75 31.50 -6.07 -21.46
N ALA D 76 30.75 -5.01 -21.20
CA ALA D 76 31.18 -3.68 -21.58
C ALA D 76 32.54 -3.34 -20.95
N ILE D 77 32.69 -3.66 -19.68
CA ILE D 77 33.91 -3.42 -18.95
C ILE D 77 35.02 -4.35 -19.46
N TYR D 78 34.69 -5.64 -19.55
CA TYR D 78 35.63 -6.65 -20.02
C TYR D 78 36.25 -6.27 -21.38
N ASP D 79 35.40 -5.99 -22.36
CA ASP D 79 35.87 -5.68 -23.70
C ASP D 79 36.68 -4.39 -23.74
N THR D 80 36.31 -3.41 -22.92
CA THR D 80 37.05 -2.16 -22.87
C THR D 80 38.44 -2.39 -22.28
N ILE D 81 38.53 -3.20 -21.22
CA ILE D 81 39.83 -3.59 -20.68
C ILE D 81 40.72 -4.20 -21.77
N GLN D 82 40.19 -5.17 -22.52
CA GLN D 82 41.01 -5.83 -23.54
C GLN D 82 41.32 -4.89 -24.71
N HIS D 83 40.44 -3.95 -25.01
CA HIS D 83 40.62 -3.06 -26.13
C HIS D 83 41.74 -2.03 -25.94
N ILE D 84 41.86 -1.47 -24.75
CA ILE D 84 42.82 -0.40 -24.52
C ILE D 84 44.25 -0.94 -24.42
N LYS D 85 45.22 -0.05 -24.62
CA LYS D 85 46.63 -0.43 -24.63
C LYS D 85 47.21 -0.68 -23.24
N PRO D 86 46.93 0.18 -22.25
CA PRO D 86 47.50 -0.08 -20.93
C PRO D 86 47.07 -1.41 -20.32
N ASP D 87 47.98 -2.05 -19.58
CA ASP D 87 47.63 -3.19 -18.74
C ASP D 87 46.70 -2.73 -17.64
N VAL D 88 45.66 -3.52 -17.37
CA VAL D 88 44.76 -3.25 -16.26
C VAL D 88 45.01 -4.31 -15.21
N GLN D 89 45.59 -3.88 -14.10
CA GLN D 89 45.79 -4.75 -12.95
C GLN D 89 44.44 -4.82 -12.21
N THR D 90 44.16 -5.98 -11.63
CA THR D 90 42.93 -6.16 -10.85
C THR D 90 43.28 -6.62 -9.45
N ILE D 91 42.51 -6.14 -8.49
CA ILE D 91 42.64 -6.62 -7.12
C ILE D 91 41.27 -6.84 -6.52
N CYS D 92 41.10 -7.98 -5.86
CA CYS D 92 39.90 -8.25 -5.09
C CYS D 92 40.14 -7.88 -3.64
N ILE D 93 39.33 -6.95 -3.16
CA ILE D 93 39.33 -6.54 -1.77
C ILE D 93 37.87 -6.67 -1.33
N GLY D 94 37.65 -7.46 -0.28
CA GLY D 94 36.29 -7.73 0.19
C GLY D 94 35.71 -8.96 -0.50
N MET D 95 35.06 -8.73 -1.64
CA MET D 95 34.38 -9.80 -2.36
C MET D 95 34.39 -9.52 -3.86
N ALA D 96 34.58 -10.56 -4.65
CA ALA D 96 34.28 -10.52 -6.08
C ALA D 96 33.41 -11.74 -6.36
N ALA D 97 32.15 -11.50 -6.68
CA ALA D 97 31.21 -12.58 -6.95
C ALA D 97 30.66 -12.43 -8.36
N SER D 98 30.42 -13.56 -9.02
CA SER D 98 29.73 -13.62 -10.29
C SER D 98 30.48 -12.79 -11.34
N MET D 99 29.84 -11.81 -12.00
CA MET D 99 30.54 -10.97 -12.95
C MET D 99 31.73 -10.22 -12.35
N GLY D 100 31.70 -9.97 -11.03
CA GLY D 100 32.83 -9.39 -10.33
C GLY D 100 34.06 -10.27 -10.40
N SER D 101 33.88 -11.56 -10.18
CA SER D 101 34.99 -12.50 -10.24
C SER D 101 35.45 -12.72 -11.69
N PHE D 102 34.52 -12.61 -12.64
CA PHE D 102 34.86 -12.67 -14.06
C PHE D 102 35.79 -11.51 -14.43
N LEU D 103 35.46 -10.31 -13.95
CA LEU D 103 36.29 -9.14 -14.20
C LEU D 103 37.64 -9.20 -13.48
N LEU D 104 37.66 -9.75 -12.28
CA LEU D 104 38.91 -10.01 -11.57
C LEU D 104 39.86 -10.85 -12.42
N ALA D 105 39.32 -11.93 -12.98
CA ALA D 105 40.08 -12.83 -13.86
C ALA D 105 40.50 -12.21 -15.20
N ALA D 106 39.87 -11.10 -15.58
CA ALA D 106 40.13 -10.39 -16.83
C ALA D 106 41.33 -9.44 -16.80
N GLY D 107 41.92 -9.22 -15.63
CA GLY D 107 43.07 -8.34 -15.51
C GLY D 107 44.26 -8.87 -16.28
N ALA D 108 45.25 -8.02 -16.50
CA ALA D 108 46.47 -8.40 -17.23
C ALA D 108 47.12 -9.60 -16.58
N LYS D 109 47.56 -10.56 -17.38
CA LYS D 109 48.18 -11.80 -16.89
C LYS D 109 49.42 -11.45 -16.05
N GLY D 110 49.51 -12.05 -14.88
CA GLY D 110 50.52 -11.72 -13.89
C GLY D 110 50.17 -10.56 -12.96
N LYS D 111 49.08 -9.85 -13.22
CA LYS D 111 48.76 -8.65 -12.44
C LYS D 111 47.31 -8.69 -11.90
N ARG D 112 46.88 -9.90 -11.52
CA ARG D 112 45.59 -10.11 -10.88
C ARG D 112 45.87 -10.54 -9.45
N PHE D 113 45.32 -9.80 -8.50
CA PHE D 113 45.63 -9.98 -7.10
C PHE D 113 44.39 -10.08 -6.23
N ALA D 114 44.59 -10.56 -5.01
CA ALA D 114 43.59 -10.45 -3.95
C ALA D 114 44.30 -10.25 -2.64
N LEU D 115 43.64 -9.58 -1.70
CA LEU D 115 44.12 -9.54 -0.33
C LEU D 115 43.68 -10.83 0.38
N PRO D 116 44.37 -11.21 1.47
CA PRO D 116 44.25 -12.61 1.98
C PRO D 116 42.86 -13.06 2.41
N ASN D 117 42.05 -12.15 2.91
CA ASN D 117 40.71 -12.47 3.42
C ASN D 117 39.59 -12.14 2.45
N ALA D 118 39.97 -11.75 1.23
CA ALA D 118 38.99 -11.51 0.18
C ALA D 118 38.29 -12.81 -0.22
N GLU D 119 37.04 -12.68 -0.61
CA GLU D 119 36.19 -13.80 -0.97
C GLU D 119 35.92 -13.73 -2.48
N VAL D 120 36.09 -14.85 -3.18
CA VAL D 120 35.79 -14.93 -4.60
C VAL D 120 34.68 -15.97 -4.75
N MET D 121 33.64 -15.65 -5.49
CA MET D 121 32.56 -16.60 -5.73
C MET D 121 32.27 -16.71 -7.21
N ILE D 122 32.16 -17.95 -7.68
CA ILE D 122 31.80 -18.20 -9.08
C ILE D 122 30.52 -19.04 -9.10
N HIS D 123 29.68 -18.76 -10.08
CA HIS D 123 28.43 -19.50 -10.28
C HIS D 123 27.90 -19.26 -11.70
N GLN D 124 26.87 -19.99 -12.07
CA GLN D 124 26.27 -19.83 -13.39
C GLN D 124 25.38 -18.58 -13.43
N PRO D 125 25.16 -18.02 -14.65
CA PRO D 125 24.31 -16.84 -14.73
C PRO D 125 22.85 -17.09 -14.34
N LEU D 126 22.21 -16.04 -13.85
CA LEU D 126 20.83 -16.07 -13.37
C LEU D 126 19.99 -15.25 -14.33
N GLY D 127 18.72 -15.61 -14.47
CA GLY D 127 17.81 -14.83 -15.28
C GLY D 127 16.38 -15.28 -15.15
N GLY D 128 15.59 -14.90 -16.11
CA GLY D 128 14.14 -15.07 -16.04
C GLY D 128 13.53 -14.97 -17.41
N ALA D 129 12.33 -15.49 -17.53
CA ALA D 129 11.59 -15.49 -18.79
C ALA D 129 10.16 -15.81 -18.46
N GLN D 130 9.23 -15.07 -19.06
CA GLN D 130 7.82 -15.42 -19.01
C GLN D 130 7.19 -15.18 -20.37
N GLY D 131 6.13 -15.91 -20.65
CA GLY D 131 5.34 -15.71 -21.87
C GLY D 131 5.09 -17.05 -22.53
N GLN D 132 5.02 -17.02 -23.85
CA GLN D 132 4.71 -18.20 -24.63
C GLN D 132 5.88 -19.16 -24.63
N ALA D 133 5.59 -20.43 -24.89
CA ALA D 133 6.64 -21.45 -24.99
C ALA D 133 7.83 -21.04 -25.85
N THR D 134 7.55 -20.49 -27.06
CA THR D 134 8.63 -20.08 -27.97
C THR D 134 9.46 -18.91 -27.40
N GLU D 135 8.83 -18.00 -26.65
CA GLU D 135 9.55 -16.91 -25.98
C GLU D 135 10.45 -17.46 -24.87
N ILE D 136 9.95 -18.45 -24.12
CA ILE D 136 10.74 -19.09 -23.07
C ILE D 136 11.95 -19.79 -23.69
N GLU D 137 11.73 -20.47 -24.82
CA GLU D 137 12.80 -21.15 -25.56
C GLU D 137 13.89 -20.17 -25.99
N ILE D 138 13.50 -19.03 -26.55
CA ILE D 138 14.45 -18.00 -26.98
C ILE D 138 15.27 -17.50 -25.78
N ALA D 139 14.61 -17.20 -24.66
CA ALA D 139 15.31 -16.76 -23.46
C ALA D 139 16.26 -17.83 -22.90
N ALA D 140 15.82 -19.10 -22.92
CA ALA D 140 16.66 -20.20 -22.47
C ALA D 140 17.90 -20.36 -23.35
N ASN D 141 17.72 -20.35 -24.65
CA ASN D 141 18.84 -20.44 -25.60
C ASN D 141 19.83 -19.30 -25.39
N HIS D 142 19.31 -18.10 -25.17
CA HIS D 142 20.16 -16.94 -24.95
C HIS D 142 21.00 -17.08 -23.68
N ILE D 143 20.38 -17.47 -22.56
CA ILE D 143 21.14 -17.59 -21.32
C ILE D 143 22.13 -18.77 -21.37
N LEU D 144 21.79 -19.84 -22.07
CA LEU D 144 22.72 -20.95 -22.27
C LEU D 144 23.93 -20.55 -23.13
N LYS D 145 23.70 -19.80 -24.20
CA LYS D 145 24.81 -19.25 -25.01
C LYS D 145 25.67 -18.27 -24.22
N THR D 146 25.04 -17.46 -23.39
CA THR D 146 25.76 -16.55 -22.52
C THR D 146 26.65 -17.31 -21.56
N ARG D 147 26.14 -18.39 -20.97
CA ARG D 147 26.95 -19.21 -20.10
C ARG D 147 28.15 -19.85 -20.81
N GLU D 148 27.92 -20.35 -22.03
CA GLU D 148 29.02 -20.91 -22.83
C GLU D 148 30.11 -19.86 -23.11
N LYS D 149 29.69 -18.64 -23.44
CA LYS D 149 30.61 -17.54 -23.70
C LYS D 149 31.44 -17.23 -22.45
N LEU D 150 30.79 -17.10 -21.30
CA LEU D 150 31.46 -16.85 -20.03
C LEU D 150 32.45 -17.95 -19.69
N ASN D 151 32.03 -19.20 -19.83
CA ASN D 151 32.85 -20.34 -19.46
C ASN D 151 34.08 -20.47 -20.37
N ARG D 152 33.88 -20.23 -21.66
CA ARG D 152 34.99 -20.27 -22.62
C ARG D 152 36.05 -19.23 -22.26
N ILE D 153 35.63 -18.00 -21.99
CA ILE D 153 36.56 -16.94 -21.62
C ILE D 153 37.25 -17.26 -20.29
N LEU D 154 36.48 -17.73 -19.31
CA LEU D 154 37.06 -18.12 -18.02
C LEU D 154 38.10 -19.24 -18.16
N SER D 155 37.81 -20.21 -19.03
CA SER D 155 38.76 -21.27 -19.35
C SER D 155 40.09 -20.70 -19.89
N GLU D 156 40.00 -19.78 -20.85
CA GLU D 156 41.18 -19.12 -21.41
C GLU D 156 41.95 -18.32 -20.36
N ARG D 157 41.26 -17.68 -19.43
CA ARG D 157 41.91 -16.82 -18.43
C ARG D 157 42.49 -17.57 -17.24
N THR D 158 41.92 -18.73 -16.92
CA THR D 158 42.35 -19.51 -15.76
C THR D 158 43.27 -20.67 -16.12
N GLY D 159 43.20 -21.15 -17.36
CA GLY D 159 43.84 -22.41 -17.73
C GLY D 159 43.04 -23.67 -17.39
N GLN D 160 41.85 -23.54 -16.81
CA GLN D 160 41.00 -24.70 -16.51
C GLN D 160 40.22 -25.06 -17.75
N SER D 161 39.86 -26.34 -17.89
CA SER D 161 39.04 -26.77 -19.01
C SER D 161 37.60 -26.23 -18.88
N ILE D 162 36.93 -26.10 -20.02
CA ILE D 162 35.53 -25.73 -20.07
C ILE D 162 34.66 -26.70 -19.24
N GLU D 163 34.98 -28.00 -19.30
CA GLU D 163 34.22 -29.00 -18.57
C GLU D 163 34.34 -28.80 -17.06
N LYS D 164 35.55 -28.48 -16.60
CA LYS D 164 35.75 -28.20 -15.18
C LYS D 164 35.03 -26.91 -14.74
N ILE D 165 35.11 -25.86 -15.55
CA ILE D 165 34.43 -24.59 -15.25
C ILE D 165 32.91 -24.84 -15.11
N GLN D 166 32.34 -25.58 -16.07
CA GLN D 166 30.91 -25.94 -16.07
C GLN D 166 30.49 -26.63 -14.76
N LYS D 167 31.26 -27.64 -14.38
CA LYS D 167 31.01 -28.38 -13.15
C LYS D 167 31.15 -27.47 -11.91
N ASP D 168 32.21 -26.66 -11.86
CA ASP D 168 32.49 -25.83 -10.68
C ASP D 168 31.57 -24.61 -10.51
N THR D 169 30.84 -24.23 -11.56
CA THR D 169 29.92 -23.11 -11.51
C THR D 169 28.45 -23.54 -11.48
N ASP D 170 28.20 -24.84 -11.35
CA ASP D 170 26.82 -25.37 -11.36
C ASP D 170 26.02 -24.79 -10.20
N ARG D 171 26.67 -24.67 -9.03
CA ARG D 171 26.11 -23.96 -7.90
C ARG D 171 27.14 -22.98 -7.36
N ASP D 172 26.69 -22.13 -6.43
CA ASP D 172 27.56 -21.16 -5.77
C ASP D 172 28.79 -21.85 -5.21
N ASN D 173 29.95 -21.36 -5.64
CA ASN D 173 31.23 -21.92 -5.27
C ASN D 173 32.09 -20.77 -4.71
N PHE D 174 32.27 -20.78 -3.40
CA PHE D 174 33.04 -19.77 -2.69
C PHE D 174 34.50 -20.21 -2.59
N LEU D 175 35.41 -19.32 -2.96
CA LEU D 175 36.84 -19.59 -2.87
C LEU D 175 37.50 -18.56 -1.97
N THR D 176 38.46 -19.02 -1.19
CA THR D 176 39.39 -18.11 -0.51
C THR D 176 40.33 -17.49 -1.55
N ALA D 177 41.04 -16.43 -1.16
CA ALA D 177 42.03 -15.81 -2.06
C ALA D 177 43.06 -16.83 -2.55
N GLU D 178 43.55 -17.66 -1.64
CA GLU D 178 44.53 -18.70 -1.99
C GLU D 178 43.95 -19.73 -2.95
N GLU D 179 42.71 -20.15 -2.72
CA GLU D 179 42.03 -21.06 -3.66
C GLU D 179 41.80 -20.42 -5.02
N ALA D 180 41.49 -19.13 -5.05
CA ALA D 180 41.34 -18.41 -6.32
C ALA D 180 42.66 -18.38 -7.11
N LYS D 181 43.78 -18.24 -6.40
CA LYS D 181 45.09 -18.33 -7.03
C LYS D 181 45.36 -19.71 -7.61
N GLU D 182 45.13 -20.75 -6.81
CA GLU D 182 45.26 -22.14 -7.28
C GLU D 182 44.36 -22.43 -8.47
N TYR D 183 43.16 -21.85 -8.48
CA TYR D 183 42.25 -22.01 -9.59
C TYR D 183 42.69 -21.29 -10.88
N GLY D 184 43.51 -20.24 -10.76
CA GLY D 184 43.94 -19.43 -11.89
C GLY D 184 43.11 -18.16 -12.12
N LEU D 185 42.23 -17.81 -11.17
CA LEU D 185 41.44 -16.58 -11.27
C LEU D 185 42.29 -15.35 -10.98
N ILE D 186 43.29 -15.51 -10.11
CA ILE D 186 44.26 -14.49 -9.82
C ILE D 186 45.64 -15.11 -9.89
N ASP D 187 46.65 -14.25 -9.90
CA ASP D 187 48.05 -14.66 -9.98
C ASP D 187 48.74 -14.67 -8.63
N GLU D 188 48.33 -13.79 -7.71
CA GLU D 188 49.02 -13.65 -6.45
C GLU D 188 48.12 -13.14 -5.33
N VAL D 189 48.33 -13.66 -4.12
CA VAL D 189 47.77 -13.11 -2.91
C VAL D 189 48.80 -12.16 -2.30
N MET D 190 48.46 -10.89 -2.13
CA MET D 190 49.35 -9.92 -1.48
C MET D 190 49.27 -10.08 0.04
N VAL D 191 50.30 -10.69 0.62
CA VAL D 191 50.39 -10.90 2.07
C VAL D 191 50.92 -9.59 2.70
N PRO D 192 50.43 -9.23 3.90
CA PRO D 192 50.88 -7.95 4.47
C PRO D 192 52.34 -8.00 4.96
N GLU D 193 53.06 -6.90 4.76
CA GLU D 193 54.47 -6.75 5.19
C GLU D 193 54.55 -6.26 6.63
N ILE E 4 29.74 10.06 -10.31
CA ILE E 4 30.43 10.43 -11.56
C ILE E 4 31.72 11.19 -11.22
N PRO E 5 32.90 10.62 -11.57
CA PRO E 5 34.14 11.28 -11.17
C PRO E 5 34.44 12.57 -11.95
N THR E 6 35.25 13.42 -11.33
CA THR E 6 35.76 14.64 -11.93
C THR E 6 37.22 14.48 -12.40
N VAL E 7 37.55 15.10 -13.54
CA VAL E 7 38.92 15.19 -14.02
C VAL E 7 39.32 16.64 -14.20
N ILE E 8 40.57 16.97 -13.92
CA ILE E 8 41.09 18.34 -14.03
C ILE E 8 42.30 18.29 -14.92
N ALA E 17 37.72 22.01 -14.50
CA ALA E 17 37.15 20.83 -13.88
C ALA E 17 35.94 20.35 -14.70
N TYR E 18 35.99 19.09 -15.13
CA TYR E 18 34.98 18.41 -15.91
C TYR E 18 34.53 17.14 -15.16
N ASP E 19 33.23 16.85 -15.15
CA ASP E 19 32.80 15.46 -14.94
C ASP E 19 33.27 14.60 -16.13
N ILE E 20 33.38 13.30 -15.93
CA ILE E 20 33.99 12.42 -16.94
C ILE E 20 33.26 12.47 -18.29
N TYR E 21 31.93 12.56 -18.28
CA TYR E 21 31.14 12.59 -19.51
C TYR E 21 31.36 13.87 -20.30
N SER E 22 31.42 14.99 -19.60
CA SER E 22 31.75 16.28 -20.21
C SER E 22 33.15 16.28 -20.80
N ARG E 23 34.09 15.62 -20.12
CA ARG E 23 35.44 15.49 -20.64
C ARG E 23 35.44 14.72 -21.97
N LEU E 24 34.67 13.64 -22.03
CA LEU E 24 34.55 12.88 -23.28
C LEU E 24 33.89 13.70 -24.38
N LEU E 25 32.89 14.51 -24.03
CA LEU E 25 32.20 15.37 -25.00
C LEU E 25 33.16 16.38 -25.65
N LYS E 26 34.11 16.89 -24.86
CA LYS E 26 35.17 17.76 -25.38
C LYS E 26 35.95 17.10 -26.53
N ASP E 27 36.15 15.78 -26.46
CA ASP E 27 36.74 15.00 -27.57
C ASP E 27 35.72 14.37 -28.53
N ARG E 28 34.51 14.93 -28.59
CA ARG E 28 33.48 14.56 -29.55
C ARG E 28 32.93 13.14 -29.37
N ILE E 29 32.96 12.65 -28.13
CA ILE E 29 32.37 11.37 -27.77
C ILE E 29 31.06 11.64 -27.01
N ILE E 30 29.96 11.10 -27.52
CA ILE E 30 28.65 11.17 -26.90
C ILE E 30 28.30 9.78 -26.37
N MET E 31 27.82 9.72 -25.13
CA MET E 31 27.48 8.44 -24.47
C MET E 31 25.95 8.27 -24.47
N LEU E 32 25.47 7.27 -25.20
CA LEU E 32 24.09 6.82 -25.09
C LEU E 32 24.13 5.54 -24.27
N GLY E 33 24.02 5.70 -22.97
CA GLY E 33 24.26 4.62 -22.02
C GLY E 33 23.07 4.26 -21.14
N SER E 34 21.86 4.53 -21.63
CA SER E 34 20.66 4.26 -20.86
C SER E 34 19.49 3.97 -21.79
N GLN E 35 18.35 3.70 -21.17
CA GLN E 35 17.08 3.61 -21.87
C GLN E 35 16.82 4.91 -22.62
N ILE E 36 16.29 4.80 -23.83
CA ILE E 36 16.03 5.96 -24.66
C ILE E 36 14.65 6.50 -24.36
N ASP E 37 14.58 7.65 -23.74
CA ASP E 37 13.32 8.39 -23.57
C ASP E 37 13.54 9.80 -24.10
N ASP E 38 12.52 10.65 -24.00
CA ASP E 38 12.60 12.00 -24.52
C ASP E 38 13.75 12.84 -23.94
N ASN E 39 14.00 12.72 -22.65
CA ASN E 39 15.12 13.44 -22.01
C ASN E 39 16.47 13.06 -22.58
N VAL E 40 16.69 11.76 -22.73
CA VAL E 40 17.92 11.25 -23.30
C VAL E 40 18.05 11.74 -24.75
N ALA E 41 16.98 11.66 -25.52
CA ALA E 41 17.00 12.13 -26.90
C ALA E 41 17.33 13.63 -27.00
N ASN E 42 16.68 14.43 -26.17
CA ASN E 42 16.93 15.86 -26.16
C ASN E 42 18.39 16.20 -25.84
N SER E 43 18.96 15.47 -24.90
CA SER E 43 20.34 15.66 -24.53
C SER E 43 21.28 15.27 -25.68
N ILE E 44 21.02 14.13 -26.30
CA ILE E 44 21.87 13.68 -27.39
C ILE E 44 21.73 14.57 -28.63
N VAL E 45 20.51 14.98 -28.94
CA VAL E 45 20.30 15.93 -30.02
C VAL E 45 21.09 17.21 -29.77
N SER E 46 21.00 17.75 -28.56
CA SER E 46 21.73 18.96 -28.20
C SER E 46 23.24 18.81 -28.33
N GLN E 47 23.77 17.66 -27.90
CA GLN E 47 25.19 17.39 -28.03
C GLN E 47 25.62 17.31 -29.49
N LEU E 48 24.81 16.68 -30.34
CA LEU E 48 25.10 16.59 -31.76
C LEU E 48 25.14 17.97 -32.41
N LEU E 49 24.17 18.82 -32.08
CA LEU E 49 24.13 20.18 -32.61
C LEU E 49 25.30 21.02 -32.13
N PHE E 50 25.65 20.88 -30.86
CA PHE E 50 26.80 21.56 -30.30
C PHE E 50 28.08 21.14 -31.03
N LEU E 51 28.28 19.83 -31.19
CA LEU E 51 29.49 19.32 -31.83
C LEU E 51 29.61 19.75 -33.29
N GLN E 52 28.51 19.73 -34.03
CA GLN E 52 28.52 20.23 -35.41
C GLN E 52 28.92 21.71 -35.48
N ALA E 53 28.41 22.52 -34.56
CA ALA E 53 28.76 23.94 -34.49
C ALA E 53 30.23 24.16 -34.12
N GLN E 54 30.77 23.34 -33.24
CA GLN E 54 32.19 23.41 -32.88
C GLN E 54 33.08 23.07 -34.08
N ASP E 55 32.71 22.03 -34.83
CA ASP E 55 33.46 21.61 -36.00
C ASP E 55 32.58 20.76 -36.91
N SER E 56 32.22 21.30 -38.07
CA SER E 56 31.31 20.62 -38.98
C SER E 56 31.94 19.48 -39.80
N GLU E 57 33.26 19.31 -39.71
CA GLU E 57 33.98 18.32 -40.51
C GLU E 57 34.51 17.14 -39.71
N LYS E 58 34.84 17.33 -38.43
CA LYS E 58 35.42 16.25 -37.63
C LYS E 58 34.34 15.24 -37.23
N ASP E 59 34.72 13.96 -37.27
CA ASP E 59 33.83 12.87 -36.87
C ASP E 59 33.35 13.04 -35.42
N ILE E 60 32.16 12.51 -35.18
CA ILE E 60 31.58 12.38 -33.84
C ILE E 60 31.54 10.88 -33.53
N TYR E 61 31.72 10.55 -32.25
CA TYR E 61 31.74 9.17 -31.78
C TYR E 61 30.57 8.93 -30.82
N LEU E 62 29.62 8.09 -31.25
CA LEU E 62 28.45 7.73 -30.43
C LEU E 62 28.59 6.34 -29.84
N TYR E 63 28.79 6.30 -28.53
CA TYR E 63 28.85 5.06 -27.74
C TYR E 63 27.44 4.61 -27.43
N ILE E 64 27.15 3.33 -27.68
CA ILE E 64 25.81 2.79 -27.44
C ILE E 64 25.88 1.58 -26.53
N ASN E 65 25.33 1.75 -25.33
CA ASN E 65 25.05 0.68 -24.39
C ASN E 65 23.64 0.93 -23.88
N SER E 66 22.64 0.38 -24.57
CA SER E 66 21.25 0.76 -24.35
C SER E 66 20.31 -0.40 -24.63
N PRO E 67 19.30 -0.60 -23.75
CA PRO E 67 18.23 -1.58 -24.01
C PRO E 67 17.15 -1.07 -24.96
N GLY E 68 17.27 0.16 -25.46
CA GLY E 68 16.28 0.73 -26.35
C GLY E 68 15.34 1.63 -25.60
N GLY E 69 14.13 1.78 -26.10
CA GLY E 69 13.12 2.64 -25.49
C GLY E 69 12.21 3.23 -26.52
N SER E 70 11.84 4.49 -26.33
CA SER E 70 10.84 5.17 -27.15
C SER E 70 11.28 5.23 -28.62
N VAL E 71 10.39 4.84 -29.52
CA VAL E 71 10.64 4.89 -30.96
C VAL E 71 10.76 6.34 -31.45
N THR E 72 9.87 7.22 -31.01
CA THR E 72 9.91 8.61 -31.46
C THR E 72 11.16 9.32 -30.93
N ALA E 73 11.55 9.03 -29.69
CA ALA E 73 12.80 9.54 -29.14
C ALA E 73 14.00 9.03 -29.94
N GLY E 74 13.98 7.75 -30.29
CA GLY E 74 15.00 7.19 -31.14
C GLY E 74 15.08 7.86 -32.50
N PHE E 75 13.92 8.18 -33.08
CA PHE E 75 13.90 8.90 -34.35
C PHE E 75 14.37 10.34 -34.26
N ALA E 76 14.19 10.98 -33.11
CA ALA E 76 14.79 12.29 -32.89
C ALA E 76 16.31 12.22 -33.05
N ILE E 77 16.92 11.20 -32.48
CA ILE E 77 18.35 11.00 -32.55
C ILE E 77 18.74 10.62 -33.99
N TYR E 78 18.03 9.65 -34.55
CA TYR E 78 18.30 9.17 -35.91
C TYR E 78 18.31 10.33 -36.92
N ASP E 79 17.24 11.11 -36.94
CA ASP E 79 17.11 12.19 -37.90
C ASP E 79 18.17 13.28 -37.68
N THR E 80 18.53 13.54 -36.43
CA THR E 80 19.56 14.53 -36.15
C THR E 80 20.92 14.05 -36.65
N ILE E 81 21.23 12.77 -36.44
CA ILE E 81 22.44 12.18 -37.01
C ILE E 81 22.50 12.39 -38.52
N GLN E 82 21.43 12.06 -39.23
CA GLN E 82 21.44 12.20 -40.69
C GLN E 82 21.46 13.66 -41.14
N HIS E 83 20.89 14.56 -40.34
CA HIS E 83 20.80 15.95 -40.70
C HIS E 83 22.14 16.69 -40.65
N ILE E 84 22.96 16.40 -39.65
CA ILE E 84 24.20 17.14 -39.44
C ILE E 84 25.28 16.73 -40.45
N LYS E 85 26.27 17.60 -40.64
CA LYS E 85 27.33 17.37 -41.61
C LYS E 85 28.37 16.34 -41.16
N PRO E 86 28.84 16.41 -39.91
CA PRO E 86 29.84 15.41 -39.50
C PRO E 86 29.34 13.97 -39.58
N ASP E 87 30.24 13.05 -39.93
CA ASP E 87 29.98 11.62 -39.81
C ASP E 87 29.85 11.27 -38.33
N VAL E 88 28.85 10.45 -38.01
CA VAL E 88 28.69 9.93 -36.66
C VAL E 88 29.05 8.47 -36.66
N GLN E 89 30.18 8.15 -36.05
CA GLN E 89 30.59 6.78 -35.87
C GLN E 89 29.80 6.20 -34.69
N THR E 90 29.46 4.93 -34.76
CA THR E 90 28.74 4.24 -33.68
C THR E 90 29.52 3.04 -33.22
N ILE E 91 29.48 2.79 -31.92
CA ILE E 91 30.05 1.59 -31.37
C ILE E 91 29.11 0.98 -30.34
N CYS E 92 28.93 -0.33 -30.42
CA CYS E 92 28.19 -1.07 -29.42
C CYS E 92 29.17 -1.66 -28.42
N ILE E 93 29.01 -1.25 -27.17
CA ILE E 93 29.77 -1.77 -26.05
C ILE E 93 28.71 -2.22 -25.04
N GLY E 94 28.76 -3.48 -24.63
CA GLY E 94 27.76 -4.05 -23.74
C GLY E 94 26.58 -4.60 -24.50
N MET E 95 25.59 -3.76 -24.76
CA MET E 95 24.35 -4.17 -25.42
C MET E 95 23.76 -3.03 -26.25
N ALA E 96 23.23 -3.37 -27.41
CA ALA E 96 22.35 -2.47 -28.15
C ALA E 96 21.11 -3.29 -28.48
N ALA E 97 19.98 -2.98 -27.86
CA ALA E 97 18.74 -3.69 -28.09
C ALA E 97 17.68 -2.72 -28.63
N SER E 98 16.84 -3.22 -29.51
CA SER E 98 15.66 -2.51 -29.99
C SER E 98 16.07 -1.19 -30.64
N MET E 99 15.54 -0.04 -30.20
CA MET E 99 15.95 1.24 -30.77
C MET E 99 17.44 1.51 -30.62
N GLY E 100 18.10 0.90 -29.63
CA GLY E 100 19.54 0.98 -29.47
C GLY E 100 20.27 0.38 -30.67
N SER E 101 19.81 -0.79 -31.12
CA SER E 101 20.42 -1.45 -32.26
C SER E 101 20.07 -0.71 -33.56
N PHE E 102 18.90 -0.09 -33.61
CA PHE E 102 18.51 0.76 -34.74
C PHE E 102 19.48 1.94 -34.88
N LEU E 103 19.80 2.58 -33.76
CA LEU E 103 20.74 3.69 -33.75
C LEU E 103 22.17 3.27 -34.05
N LEU E 104 22.57 2.09 -33.59
CA LEU E 104 23.85 1.52 -33.95
C LEU E 104 23.99 1.40 -35.47
N ALA E 105 22.95 0.88 -36.12
CA ALA E 105 22.90 0.75 -37.57
C ALA E 105 22.84 2.07 -38.34
N ALA E 106 22.48 3.16 -37.64
CA ALA E 106 22.35 4.49 -38.21
C ALA E 106 23.66 5.28 -38.36
N GLY E 107 24.75 4.75 -37.81
CA GLY E 107 26.04 5.41 -37.90
C GLY E 107 26.51 5.50 -39.35
N ALA E 108 27.50 6.36 -39.60
CA ALA E 108 28.05 6.56 -40.94
C ALA E 108 28.53 5.22 -41.51
N LYS E 109 28.21 4.97 -42.79
CA LYS E 109 28.57 3.71 -43.45
C LYS E 109 30.09 3.54 -43.41
N GLY E 110 30.52 2.34 -43.04
CA GLY E 110 31.92 2.05 -42.78
C GLY E 110 32.42 2.37 -41.39
N LYS E 111 31.62 3.05 -40.56
CA LYS E 111 32.08 3.51 -39.25
C LYS E 111 31.11 3.08 -38.12
N ARG E 112 30.55 1.88 -38.27
CA ARG E 112 29.69 1.28 -37.25
C ARG E 112 30.44 0.07 -36.73
N PHE E 113 30.66 0.04 -35.42
CA PHE E 113 31.51 -0.95 -34.79
C PHE E 113 30.83 -1.62 -33.59
N ALA E 114 31.40 -2.74 -33.18
CA ALA E 114 31.09 -3.34 -31.89
C ALA E 114 32.34 -3.97 -31.33
N LEU E 115 32.42 -4.05 -30.00
CA LEU E 115 33.47 -4.84 -29.37
C LEU E 115 33.01 -6.31 -29.36
N PRO E 116 33.96 -7.27 -29.25
CA PRO E 116 33.65 -8.67 -29.59
C PRO E 116 32.56 -9.35 -28.78
N ASN E 117 32.39 -8.97 -27.52
CA ASN E 117 31.42 -9.59 -26.62
C ASN E 117 30.15 -8.77 -26.44
N ALA E 118 30.02 -7.70 -27.22
CA ALA E 118 28.80 -6.91 -27.23
C ALA E 118 27.63 -7.71 -27.80
N GLU E 119 26.46 -7.43 -27.27
CA GLU E 119 25.23 -8.12 -27.62
C GLU E 119 24.33 -7.16 -28.41
N VAL E 120 23.80 -7.60 -29.54
CA VAL E 120 22.87 -6.82 -30.32
C VAL E 120 21.56 -7.58 -30.35
N MET E 121 20.45 -6.90 -30.09
CA MET E 121 19.14 -7.55 -30.17
C MET E 121 18.19 -6.74 -31.03
N ILE E 122 17.50 -7.42 -31.93
CA ILE E 122 16.48 -6.78 -32.76
C ILE E 122 15.15 -7.47 -32.51
N HIS E 123 14.09 -6.68 -32.54
CA HIS E 123 12.72 -7.19 -32.39
C HIS E 123 11.72 -6.15 -32.87
N GLN E 124 10.45 -6.53 -32.94
CA GLN E 124 9.43 -5.60 -33.41
C GLN E 124 9.05 -4.61 -32.30
N PRO E 125 8.48 -3.44 -32.68
CA PRO E 125 8.07 -2.48 -31.65
C PRO E 125 6.94 -3.02 -30.75
N LEU E 126 6.92 -2.50 -29.52
CA LEU E 126 5.95 -2.86 -28.50
C LEU E 126 5.04 -1.67 -28.28
N GLY E 127 3.80 -1.94 -27.88
CA GLY E 127 2.88 -0.88 -27.53
C GLY E 127 1.62 -1.38 -26.90
N GLY E 128 0.60 -0.54 -26.94
CA GLY E 128 -0.63 -0.78 -26.23
C GLY E 128 -1.75 0.06 -26.81
N ALA E 129 -2.97 -0.33 -26.50
CA ALA E 129 -4.15 0.41 -26.92
C ALA E 129 -5.29 -0.08 -26.05
N GLN E 130 -6.10 0.84 -25.55
CA GLN E 130 -7.35 0.49 -24.90
C GLN E 130 -8.43 1.47 -25.30
N GLY E 131 -9.67 1.01 -25.26
CA GLY E 131 -10.83 1.84 -25.52
C GLY E 131 -11.75 1.19 -26.53
N GLN E 132 -12.39 2.01 -27.33
CA GLN E 132 -13.37 1.54 -28.29
C GLN E 132 -12.69 0.82 -29.45
N ALA E 133 -13.43 -0.03 -30.11
CA ALA E 133 -12.92 -0.77 -31.28
C ALA E 133 -12.19 0.15 -32.29
N THR E 134 -12.77 1.27 -32.65
CA THR E 134 -12.19 2.20 -33.61
C THR E 134 -10.89 2.84 -33.07
N GLU E 135 -10.82 3.09 -31.78
CA GLU E 135 -9.57 3.58 -31.15
C GLU E 135 -8.47 2.51 -31.20
N ILE E 136 -8.84 1.25 -30.94
CA ILE E 136 -7.88 0.14 -31.03
C ILE E 136 -7.37 0.02 -32.47
N GLU E 137 -8.27 0.15 -33.44
CA GLU E 137 -7.91 0.10 -34.85
C GLU E 137 -6.90 1.20 -35.22
N ILE E 138 -7.14 2.42 -34.76
CA ILE E 138 -6.24 3.55 -35.01
C ILE E 138 -4.86 3.27 -34.41
N ALA E 139 -4.82 2.79 -33.17
CA ALA E 139 -3.55 2.46 -32.51
C ALA E 139 -2.83 1.31 -33.22
N ALA E 140 -3.56 0.29 -33.66
CA ALA E 140 -2.98 -0.82 -34.41
C ALA E 140 -2.38 -0.36 -35.73
N ASN E 141 -3.12 0.44 -36.49
CA ASN E 141 -2.64 0.98 -37.76
C ASN E 141 -1.38 1.82 -37.54
N HIS E 142 -1.36 2.60 -36.48
CA HIS E 142 -0.21 3.44 -36.17
C HIS E 142 1.03 2.61 -35.86
N ILE E 143 0.90 1.61 -35.00
CA ILE E 143 2.07 0.79 -34.65
C ILE E 143 2.55 -0.07 -35.85
N LEU E 144 1.62 -0.52 -36.70
CA LEU E 144 1.99 -1.23 -37.92
C LEU E 144 2.74 -0.35 -38.92
N LYS E 145 2.28 0.89 -39.10
CA LYS E 145 3.00 1.88 -39.93
C LYS E 145 4.38 2.21 -39.36
N THR E 146 4.47 2.33 -38.04
CA THR E 146 5.73 2.56 -37.38
C THR E 146 6.69 1.41 -37.63
N ARG E 147 6.21 0.18 -37.54
CA ARG E 147 7.04 -0.98 -37.83
C ARG E 147 7.52 -0.99 -39.29
N GLU E 148 6.65 -0.68 -40.23
CA GLU E 148 7.04 -0.56 -41.65
C GLU E 148 8.12 0.48 -41.86
N LYS E 149 8.00 1.63 -41.20
CA LYS E 149 8.99 2.70 -41.28
C LYS E 149 10.34 2.21 -40.75
N LEU E 150 10.35 1.59 -39.58
CA LEU E 150 11.56 1.04 -39.00
C LEU E 150 12.22 -0.01 -39.89
N ASN E 151 11.41 -0.93 -40.41
CA ASN E 151 11.91 -2.02 -41.24
C ASN E 151 12.49 -1.52 -42.55
N ARG E 152 11.83 -0.54 -43.17
CA ARG E 152 12.31 0.07 -44.40
C ARG E 152 13.67 0.71 -44.18
N ILE E 153 13.82 1.49 -43.12
CA ILE E 153 15.10 2.14 -42.83
C ILE E 153 16.17 1.11 -42.50
N LEU E 154 15.82 0.10 -41.70
CA LEU E 154 16.78 -0.96 -41.38
C LEU E 154 17.23 -1.72 -42.64
N SER E 155 16.31 -1.96 -43.56
CA SER E 155 16.63 -2.56 -44.85
C SER E 155 17.67 -1.73 -45.63
N GLU E 156 17.44 -0.43 -45.71
CA GLU E 156 18.39 0.50 -46.36
C GLU E 156 19.76 0.52 -45.67
N ARG E 157 19.78 0.43 -44.36
CA ARG E 157 21.00 0.48 -43.60
C ARG E 157 21.81 -0.78 -43.52
N THR E 158 21.16 -1.92 -43.64
CA THR E 158 21.79 -3.23 -43.55
C THR E 158 22.04 -3.89 -44.90
N GLY E 159 21.27 -3.51 -45.92
CA GLY E 159 21.25 -4.25 -47.17
C GLY E 159 20.35 -5.49 -47.17
N GLN E 160 19.65 -5.78 -46.07
CA GLN E 160 18.71 -6.91 -46.04
C GLN E 160 17.39 -6.47 -46.62
N SER E 161 16.65 -7.43 -47.19
CA SER E 161 15.31 -7.10 -47.70
C SER E 161 14.33 -6.82 -46.54
N ILE E 162 13.29 -6.06 -46.84
CA ILE E 162 12.21 -5.80 -45.90
C ILE E 162 11.56 -7.11 -45.42
N GLU E 163 11.41 -8.08 -46.33
CA GLU E 163 10.79 -9.36 -45.96
C GLU E 163 11.65 -10.11 -44.95
N LYS E 164 12.97 -10.09 -45.14
CA LYS E 164 13.86 -10.73 -44.18
C LYS E 164 13.85 -10.01 -42.82
N ILE E 165 13.88 -8.68 -42.83
CA ILE E 165 13.83 -7.89 -41.58
C ILE E 165 12.55 -8.24 -40.80
N GLN E 166 11.41 -8.26 -41.50
CA GLN E 166 10.11 -8.61 -40.89
C GLN E 166 10.14 -9.96 -40.18
N LYS E 167 10.65 -10.97 -40.89
CA LYS E 167 10.78 -12.32 -40.35
C LYS E 167 11.74 -12.36 -39.15
N ASP E 168 12.88 -11.70 -39.27
CA ASP E 168 13.91 -11.76 -38.22
C ASP E 168 13.63 -10.94 -36.97
N THR E 169 12.65 -10.03 -37.05
CA THR E 169 12.25 -9.20 -35.91
C THR E 169 10.90 -9.63 -35.30
N ASP E 170 10.35 -10.74 -35.77
CA ASP E 170 9.05 -11.21 -35.30
C ASP E 170 9.09 -11.50 -33.79
N ARG E 171 10.18 -12.08 -33.34
CA ARG E 171 10.46 -12.25 -31.93
C ARG E 171 11.87 -11.77 -31.62
N ASP E 172 12.19 -11.69 -30.33
CA ASP E 172 13.51 -11.30 -29.86
C ASP E 172 14.58 -12.14 -30.55
N ASN E 173 15.51 -11.46 -31.20
CA ASN E 173 16.57 -12.08 -31.96
C ASN E 173 17.89 -11.48 -31.47
N PHE E 174 18.64 -12.29 -30.73
CA PHE E 174 19.93 -11.91 -30.15
C PHE E 174 21.04 -12.25 -31.13
N LEU E 175 21.92 -11.28 -31.39
CA LEU E 175 23.06 -11.48 -32.27
C LEU E 175 24.34 -11.21 -31.50
N THR E 176 25.37 -12.01 -31.78
CA THR E 176 26.74 -11.67 -31.39
C THR E 176 27.24 -10.49 -32.24
N ALA E 177 28.33 -9.88 -31.82
CA ALA E 177 28.94 -8.80 -32.62
C ALA E 177 29.25 -9.25 -34.04
N GLU E 178 29.81 -10.45 -34.17
CA GLU E 178 30.14 -11.01 -35.49
C GLU E 178 28.88 -11.25 -36.34
N GLU E 179 27.82 -11.76 -35.72
CA GLU E 179 26.54 -11.93 -36.43
C GLU E 179 25.93 -10.59 -36.82
N ALA E 180 26.08 -9.57 -35.99
CA ALA E 180 25.60 -8.21 -36.33
C ALA E 180 26.35 -7.65 -37.56
N LYS E 181 27.64 -7.94 -37.66
CA LYS E 181 28.42 -7.58 -38.83
C LYS E 181 27.93 -8.31 -40.08
N GLU E 182 27.77 -9.62 -39.99
CA GLU E 182 27.22 -10.41 -41.09
C GLU E 182 25.84 -9.95 -41.52
N TYR E 183 25.03 -9.52 -40.55
CA TYR E 183 23.70 -8.99 -40.83
C TYR E 183 23.72 -7.63 -41.53
N GLY E 184 24.79 -6.85 -41.36
CA GLY E 184 24.89 -5.49 -41.90
C GLY E 184 24.50 -4.39 -40.92
N LEU E 185 24.32 -4.72 -39.64
CA LEU E 185 24.01 -3.71 -38.61
C LEU E 185 25.25 -2.89 -38.25
N ILE E 186 26.41 -3.53 -38.33
CA ILE E 186 27.70 -2.88 -38.13
C ILE E 186 28.61 -3.26 -39.30
N ASP E 187 29.71 -2.55 -39.40
CA ASP E 187 30.71 -2.77 -40.46
C ASP E 187 31.89 -3.59 -39.97
N GLU E 188 32.26 -3.47 -38.70
CA GLU E 188 33.44 -4.11 -38.20
C GLU E 188 33.37 -4.45 -36.71
N VAL E 189 33.93 -5.60 -36.35
CA VAL E 189 34.18 -5.93 -34.95
C VAL E 189 35.62 -5.54 -34.63
N MET E 190 35.82 -4.65 -33.65
CA MET E 190 37.17 -4.26 -33.23
C MET E 190 37.75 -5.32 -32.30
N VAL E 191 38.66 -6.13 -32.82
CA VAL E 191 39.32 -7.19 -32.04
C VAL E 191 40.47 -6.55 -31.26
N PRO E 192 40.73 -7.02 -30.02
CA PRO E 192 41.90 -6.45 -29.32
C PRO E 192 43.25 -6.87 -29.92
N LEU F 3 23.84 13.66 -15.91
CA LEU F 3 22.85 13.47 -17.01
C LEU F 3 23.02 14.53 -18.08
N ILE F 4 23.14 15.82 -17.71
CA ILE F 4 23.27 16.93 -18.68
C ILE F 4 24.72 17.39 -18.73
N PRO F 5 25.40 17.24 -19.88
CA PRO F 5 26.81 17.61 -19.93
C PRO F 5 27.07 19.12 -19.88
N THR F 6 28.27 19.48 -19.45
CA THR F 6 28.77 20.85 -19.44
C THR F 6 29.76 21.10 -20.58
N VAL F 7 29.70 22.30 -21.15
CA VAL F 7 30.68 22.77 -22.14
C VAL F 7 31.34 24.05 -21.65
N ILE F 8 32.63 24.23 -21.95
CA ILE F 8 33.35 25.45 -21.60
C ILE F 8 33.91 26.11 -22.81
N ALA F 17 31.26 28.42 -18.11
CA ALA F 17 30.77 27.05 -18.05
C ALA F 17 29.23 27.07 -18.22
N TYR F 18 28.76 26.33 -19.21
CA TYR F 18 27.35 26.19 -19.58
C TYR F 18 26.96 24.71 -19.54
N ASP F 19 25.80 24.38 -19.00
CA ASP F 19 25.14 23.11 -19.38
C ASP F 19 24.75 23.20 -20.88
N ILE F 20 24.56 22.04 -21.51
CA ILE F 20 24.36 21.99 -22.96
C ILE F 20 23.15 22.82 -23.43
N TYR F 21 22.06 22.80 -22.66
CA TYR F 21 20.85 23.53 -23.04
C TYR F 21 21.05 25.04 -22.98
N SER F 22 21.75 25.51 -21.96
CA SER F 22 22.12 26.92 -21.85
C SER F 22 23.05 27.35 -22.98
N ARG F 23 23.95 26.46 -23.38
CA ARG F 23 24.81 26.74 -24.52
C ARG F 23 24.00 26.94 -25.80
N LEU F 24 23.00 26.07 -26.01
CA LEU F 24 22.11 26.22 -27.17
C LEU F 24 21.30 27.52 -27.09
N LEU F 25 20.86 27.89 -25.90
CA LEU F 25 20.10 29.12 -25.71
C LEU F 25 20.91 30.37 -26.09
N LYS F 26 22.22 30.34 -25.81
CA LYS F 26 23.13 31.40 -26.24
C LYS F 26 23.06 31.62 -27.77
N ASP F 27 22.87 30.54 -28.55
CA ASP F 27 22.65 30.63 -30.00
C ASP F 27 21.17 30.67 -30.42
N ARG F 28 20.29 31.10 -29.49
CA ARG F 28 18.88 31.33 -29.77
C ARG F 28 18.06 30.08 -30.11
N ILE F 29 18.50 28.94 -29.59
CA ILE F 29 17.78 27.68 -29.73
C ILE F 29 17.11 27.35 -28.39
N ILE F 30 15.79 27.18 -28.43
CA ILE F 30 15.00 26.77 -27.27
C ILE F 30 14.53 25.34 -27.49
N MET F 31 14.66 24.49 -26.48
CA MET F 31 14.25 23.08 -26.57
C MET F 31 12.94 22.86 -25.83
N LEU F 32 11.88 22.54 -26.56
CA LEU F 32 10.63 22.05 -25.98
C LEU F 32 10.64 20.54 -26.18
N GLY F 33 11.17 19.84 -25.20
CA GLY F 33 11.43 18.41 -25.31
C GLY F 33 10.70 17.53 -24.30
N SER F 34 9.56 18.01 -23.80
CA SER F 34 8.81 17.24 -22.82
C SER F 34 7.33 17.53 -22.92
N GLN F 35 6.56 16.88 -22.07
CA GLN F 35 5.16 17.19 -21.85
C GLN F 35 5.03 18.67 -21.49
N ILE F 36 4.01 19.31 -22.02
CA ILE F 36 3.78 20.74 -21.78
C ILE F 36 2.92 20.88 -20.53
N ASP F 37 3.52 21.39 -19.46
CA ASP F 37 2.79 21.79 -18.27
C ASP F 37 3.17 23.23 -17.96
N ASP F 38 2.64 23.77 -16.86
CA ASP F 38 2.90 25.16 -16.50
C ASP F 38 4.38 25.50 -16.31
N ASN F 39 5.14 24.60 -15.69
CA ASN F 39 6.58 24.80 -15.50
C ASN F 39 7.34 24.92 -16.80
N VAL F 40 7.04 24.01 -17.73
CA VAL F 40 7.65 24.04 -19.04
C VAL F 40 7.28 25.32 -19.77
N ALA F 41 6.00 25.71 -19.72
CA ALA F 41 5.56 26.94 -20.36
C ALA F 41 6.26 28.16 -19.78
N ASN F 42 6.34 28.25 -18.46
CA ASN F 42 7.01 29.37 -17.81
C ASN F 42 8.47 29.49 -18.22
N SER F 43 9.15 28.35 -18.33
CA SER F 43 10.53 28.34 -18.74
C SER F 43 10.67 28.81 -20.20
N ILE F 44 9.82 28.29 -21.08
CA ILE F 44 9.88 28.67 -22.49
C ILE F 44 9.49 30.12 -22.71
N VAL F 45 8.47 30.59 -22.01
CA VAL F 45 8.09 32.00 -22.07
C VAL F 45 9.27 32.87 -21.63
N SER F 46 9.92 32.52 -20.53
CA SER F 46 11.08 33.27 -20.04
C SER F 46 12.22 33.32 -21.04
N GLN F 47 12.49 32.18 -21.68
CA GLN F 47 13.53 32.12 -22.70
C GLN F 47 13.20 33.00 -23.91
N LEU F 48 11.95 32.99 -24.33
CA LEU F 48 11.51 33.84 -25.43
C LEU F 48 11.68 35.33 -25.11
N LEU F 49 11.29 35.72 -23.90
CA LEU F 49 11.43 37.11 -23.47
C LEU F 49 12.90 37.52 -23.35
N PHE F 50 13.73 36.62 -22.82
CA PHE F 50 15.16 36.86 -22.74
C PHE F 50 15.76 37.05 -24.13
N LEU F 51 15.43 36.16 -25.06
CA LEU F 51 15.99 36.24 -26.40
C LEU F 51 15.57 37.49 -27.16
N GLN F 52 14.30 37.88 -27.03
CA GLN F 52 13.84 39.14 -27.63
C GLN F 52 14.61 40.35 -27.08
N ALA F 53 14.85 40.37 -25.78
CA ALA F 53 15.62 41.44 -25.16
C ALA F 53 17.08 41.47 -25.60
N GLN F 54 17.68 40.29 -25.80
CA GLN F 54 19.05 40.20 -26.32
C GLN F 54 19.14 40.74 -27.75
N ASP F 55 18.16 40.39 -28.58
CA ASP F 55 18.13 40.84 -29.97
C ASP F 55 16.71 40.70 -30.52
N SER F 56 16.06 41.84 -30.76
CA SER F 56 14.67 41.84 -31.20
C SER F 56 14.47 41.50 -32.69
N GLU F 57 15.55 41.38 -33.45
CA GLU F 57 15.48 41.15 -34.91
C GLU F 57 15.91 39.75 -35.34
N LYS F 58 16.82 39.12 -34.61
CA LYS F 58 17.33 37.80 -35.00
C LYS F 58 16.29 36.71 -34.72
N ASP F 59 16.19 35.76 -35.65
CA ASP F 59 15.31 34.61 -35.51
C ASP F 59 15.62 33.80 -34.24
N ILE F 60 14.58 33.17 -33.72
CA ILE F 60 14.68 32.21 -32.63
C ILE F 60 14.32 30.84 -33.23
N TYR F 61 14.95 29.79 -32.69
CA TYR F 61 14.73 28.43 -33.16
C TYR F 61 14.12 27.57 -32.04
N LEU F 62 12.88 27.15 -32.24
CA LEU F 62 12.16 26.32 -31.25
C LEU F 62 12.10 24.87 -31.73
N TYR F 63 12.84 24.02 -31.02
CA TYR F 63 12.83 22.57 -31.23
C TYR F 63 11.64 21.97 -30.51
N ILE F 64 10.88 21.12 -31.19
CA ILE F 64 9.69 20.49 -30.60
C ILE F 64 9.79 18.98 -30.72
N ASN F 65 9.90 18.34 -29.56
CA ASN F 65 9.74 16.90 -29.40
C ASN F 65 8.87 16.72 -28.16
N SER F 66 7.55 16.68 -28.37
CA SER F 66 6.61 16.77 -27.27
C SER F 66 5.33 16.00 -27.56
N PRO F 67 4.83 15.23 -26.57
CA PRO F 67 3.51 14.59 -26.68
C PRO F 67 2.33 15.53 -26.40
N GLY F 68 2.60 16.80 -26.13
CA GLY F 68 1.55 17.76 -25.84
C GLY F 68 1.41 17.95 -24.35
N GLY F 69 0.19 18.27 -23.90
CA GLY F 69 -0.08 18.49 -22.48
C GLY F 69 -1.12 19.59 -22.32
N SER F 70 -0.95 20.42 -21.30
CA SER F 70 -1.93 21.42 -20.92
C SER F 70 -2.20 22.42 -22.05
N VAL F 71 -3.47 22.64 -22.35
CA VAL F 71 -3.89 23.58 -23.36
C VAL F 71 -3.53 25.03 -22.99
N THR F 72 -3.81 25.41 -21.74
CA THR F 72 -3.54 26.78 -21.29
C THR F 72 -2.03 27.04 -21.25
N ALA F 73 -1.25 26.05 -20.83
CA ALA F 73 0.21 26.17 -20.88
C ALA F 73 0.69 26.32 -22.32
N GLY F 74 0.11 25.54 -23.23
CA GLY F 74 0.41 25.67 -24.65
C GLY F 74 0.08 27.06 -25.18
N PHE F 75 -1.05 27.61 -24.75
CA PHE F 75 -1.41 28.96 -25.15
C PHE F 75 -0.53 30.05 -24.56
N ALA F 76 0.04 29.83 -23.39
CA ALA F 76 1.06 30.73 -22.86
C ALA F 76 2.23 30.85 -23.84
N ILE F 77 2.67 29.71 -24.36
CA ILE F 77 3.78 29.68 -25.31
C ILE F 77 3.33 30.30 -26.64
N TYR F 78 2.18 29.87 -27.14
CA TYR F 78 1.64 30.37 -28.40
C TYR F 78 1.54 31.89 -28.42
N ASP F 79 0.89 32.47 -27.41
CA ASP F 79 0.70 33.92 -27.36
C ASP F 79 2.02 34.66 -27.20
N THR F 80 2.98 34.09 -26.48
CA THR F 80 4.28 34.73 -26.32
C THR F 80 5.03 34.74 -27.66
N ILE F 81 4.97 33.63 -28.39
CA ILE F 81 5.53 33.58 -29.74
C ILE F 81 4.96 34.71 -30.61
N GLN F 82 3.64 34.84 -30.64
CA GLN F 82 3.03 35.87 -31.49
C GLN F 82 3.32 37.28 -30.99
N HIS F 83 3.48 37.45 -29.68
CA HIS F 83 3.69 38.76 -29.08
C HIS F 83 5.06 39.37 -29.39
N ILE F 84 6.11 38.55 -29.36
CA ILE F 84 7.47 39.06 -29.50
C ILE F 84 7.77 39.42 -30.96
N LYS F 85 8.79 40.26 -31.14
CA LYS F 85 9.15 40.75 -32.47
C LYS F 85 9.89 39.73 -33.33
N PRO F 86 10.88 39.01 -32.76
CA PRO F 86 11.59 38.03 -33.60
C PRO F 86 10.69 36.93 -34.15
N ASP F 87 10.97 36.49 -35.38
CA ASP F 87 10.37 35.29 -35.93
C ASP F 87 10.82 34.08 -35.11
N VAL F 88 9.88 33.18 -34.82
CA VAL F 88 10.20 31.94 -34.14
C VAL F 88 10.03 30.82 -35.14
N GLN F 89 11.15 30.23 -35.54
CA GLN F 89 11.14 29.08 -36.41
C GLN F 89 10.83 27.86 -35.54
N THR F 90 10.11 26.90 -36.11
CA THR F 90 9.77 25.66 -35.38
C THR F 90 10.25 24.47 -36.18
N ILE F 91 10.73 23.46 -35.46
CA ILE F 91 11.08 22.21 -36.08
C ILE F 91 10.57 21.05 -35.24
N CYS F 92 9.96 20.08 -35.90
CA CYS F 92 9.57 18.84 -35.25
C CYS F 92 10.65 17.79 -35.48
N ILE F 93 11.20 17.32 -34.38
CA ILE F 93 12.17 16.24 -34.36
C ILE F 93 11.60 15.21 -33.38
N GLY F 94 11.41 13.99 -33.85
CA GLY F 94 10.81 12.94 -33.04
C GLY F 94 9.30 12.93 -33.18
N MET F 95 8.63 13.72 -32.34
CA MET F 95 7.17 13.75 -32.32
C MET F 95 6.66 15.13 -31.91
N ALA F 96 5.59 15.57 -32.54
CA ALA F 96 4.80 16.70 -32.03
C ALA F 96 3.35 16.22 -32.03
N ALA F 97 2.79 16.02 -30.84
CA ALA F 97 1.42 15.55 -30.69
C ALA F 97 0.61 16.58 -29.94
N SER F 98 -0.66 16.71 -30.31
CA SER F 98 -1.64 17.51 -29.59
C SER F 98 -1.17 18.96 -29.49
N MET F 99 -1.05 19.55 -28.29
CA MET F 99 -0.56 20.93 -28.19
C MET F 99 0.84 21.11 -28.77
N GLY F 100 1.64 20.05 -28.83
CA GLY F 100 2.94 20.08 -29.47
C GLY F 100 2.83 20.39 -30.96
N SER F 101 1.88 19.74 -31.63
CA SER F 101 1.66 19.97 -33.05
C SER F 101 1.02 21.34 -33.29
N PHE F 102 0.21 21.81 -32.34
CA PHE F 102 -0.36 23.15 -32.40
C PHE F 102 0.76 24.21 -32.36
N LEU F 103 1.73 24.01 -31.47
CA LEU F 103 2.88 24.92 -31.38
C LEU F 103 3.80 24.84 -32.59
N LEU F 104 3.96 23.65 -33.15
CA LEU F 104 4.70 23.48 -34.40
C LEU F 104 4.10 24.36 -35.51
N ALA F 105 2.77 24.30 -35.64
CA ALA F 105 2.03 25.11 -36.60
C ALA F 105 2.04 26.61 -36.34
N ALA F 106 2.40 27.00 -35.11
CA ALA F 106 2.44 28.41 -34.68
C ALA F 106 3.72 29.15 -35.06
N GLY F 107 4.72 28.45 -35.59
CA GLY F 107 5.97 29.09 -36.00
C GLY F 107 5.76 30.08 -37.11
N ALA F 108 6.75 30.93 -37.33
CA ALA F 108 6.67 31.97 -38.37
C ALA F 108 6.38 31.32 -39.73
N LYS F 109 5.49 31.92 -40.50
CA LYS F 109 5.09 31.39 -41.81
C LYS F 109 6.32 31.28 -42.71
N GLY F 110 6.47 30.13 -43.35
CA GLY F 110 7.65 29.79 -44.12
C GLY F 110 8.81 29.19 -43.33
N LYS F 111 8.71 29.16 -42.00
CA LYS F 111 9.82 28.72 -41.16
C LYS F 111 9.38 27.64 -40.15
N ARG F 112 8.48 26.78 -40.59
CA ARG F 112 8.02 25.63 -39.81
C ARG F 112 8.49 24.39 -40.53
N PHE F 113 9.26 23.56 -39.83
CA PHE F 113 9.94 22.43 -40.43
C PHE F 113 9.70 21.13 -39.66
N ALA F 114 10.01 20.03 -40.32
CA ALA F 114 10.14 18.74 -39.65
C ALA F 114 11.25 17.96 -40.32
N LEU F 115 11.89 17.08 -39.57
CA LEU F 115 12.79 16.09 -40.14
C LEU F 115 11.97 14.93 -40.69
N PRO F 116 12.52 14.15 -41.64
CA PRO F 116 11.66 13.25 -42.47
C PRO F 116 10.90 12.17 -41.70
N ASN F 117 11.45 11.68 -40.61
CA ASN F 117 10.85 10.59 -39.83
C ASN F 117 10.13 11.07 -38.58
N ALA F 118 9.99 12.39 -38.45
CA ALA F 118 9.20 12.96 -37.37
C ALA F 118 7.73 12.63 -37.54
N GLU F 119 7.06 12.47 -36.41
CA GLU F 119 5.65 12.10 -36.36
C GLU F 119 4.87 13.31 -35.84
N VAL F 120 3.78 13.65 -36.52
CA VAL F 120 2.91 14.73 -36.08
C VAL F 120 1.54 14.09 -35.82
N MET F 121 0.94 14.41 -34.67
CA MET F 121 -0.39 13.89 -34.36
C MET F 121 -1.31 15.00 -33.95
N ILE F 122 -2.51 15.01 -34.51
CA ILE F 122 -3.54 15.97 -34.14
C ILE F 122 -4.76 15.22 -33.63
N HIS F 123 -5.42 15.80 -32.64
CA HIS F 123 -6.65 15.23 -32.07
C HIS F 123 -7.39 16.30 -31.27
N GLN F 124 -8.59 15.98 -30.83
CA GLN F 124 -9.38 16.93 -30.05
C GLN F 124 -8.89 16.96 -28.59
N PRO F 125 -9.15 18.08 -27.88
CA PRO F 125 -8.68 18.17 -26.49
C PRO F 125 -9.33 17.15 -25.56
N LEU F 126 -8.58 16.79 -24.52
CA LEU F 126 -9.00 15.82 -23.51
C LEU F 126 -9.23 16.56 -22.21
N GLY F 127 -10.14 16.05 -21.39
CA GLY F 127 -10.35 16.60 -20.07
C GLY F 127 -11.23 15.70 -19.22
N GLY F 128 -11.76 16.31 -18.16
CA GLY F 128 -12.57 15.61 -17.21
C GLY F 128 -13.47 16.57 -16.48
N ALA F 129 -14.50 16.01 -15.85
CA ALA F 129 -15.42 16.77 -15.04
C ALA F 129 -16.13 15.79 -14.13
N GLN F 130 -16.25 16.14 -12.86
CA GLN F 130 -17.12 15.40 -11.95
C GLN F 130 -17.85 16.36 -11.04
N GLY F 131 -19.01 15.92 -10.58
CA GLY F 131 -19.82 16.70 -9.64
C GLY F 131 -21.25 16.78 -10.13
N GLN F 132 -21.87 17.90 -9.82
CA GLN F 132 -23.29 18.10 -10.11
C GLN F 132 -23.49 18.30 -11.60
N ALA F 133 -24.71 18.01 -12.05
CA ALA F 133 -25.07 18.20 -13.46
C ALA F 133 -24.65 19.57 -14.03
N THR F 134 -24.93 20.64 -13.30
CA THR F 134 -24.60 22.00 -13.75
C THR F 134 -23.07 22.23 -13.81
N GLU F 135 -22.32 21.61 -12.91
CA GLU F 135 -20.85 21.67 -12.96
C GLU F 135 -20.32 20.91 -14.19
N ILE F 136 -20.91 19.77 -14.51
CA ILE F 136 -20.53 19.00 -15.69
C ILE F 136 -20.82 19.82 -16.96
N GLU F 137 -21.97 20.49 -16.97
CA GLU F 137 -22.37 21.35 -18.09
C GLU F 137 -21.35 22.48 -18.32
N ILE F 138 -20.94 23.14 -17.23
CA ILE F 138 -19.96 24.21 -17.30
C ILE F 138 -18.63 23.69 -17.87
N ALA F 139 -18.16 22.55 -17.38
CA ALA F 139 -16.93 21.94 -17.88
C ALA F 139 -17.04 21.54 -19.35
N ALA F 140 -18.18 20.98 -19.74
CA ALA F 140 -18.42 20.60 -21.13
C ALA F 140 -18.40 21.83 -22.06
N ASN F 141 -19.11 22.87 -21.67
CA ASN F 141 -19.14 24.12 -22.45
C ASN F 141 -17.72 24.71 -22.59
N HIS F 142 -16.96 24.67 -21.52
CA HIS F 142 -15.61 25.18 -21.52
C HIS F 142 -14.71 24.41 -22.49
N ILE F 143 -14.72 23.08 -22.42
CA ILE F 143 -13.87 22.28 -23.30
C ILE F 143 -14.31 22.39 -24.78
N LEU F 144 -15.61 22.52 -25.02
CA LEU F 144 -16.11 22.74 -26.39
C LEU F 144 -15.67 24.10 -26.95
N LYS F 145 -15.74 25.16 -26.13
CA LYS F 145 -15.21 26.47 -26.52
C LYS F 145 -13.69 26.44 -26.77
N THR F 146 -12.97 25.72 -25.93
CA THR F 146 -11.55 25.54 -26.10
C THR F 146 -11.24 24.86 -27.43
N ARG F 147 -12.00 23.81 -27.78
CA ARG F 147 -11.83 23.16 -29.05
C ARG F 147 -12.09 24.08 -30.24
N GLU F 148 -13.16 24.88 -30.16
CA GLU F 148 -13.45 25.87 -31.20
C GLU F 148 -12.30 26.86 -31.39
N LYS F 149 -11.74 27.33 -30.27
CA LYS F 149 -10.62 28.27 -30.30
C LYS F 149 -9.40 27.63 -30.98
N LEU F 150 -9.06 26.41 -30.58
CA LEU F 150 -7.94 25.69 -31.19
C LEU F 150 -8.14 25.46 -32.69
N ASN F 151 -9.35 25.04 -33.07
CA ASN F 151 -9.63 24.74 -34.47
C ASN F 151 -9.60 25.98 -35.34
N ARG F 152 -10.13 27.09 -34.82
CA ARG F 152 -10.11 28.35 -35.54
C ARG F 152 -8.66 28.79 -35.82
N ILE F 153 -7.81 28.74 -34.79
CA ILE F 153 -6.42 29.13 -34.96
C ILE F 153 -5.69 28.17 -35.92
N LEU F 154 -5.94 26.87 -35.76
CA LEU F 154 -5.34 25.88 -36.66
C LEU F 154 -5.76 26.10 -38.13
N SER F 155 -7.02 26.45 -38.33
CA SER F 155 -7.53 26.81 -39.65
C SER F 155 -6.76 27.99 -40.27
N GLU F 156 -6.57 29.05 -39.49
CA GLU F 156 -5.79 30.22 -39.91
C GLU F 156 -4.33 29.86 -40.22
N ARG F 157 -3.75 28.95 -39.48
CA ARG F 157 -2.36 28.63 -39.70
C ARG F 157 -2.04 27.59 -40.73
N THR F 158 -3.01 26.77 -41.03
CA THR F 158 -2.85 25.71 -42.03
C THR F 158 -3.46 26.06 -43.38
N GLY F 159 -4.44 26.96 -43.40
CA GLY F 159 -5.26 27.17 -44.59
C GLY F 159 -6.41 26.17 -44.78
N GLN F 160 -6.59 25.21 -43.86
CA GLN F 160 -7.70 24.27 -43.95
C GLN F 160 -8.94 24.91 -43.33
N SER F 161 -10.11 24.49 -43.79
CA SER F 161 -11.35 24.99 -43.21
C SER F 161 -11.55 24.43 -41.78
N ILE F 162 -12.31 25.18 -40.98
CA ILE F 162 -12.70 24.74 -39.66
C ILE F 162 -13.43 23.39 -39.70
N GLU F 163 -14.28 23.19 -40.71
CA GLU F 163 -15.04 21.94 -40.84
C GLU F 163 -14.10 20.76 -41.08
N LYS F 164 -13.08 20.96 -41.92
CA LYS F 164 -12.11 19.90 -42.14
C LYS F 164 -11.27 19.61 -40.89
N ILE F 165 -10.83 20.65 -40.18
CA ILE F 165 -10.06 20.48 -38.94
C ILE F 165 -10.89 19.65 -37.93
N GLN F 166 -12.15 20.03 -37.76
CA GLN F 166 -13.09 19.32 -36.86
C GLN F 166 -13.16 17.83 -37.16
N LYS F 167 -13.38 17.51 -38.43
CA LYS F 167 -13.45 16.13 -38.89
C LYS F 167 -12.12 15.40 -38.68
N ASP F 168 -11.01 16.03 -39.02
CA ASP F 168 -9.70 15.37 -38.96
C ASP F 168 -9.12 15.21 -37.54
N THR F 169 -9.68 15.92 -36.56
CA THR F 169 -9.25 15.83 -35.17
C THR F 169 -10.23 15.07 -34.27
N ASP F 170 -11.26 14.46 -34.88
CA ASP F 170 -12.28 13.74 -34.13
C ASP F 170 -11.67 12.58 -33.36
N ARG F 171 -10.72 11.89 -33.97
CA ARG F 171 -9.90 10.90 -33.30
C ARG F 171 -8.43 11.16 -33.62
N ASP F 172 -7.56 10.43 -32.92
CA ASP F 172 -6.12 10.50 -33.14
C ASP F 172 -5.80 10.33 -34.62
N ASN F 173 -5.10 11.32 -35.16
CA ASN F 173 -4.75 11.36 -36.56
C ASN F 173 -3.24 11.58 -36.65
N PHE F 174 -2.53 10.52 -37.02
CA PHE F 174 -1.09 10.51 -37.15
C PHE F 174 -0.69 10.92 -38.56
N LEU F 175 0.23 11.87 -38.69
CA LEU F 175 0.72 12.32 -39.98
C LEU F 175 2.23 12.11 -40.05
N THR F 176 2.71 11.70 -41.21
CA THR F 176 4.13 11.76 -41.51
C THR F 176 4.54 13.24 -41.70
N ALA F 177 5.84 13.51 -41.70
CA ALA F 177 6.33 14.86 -41.95
C ALA F 177 5.81 15.41 -43.28
N GLU F 178 5.85 14.58 -44.32
CA GLU F 178 5.36 14.99 -45.64
C GLU F 178 3.85 15.28 -45.63
N GLU F 179 3.08 14.44 -44.94
CA GLU F 179 1.64 14.70 -44.80
C GLU F 179 1.35 15.97 -43.99
N ALA F 180 2.17 16.24 -42.97
CA ALA F 180 2.04 17.50 -42.22
C ALA F 180 2.29 18.72 -43.10
N LYS F 181 3.24 18.62 -44.01
CA LYS F 181 3.49 19.67 -44.99
C LYS F 181 2.29 19.87 -45.92
N GLU F 182 1.79 18.79 -46.49
CA GLU F 182 0.60 18.84 -47.34
C GLU F 182 -0.62 19.40 -46.60
N TYR F 183 -0.73 19.09 -45.32
CA TYR F 183 -1.80 19.61 -44.50
C TYR F 183 -1.69 21.12 -44.20
N GLY F 184 -0.46 21.66 -44.24
CA GLY F 184 -0.20 23.06 -43.89
C GLY F 184 0.25 23.29 -42.45
N LEU F 185 0.57 22.22 -41.72
CA LEU F 185 1.08 22.33 -40.35
C LEU F 185 2.53 22.81 -40.33
N ILE F 186 3.28 22.41 -41.36
CA ILE F 186 4.63 22.87 -41.56
C ILE F 186 4.76 23.33 -43.01
N ASP F 187 5.87 24.02 -43.28
CA ASP F 187 6.17 24.53 -44.61
C ASP F 187 7.13 23.66 -45.39
N GLU F 188 8.02 22.95 -44.70
CA GLU F 188 9.06 22.18 -45.39
C GLU F 188 9.54 20.99 -44.56
N VAL F 189 9.84 19.89 -45.25
CA VAL F 189 10.57 18.78 -44.68
C VAL F 189 12.03 18.96 -45.04
N MET F 190 12.91 19.05 -44.03
CA MET F 190 14.35 19.14 -44.28
C MET F 190 14.91 17.75 -44.55
N VAL F 191 15.23 17.49 -45.81
CA VAL F 191 15.84 16.21 -46.24
C VAL F 191 17.35 16.31 -45.97
N PRO F 192 17.99 15.20 -45.54
CA PRO F 192 19.42 15.33 -45.23
C PRO F 192 20.29 15.48 -46.48
N GLU F 193 21.34 16.30 -46.37
CA GLU F 193 22.35 16.49 -47.45
C GLU F 193 23.43 15.41 -47.37
N ILE G 4 16.21 24.03 -15.67
CA ILE G 4 16.18 25.51 -15.75
C ILE G 4 17.49 26.01 -16.37
N PRO G 5 17.42 26.63 -17.57
CA PRO G 5 18.65 27.01 -18.25
C PRO G 5 19.40 28.18 -17.60
N THR G 6 20.70 28.24 -17.83
CA THR G 6 21.58 29.31 -17.38
C THR G 6 21.94 30.30 -18.50
N TYR G 18 23.46 33.35 -14.20
CA TYR G 18 22.08 33.42 -13.74
C TYR G 18 21.29 32.24 -14.29
N ASP G 19 20.45 31.62 -13.46
CA ASP G 19 19.32 30.85 -14.01
C ASP G 19 18.34 31.84 -14.71
N ILE G 20 17.52 31.34 -15.62
CA ILE G 20 16.69 32.21 -16.46
C ILE G 20 15.73 33.10 -15.63
N TYR G 21 15.18 32.57 -14.54
CA TYR G 21 14.24 33.34 -13.71
C TYR G 21 14.94 34.48 -12.97
N SER G 22 16.13 34.22 -12.47
CA SER G 22 16.96 35.25 -11.85
C SER G 22 17.37 36.32 -12.85
N ARG G 23 17.63 35.92 -14.09
CA ARG G 23 17.94 36.88 -15.14
C ARG G 23 16.76 37.81 -15.39
N LEU G 24 15.54 37.25 -15.43
CA LEU G 24 14.34 38.07 -15.59
C LEU G 24 14.13 39.00 -14.39
N LEU G 25 14.42 38.51 -13.18
CA LEU G 25 14.28 39.33 -11.98
C LEU G 25 15.20 40.56 -12.00
N LYS G 26 16.39 40.40 -12.56
CA LYS G 26 17.32 41.54 -12.78
C LYS G 26 16.65 42.66 -13.59
N ASP G 27 15.78 42.31 -14.55
CA ASP G 27 14.97 43.29 -15.29
C ASP G 27 13.56 43.54 -14.70
N ARG G 28 13.40 43.26 -13.41
CA ARG G 28 12.18 43.56 -12.66
C ARG G 28 10.93 42.77 -13.10
N ILE G 29 11.16 41.58 -13.64
CA ILE G 29 10.09 40.66 -14.00
C ILE G 29 10.03 39.53 -12.96
N ILE G 30 8.87 39.37 -12.35
CA ILE G 30 8.61 38.29 -11.39
C ILE G 30 7.64 37.31 -12.05
N MET G 31 7.96 36.02 -11.98
CA MET G 31 7.14 34.96 -12.59
C MET G 31 6.31 34.24 -11.51
N LEU G 32 5.00 34.41 -11.56
CA LEU G 32 4.09 33.62 -10.75
C LEU G 32 3.50 32.57 -11.70
N GLY G 33 4.17 31.43 -11.77
CA GLY G 33 3.89 30.42 -12.77
C GLY G 33 3.45 29.07 -12.21
N SER G 34 2.88 29.06 -11.01
CA SER G 34 2.47 27.82 -10.39
C SER G 34 1.30 28.04 -9.46
N GLN G 35 0.85 26.95 -8.85
CA GLN G 35 -0.12 27.01 -7.76
C GLN G 35 0.41 27.90 -6.65
N ILE G 36 -0.47 28.70 -6.06
CA ILE G 36 -0.09 29.63 -5.02
C ILE G 36 -0.18 28.92 -3.67
N ASP G 37 0.96 28.66 -3.07
CA ASP G 37 1.02 28.17 -1.68
C ASP G 37 1.94 29.12 -0.92
N ASP G 38 2.17 28.82 0.35
CA ASP G 38 2.99 29.69 1.20
C ASP G 38 4.41 29.90 0.68
N ASN G 39 5.04 28.85 0.16
CA ASN G 39 6.40 28.95 -0.42
C ASN G 39 6.46 29.91 -1.59
N VAL G 40 5.50 29.79 -2.49
CA VAL G 40 5.43 30.66 -3.64
C VAL G 40 5.19 32.11 -3.18
N ALA G 41 4.27 32.30 -2.23
CA ALA G 41 4.01 33.64 -1.71
C ALA G 41 5.24 34.26 -1.07
N ASN G 42 5.94 33.49 -0.25
CA ASN G 42 7.15 33.97 0.41
C ASN G 42 8.21 34.40 -0.58
N SER G 43 8.37 33.63 -1.65
CA SER G 43 9.33 33.94 -2.68
C SER G 43 8.93 35.23 -3.43
N ILE G 44 7.66 35.34 -3.79
CA ILE G 44 7.19 36.53 -4.50
C ILE G 44 7.25 37.78 -3.63
N VAL G 45 6.86 37.65 -2.37
CA VAL G 45 6.97 38.75 -1.42
C VAL G 45 8.44 39.21 -1.32
N SER G 46 9.37 38.27 -1.20
CA SER G 46 10.78 38.59 -1.12
C SER G 46 11.30 39.30 -2.37
N GLN G 47 10.86 38.84 -3.54
CA GLN G 47 11.24 39.47 -4.80
C GLN G 47 10.70 40.90 -4.90
N LEU G 48 9.47 41.12 -4.46
CA LEU G 48 8.88 42.46 -4.46
C LEU G 48 9.66 43.40 -3.54
N LEU G 49 10.03 42.93 -2.35
CA LEU G 49 10.79 43.74 -1.41
C LEU G 49 12.19 44.04 -1.94
N PHE G 50 12.82 43.04 -2.56
CA PHE G 50 14.12 43.24 -3.17
C PHE G 50 14.04 44.30 -4.29
N LEU G 51 13.05 44.17 -5.16
CA LEU G 51 12.93 45.10 -6.27
C LEU G 51 12.64 46.54 -5.84
N GLN G 52 11.79 46.71 -4.83
CA GLN G 52 11.54 48.04 -4.27
C GLN G 52 12.84 48.66 -3.72
N ALA G 53 13.64 47.86 -3.02
CA ALA G 53 14.92 48.33 -2.47
C ALA G 53 15.93 48.68 -3.56
N GLN G 54 15.94 47.93 -4.67
CA GLN G 54 16.79 48.24 -5.81
C GLN G 54 16.39 49.56 -6.46
N ASP G 55 15.09 49.78 -6.62
CA ASP G 55 14.57 51.00 -7.24
C ASP G 55 13.10 51.18 -6.85
N SER G 56 12.82 52.19 -6.02
CA SER G 56 11.48 52.40 -5.51
C SER G 56 10.52 53.08 -6.52
N GLU G 57 11.02 53.52 -7.68
CA GLU G 57 10.23 54.24 -8.66
C GLU G 57 9.93 53.45 -9.93
N LYS G 58 10.81 52.54 -10.34
CA LYS G 58 10.63 51.80 -11.58
C LYS G 58 9.53 50.72 -11.42
N ASP G 59 8.73 50.57 -12.46
CA ASP G 59 7.69 49.57 -12.50
C ASP G 59 8.25 48.15 -12.32
N ILE G 60 7.42 47.29 -11.76
CA ILE G 60 7.68 45.87 -11.65
C ILE G 60 6.66 45.16 -12.56
N TYR G 61 7.08 44.04 -13.14
CA TYR G 61 6.25 43.27 -14.05
C TYR G 61 5.98 41.89 -13.47
N LEU G 62 4.71 41.62 -13.13
CA LEU G 62 4.29 40.33 -12.57
C LEU G 62 3.56 39.50 -13.62
N TYR G 63 4.22 38.44 -14.07
CA TYR G 63 3.66 37.45 -14.98
C TYR G 63 2.81 36.45 -14.19
N ILE G 64 1.60 36.20 -14.66
CA ILE G 64 0.68 35.28 -13.98
C ILE G 64 0.22 34.20 -14.93
N ASN G 65 0.65 32.97 -14.63
CA ASN G 65 0.13 31.76 -15.23
C ASN G 65 -0.08 30.79 -14.07
N SER G 66 -1.27 30.82 -13.48
CA SER G 66 -1.51 30.15 -12.22
C SER G 66 -2.96 29.67 -12.10
N PRO G 67 -3.16 28.42 -11.62
CA PRO G 67 -4.49 27.92 -11.31
C PRO G 67 -5.04 28.43 -9.96
N GLY G 68 -4.29 29.24 -9.24
CA GLY G 68 -4.73 29.76 -7.95
C GLY G 68 -4.12 28.97 -6.83
N GLY G 69 -4.81 28.93 -5.70
CA GLY G 69 -4.34 28.21 -4.52
C GLY G 69 -4.77 28.90 -3.24
N SER G 70 -3.89 28.90 -2.25
CA SER G 70 -4.21 29.38 -0.91
C SER G 70 -4.61 30.86 -0.92
N VAL G 71 -5.74 31.15 -0.28
CA VAL G 71 -6.24 32.52 -0.16
C VAL G 71 -5.31 33.40 0.69
N THR G 72 -4.84 32.89 1.82
CA THR G 72 -3.96 33.67 2.70
C THR G 72 -2.61 33.93 2.02
N ALA G 73 -2.10 32.92 1.30
CA ALA G 73 -0.88 33.12 0.52
C ALA G 73 -1.10 34.18 -0.57
N GLY G 74 -2.24 34.13 -1.24
CA GLY G 74 -2.59 35.14 -2.21
C GLY G 74 -2.66 36.53 -1.60
N PHE G 75 -3.21 36.63 -0.39
CA PHE G 75 -3.25 37.91 0.29
C PHE G 75 -1.90 38.43 0.76
N ALA G 76 -0.96 37.53 1.05
CA ALA G 76 0.41 37.94 1.30
C ALA G 76 0.97 38.71 0.10
N ILE G 77 0.73 38.18 -1.09
CA ILE G 77 1.20 38.81 -2.32
C ILE G 77 0.42 40.11 -2.56
N TYR G 78 -0.90 40.04 -2.47
CA TYR G 78 -1.76 41.20 -2.68
C TYR G 78 -1.34 42.39 -1.81
N ASP G 79 -1.24 42.16 -0.51
CA ASP G 79 -0.91 43.24 0.42
C ASP G 79 0.49 43.79 0.18
N THR G 80 1.44 42.92 -0.21
CA THR G 80 2.79 43.38 -0.48
C THR G 80 2.81 44.25 -1.73
N ILE G 81 2.06 43.86 -2.77
CA ILE G 81 1.91 44.70 -3.96
C ILE G 81 1.41 46.09 -3.58
N GLN G 82 0.35 46.18 -2.80
CA GLN G 82 -0.19 47.46 -2.42
C GLN G 82 0.72 48.25 -1.49
N HIS G 83 1.50 47.57 -0.67
CA HIS G 83 2.37 48.21 0.30
C HIS G 83 3.57 48.94 -0.33
N ILE G 84 4.18 48.33 -1.35
CA ILE G 84 5.39 48.87 -1.93
C ILE G 84 5.09 50.09 -2.82
N LYS G 85 6.12 50.90 -3.04
CA LYS G 85 5.97 52.14 -3.82
C LYS G 85 5.86 51.90 -5.33
N PRO G 86 6.70 51.04 -5.92
CA PRO G 86 6.59 50.85 -7.36
C PRO G 86 5.22 50.31 -7.81
N ASP G 87 4.76 50.74 -8.97
CA ASP G 87 3.62 50.14 -9.64
C ASP G 87 3.96 48.71 -10.03
N VAL G 88 3.03 47.78 -9.80
CA VAL G 88 3.20 46.41 -10.25
C VAL G 88 2.23 46.17 -11.38
N GLN G 89 2.79 46.01 -12.58
CA GLN G 89 1.99 45.67 -13.74
C GLN G 89 1.74 44.16 -13.69
N THR G 90 0.58 43.74 -14.16
CA THR G 90 0.23 42.32 -14.20
C THR G 90 -0.11 41.91 -15.61
N ILE G 91 0.27 40.70 -15.98
CA ILE G 91 -0.12 40.13 -17.25
C ILE G 91 -0.53 38.68 -17.07
N CYS G 92 -1.66 38.32 -17.67
CA CYS G 92 -2.09 36.94 -17.73
C CYS G 92 -1.63 36.33 -19.04
N ILE G 93 -0.82 35.29 -18.91
CA ILE G 93 -0.36 34.50 -20.04
C ILE G 93 -0.71 33.06 -19.67
N GLY G 94 -1.45 32.38 -20.53
CA GLY G 94 -1.93 31.04 -20.26
C GLY G 94 -3.25 31.04 -19.52
N MET G 95 -3.18 31.09 -18.19
CA MET G 95 -4.35 31.02 -17.35
C MET G 95 -4.13 31.80 -16.06
N ALA G 96 -5.17 32.49 -15.60
CA ALA G 96 -5.22 33.00 -14.23
C ALA G 96 -6.56 32.57 -13.67
N ALA G 97 -6.54 31.64 -12.73
CA ALA G 97 -7.76 31.10 -12.12
C ALA G 97 -7.73 31.39 -10.62
N SER G 98 -8.91 31.66 -10.08
CA SER G 98 -9.13 31.77 -8.64
C SER G 98 -8.25 32.87 -8.04
N MET G 99 -7.41 32.58 -7.04
CA MET G 99 -6.51 33.60 -6.51
C MET G 99 -5.56 34.18 -7.55
N GLY G 100 -5.26 33.42 -8.62
CA GLY G 100 -4.48 33.93 -9.73
C GLY G 100 -5.17 35.10 -10.42
N SER G 101 -6.46 34.98 -10.66
CA SER G 101 -7.23 36.04 -11.30
C SER G 101 -7.43 37.22 -10.34
N PHE G 102 -7.50 36.93 -9.03
CA PHE G 102 -7.57 37.98 -8.01
C PHE G 102 -6.28 38.83 -8.06
N LEU G 103 -5.14 38.18 -8.15
CA LEU G 103 -3.86 38.88 -8.24
C LEU G 103 -3.68 39.63 -9.56
N LEU G 104 -4.18 39.06 -10.65
CA LEU G 104 -4.21 39.76 -11.93
C LEU G 104 -4.92 41.11 -11.80
N ALA G 105 -6.11 41.08 -11.17
CA ALA G 105 -6.90 42.27 -10.92
C ALA G 105 -6.28 43.27 -9.94
N ALA G 106 -5.29 42.83 -9.17
CA ALA G 106 -4.60 43.64 -8.16
C ALA G 106 -3.47 44.52 -8.70
N GLY G 107 -3.12 44.36 -9.98
CA GLY G 107 -2.07 45.16 -10.59
C GLY G 107 -2.44 46.62 -10.63
N ALA G 108 -1.44 47.48 -10.86
CA ALA G 108 -1.66 48.93 -10.91
C ALA G 108 -2.73 49.27 -11.95
N LYS G 109 -3.62 50.17 -11.60
CA LYS G 109 -4.74 50.57 -12.48
C LYS G 109 -4.19 51.11 -13.80
N GLY G 110 -4.73 50.62 -14.90
CA GLY G 110 -4.21 50.90 -16.24
C GLY G 110 -3.09 49.99 -16.71
N LYS G 111 -2.56 49.14 -15.84
CA LYS G 111 -1.40 48.33 -16.18
C LYS G 111 -1.64 46.83 -15.89
N ARG G 112 -2.87 46.39 -16.13
CA ARG G 112 -3.25 44.99 -16.00
C ARG G 112 -3.60 44.51 -17.41
N PHE G 113 -2.91 43.47 -17.84
CA PHE G 113 -2.99 43.00 -19.21
C PHE G 113 -3.25 41.50 -19.30
N ALA G 114 -3.66 41.08 -20.49
CA ALA G 114 -3.67 39.66 -20.85
C ALA G 114 -3.31 39.54 -22.32
N LEU G 115 -2.72 38.41 -22.69
CA LEU G 115 -2.54 38.07 -24.09
C LEU G 115 -3.86 37.48 -24.61
N PRO G 116 -4.08 37.51 -25.94
CA PRO G 116 -5.45 37.28 -26.47
C PRO G 116 -6.10 35.94 -26.18
N ASN G 117 -5.28 34.89 -26.07
CA ASN G 117 -5.78 33.52 -25.84
C ASN G 117 -5.67 33.08 -24.39
N ALA G 118 -5.28 34.00 -23.50
CA ALA G 118 -5.23 33.71 -22.09
C ALA G 118 -6.64 33.49 -21.54
N GLU G 119 -6.72 32.63 -20.54
CA GLU G 119 -7.97 32.23 -19.92
C GLU G 119 -8.01 32.80 -18.49
N VAL G 120 -9.10 33.44 -18.13
CA VAL G 120 -9.30 33.93 -16.77
C VAL G 120 -10.49 33.20 -16.18
N MET G 121 -10.35 32.68 -14.98
CA MET G 121 -11.46 32.00 -14.31
C MET G 121 -11.67 32.56 -12.92
N ILE G 122 -12.92 32.84 -12.59
CA ILE G 122 -13.27 33.30 -11.25
C ILE G 122 -14.26 32.32 -10.63
N HIS G 123 -14.12 32.09 -9.34
CA HIS G 123 -15.04 31.24 -8.58
C HIS G 123 -14.91 31.54 -7.07
N GLN G 124 -15.78 30.96 -6.27
CA GLN G 124 -15.75 31.20 -4.83
C GLN G 124 -14.65 30.38 -4.19
N PRO G 125 -14.17 30.81 -2.99
CA PRO G 125 -13.18 29.99 -2.30
C PRO G 125 -13.67 28.61 -1.88
N LEU G 126 -12.71 27.69 -1.79
CA LEU G 126 -12.94 26.31 -1.42
C LEU G 126 -12.32 26.09 -0.04
N GLY G 127 -12.91 25.15 0.71
CA GLY G 127 -12.32 24.79 1.99
C GLY G 127 -12.91 23.56 2.59
N GLY G 128 -12.79 23.45 3.90
CA GLY G 128 -13.15 22.25 4.61
C GLY G 128 -13.34 22.55 6.08
N ALA G 129 -14.08 21.68 6.76
CA ALA G 129 -14.23 21.76 8.20
C ALA G 129 -14.69 20.38 8.66
N GLN G 130 -14.10 19.89 9.73
CA GLN G 130 -14.61 18.70 10.39
C GLN G 130 -14.53 18.88 11.90
N GLY G 131 -15.40 18.18 12.60
CA GLY G 131 -15.41 18.16 14.06
C GLY G 131 -16.79 18.45 14.58
N GLN G 132 -16.83 19.09 15.74
CA GLN G 132 -18.07 19.37 16.42
C GLN G 132 -18.85 20.45 15.70
N ALA G 133 -20.16 20.47 15.92
CA ALA G 133 -21.03 21.49 15.32
C ALA G 133 -20.49 22.93 15.46
N THR G 134 -20.05 23.31 16.65
CA THR G 134 -19.52 24.65 16.91
C THR G 134 -18.21 24.92 16.15
N GLU G 135 -17.38 23.90 15.98
CA GLU G 135 -16.16 24.01 15.17
C GLU G 135 -16.51 24.20 13.69
N ILE G 136 -17.52 23.48 13.19
CA ILE G 136 -17.97 23.64 11.81
C ILE G 136 -18.52 25.06 11.61
N GLU G 137 -19.27 25.56 12.58
CA GLU G 137 -19.81 26.91 12.53
C GLU G 137 -18.70 27.96 12.44
N ILE G 138 -17.66 27.81 13.26
CA ILE G 138 -16.52 28.74 13.23
C ILE G 138 -15.83 28.72 11.86
N ALA G 139 -15.60 27.52 11.32
CA ALA G 139 -14.98 27.38 10.00
C ALA G 139 -15.85 27.96 8.90
N ALA G 140 -17.17 27.74 8.97
CA ALA G 140 -18.11 28.30 8.00
C ALA G 140 -18.11 29.81 8.04
N ASN G 141 -18.20 30.39 9.23
CA ASN G 141 -18.16 31.85 9.40
C ASN G 141 -16.87 32.43 8.84
N HIS G 142 -15.76 31.76 9.09
CA HIS G 142 -14.46 32.21 8.61
C HIS G 142 -14.39 32.22 7.09
N ILE G 143 -14.82 31.13 6.44
CA ILE G 143 -14.74 31.08 4.97
C ILE G 143 -15.75 32.06 4.33
N LEU G 144 -16.90 32.27 4.96
CA LEU G 144 -17.86 33.26 4.47
C LEU G 144 -17.33 34.70 4.60
N LYS G 145 -16.69 35.03 5.70
CA LYS G 145 -16.02 36.33 5.87
C LYS G 145 -14.88 36.51 4.89
N THR G 146 -14.11 35.45 4.63
CA THR G 146 -13.05 35.48 3.65
C THR G 146 -13.62 35.77 2.26
N ARG G 147 -14.72 35.14 1.91
CA ARG G 147 -15.37 35.37 0.61
C ARG G 147 -15.85 36.84 0.51
N GLU G 148 -16.45 37.37 1.56
CA GLU G 148 -16.86 38.79 1.60
C GLU G 148 -15.68 39.74 1.39
N LYS G 149 -14.56 39.45 2.03
CA LYS G 149 -13.34 40.24 1.89
C LYS G 149 -12.84 40.21 0.44
N LEU G 150 -12.77 39.02 -0.16
CA LEU G 150 -12.38 38.87 -1.55
C LEU G 150 -13.30 39.62 -2.51
N ASN G 151 -14.60 39.47 -2.31
CA ASN G 151 -15.60 40.08 -3.18
C ASN G 151 -15.58 41.60 -3.08
N ARG G 152 -15.41 42.12 -1.87
CA ARG G 152 -15.31 43.57 -1.66
C ARG G 152 -14.11 44.14 -2.41
N ILE G 153 -12.95 43.52 -2.27
CA ILE G 153 -11.75 43.98 -2.96
C ILE G 153 -11.92 43.85 -4.49
N LEU G 154 -12.47 42.73 -4.94
CA LEU G 154 -12.70 42.55 -6.38
C LEU G 154 -13.67 43.61 -6.93
N SER G 155 -14.69 43.95 -6.17
CA SER G 155 -15.61 45.02 -6.52
C SER G 155 -14.88 46.36 -6.72
N GLU G 156 -14.02 46.72 -5.76
CA GLU G 156 -13.21 47.93 -5.85
C GLU G 156 -12.26 47.93 -7.04
N ARG G 157 -11.73 46.78 -7.39
CA ARG G 157 -10.79 46.72 -8.47
C ARG G 157 -11.35 46.59 -9.88
N THR G 158 -12.55 46.07 -9.97
CA THR G 158 -13.22 45.87 -11.25
C THR G 158 -14.26 46.93 -11.56
N GLY G 159 -14.79 47.61 -10.54
CA GLY G 159 -15.97 48.46 -10.71
C GLY G 159 -17.31 47.72 -10.71
N GLN G 160 -17.32 46.40 -10.53
CA GLN G 160 -18.58 45.63 -10.45
C GLN G 160 -19.08 45.68 -9.04
N SER G 161 -20.39 45.57 -8.87
CA SER G 161 -20.99 45.52 -7.52
C SER G 161 -20.62 44.21 -6.80
N ILE G 162 -20.63 44.24 -5.49
CA ILE G 162 -20.45 43.06 -4.65
C ILE G 162 -21.51 42.00 -4.99
N GLU G 163 -22.75 42.42 -5.24
CA GLU G 163 -23.83 41.48 -5.56
C GLU G 163 -23.57 40.77 -6.88
N LYS G 164 -23.05 41.51 -7.87
CA LYS G 164 -22.72 40.88 -9.15
C LYS G 164 -21.53 39.91 -9.00
N ILE G 165 -20.49 40.30 -8.26
CA ILE G 165 -19.33 39.43 -8.03
C ILE G 165 -19.81 38.12 -7.35
N GLN G 166 -20.64 38.23 -6.33
CA GLN G 166 -21.22 37.07 -5.62
C GLN G 166 -21.91 36.10 -6.57
N LYS G 167 -22.79 36.64 -7.41
CA LYS G 167 -23.52 35.85 -8.38
C LYS G 167 -22.57 35.21 -9.41
N ASP G 168 -21.61 35.97 -9.92
CA ASP G 168 -20.73 35.49 -10.98
C ASP G 168 -19.64 34.51 -10.52
N THR G 169 -19.40 34.42 -9.22
CA THR G 169 -18.42 33.50 -8.66
C THR G 169 -19.06 32.29 -7.96
N ASP G 170 -20.38 32.14 -8.06
CA ASP G 170 -21.10 31.06 -7.41
C ASP G 170 -20.60 29.69 -7.92
N ARG G 171 -20.36 29.62 -9.22
CA ARG G 171 -19.70 28.48 -9.84
C ARG G 171 -18.57 28.96 -10.74
N ASP G 172 -17.77 28.01 -11.20
CA ASP G 172 -16.67 28.28 -12.13
C ASP G 172 -17.16 29.11 -13.31
N ASN G 173 -16.53 30.25 -13.51
CA ASN G 173 -16.89 31.18 -14.55
C ASN G 173 -15.62 31.49 -15.36
N PHE G 174 -15.56 30.96 -16.56
CA PHE G 174 -14.42 31.12 -17.47
C PHE G 174 -14.63 32.35 -18.34
N LEU G 175 -13.64 33.21 -18.43
CA LEU G 175 -13.68 34.40 -19.28
C LEU G 175 -12.53 34.35 -20.28
N THR G 176 -12.80 34.78 -21.50
CA THR G 176 -11.74 35.11 -22.45
C THR G 176 -11.01 36.39 -22.01
N ALA G 177 -9.86 36.67 -22.59
CA ALA G 177 -9.14 37.91 -22.28
C ALA G 177 -10.00 39.15 -22.52
N GLU G 178 -10.72 39.16 -23.62
CA GLU G 178 -11.61 40.28 -23.95
C GLU G 178 -12.76 40.41 -22.94
N GLU G 179 -13.35 39.28 -22.53
CA GLU G 179 -14.37 39.30 -21.48
C GLU G 179 -13.82 39.76 -20.13
N ALA G 180 -12.59 39.38 -19.82
CA ALA G 180 -11.92 39.86 -18.58
C ALA G 180 -11.74 41.38 -18.60
N LYS G 181 -11.42 41.93 -19.77
CA LYS G 181 -11.33 43.39 -19.94
C LYS G 181 -12.69 44.05 -19.72
N GLU G 182 -13.72 43.54 -20.38
CA GLU G 182 -15.10 44.04 -20.19
C GLU G 182 -15.56 43.94 -18.74
N TYR G 183 -15.14 42.88 -18.06
CA TYR G 183 -15.47 42.70 -16.65
C TYR G 183 -14.75 43.69 -15.73
N GLY G 184 -13.59 44.22 -16.15
CA GLY G 184 -12.76 45.10 -15.33
C GLY G 184 -11.64 44.41 -14.57
N LEU G 185 -11.38 43.12 -14.87
CA LEU G 185 -10.28 42.39 -14.24
C LEU G 185 -8.93 42.84 -14.80
N ILE G 186 -8.92 43.21 -16.07
CA ILE G 186 -7.75 43.77 -16.72
C ILE G 186 -8.16 45.05 -17.44
N ASP G 187 -7.16 45.80 -17.85
CA ASP G 187 -7.37 47.06 -18.56
C ASP G 187 -7.23 46.91 -20.07
N GLU G 188 -6.39 45.99 -20.53
CA GLU G 188 -6.09 45.89 -21.95
C GLU G 188 -5.69 44.47 -22.36
N VAL G 189 -6.13 44.07 -23.54
CA VAL G 189 -5.64 42.89 -24.21
C VAL G 189 -4.52 43.33 -25.17
N MET G 190 -3.30 42.81 -25.00
CA MET G 190 -2.19 43.13 -25.89
C MET G 190 -2.29 42.28 -27.16
N VAL G 191 -2.71 42.91 -28.25
CA VAL G 191 -2.83 42.24 -29.55
C VAL G 191 -1.43 42.21 -30.21
N PRO G 192 -1.10 41.12 -30.93
CA PRO G 192 0.28 41.05 -31.45
C PRO G 192 0.50 42.01 -32.64
N GLU G 193 1.70 42.61 -32.68
CA GLU G 193 2.05 43.65 -33.66
C GLU G 193 2.65 43.02 -34.89
N LEU H 3 -14.26 -25.39 11.48
CA LEU H 3 -13.49 -24.96 12.68
C LEU H 3 -14.18 -25.47 13.95
N ILE H 4 -15.50 -25.24 14.09
CA ILE H 4 -16.23 -25.53 15.34
C ILE H 4 -17.05 -26.80 15.18
N PRO H 5 -16.73 -27.86 15.94
CA PRO H 5 -17.44 -29.11 15.73
C PRO H 5 -18.91 -29.09 16.20
N THR H 6 -19.69 -29.99 15.60
CA THR H 6 -21.09 -30.22 15.94
C THR H 6 -21.26 -31.49 16.79
N VAL H 7 -22.18 -31.44 17.75
CA VAL H 7 -22.59 -32.62 18.51
C VAL H 7 -24.10 -32.85 18.35
N ILE H 8 -24.49 -34.10 18.25
CA ILE H 8 -25.89 -34.48 17.98
C ILE H 8 -26.44 -35.33 19.13
N GLU H 9 -27.52 -34.85 19.76
CA GLU H 9 -28.16 -35.57 20.88
C GLU H 9 -29.54 -36.04 20.41
N THR H 10 -29.80 -37.35 20.45
CA THR H 10 -31.13 -37.88 20.06
C THR H 10 -32.12 -37.85 21.23
N THR H 11 -33.09 -36.94 21.17
CA THR H 11 -34.19 -36.84 22.15
C THR H 11 -35.50 -37.42 21.60
N ASN H 12 -36.55 -37.45 22.44
CA ASN H 12 -37.79 -38.15 22.10
C ASN H 12 -38.68 -37.47 21.04
N ARG H 13 -38.37 -36.22 20.66
CA ARG H 13 -39.11 -35.51 19.62
C ARG H 13 -38.17 -35.07 18.50
N GLY H 14 -37.34 -35.98 17.98
CA GLY H 14 -36.30 -35.65 16.98
C GLY H 14 -34.94 -35.25 17.52
N GLU H 15 -33.87 -35.63 16.87
CA GLU H 15 -32.52 -35.27 17.31
C GLU H 15 -32.20 -33.77 17.17
N ARG H 16 -31.31 -33.29 18.04
CA ARG H 16 -30.88 -31.87 17.98
C ARG H 16 -29.42 -31.80 17.56
N ALA H 17 -29.08 -30.79 16.74
CA ALA H 17 -27.69 -30.54 16.33
C ALA H 17 -27.26 -29.18 16.94
N TYR H 18 -26.18 -29.23 17.71
CA TYR H 18 -25.57 -28.09 18.38
C TYR H 18 -24.11 -27.96 17.93
N ASP H 19 -23.64 -26.74 17.68
CA ASP H 19 -22.19 -26.49 17.75
C ASP H 19 -21.73 -26.67 19.22
N ILE H 20 -20.46 -26.92 19.43
CA ILE H 20 -19.95 -27.28 20.76
C ILE H 20 -20.23 -26.20 21.82
N TYR H 21 -20.13 -24.93 21.45
CA TYR H 21 -20.35 -23.82 22.39
C TYR H 21 -21.81 -23.73 22.82
N SER H 22 -22.72 -23.91 21.87
CA SER H 22 -24.16 -23.98 22.16
C SER H 22 -24.50 -25.15 23.05
N ARG H 23 -23.83 -26.28 22.84
CA ARG H 23 -24.00 -27.44 23.71
C ARG H 23 -23.61 -27.12 25.13
N LEU H 24 -22.49 -26.44 25.31
CA LEU H 24 -22.05 -26.01 26.65
C LEU H 24 -23.04 -25.02 27.28
N LEU H 25 -23.58 -24.13 26.48
CA LEU H 25 -24.57 -23.14 26.96
C LEU H 25 -25.83 -23.83 27.52
N LYS H 26 -26.24 -24.92 26.88
CA LYS H 26 -27.34 -25.74 27.38
C LYS H 26 -27.11 -26.21 28.82
N ASP H 27 -25.85 -26.50 29.18
CA ASP H 27 -25.47 -26.81 30.58
C ASP H 27 -24.98 -25.61 31.39
N ARG H 28 -25.39 -24.41 30.98
CA ARG H 28 -25.14 -23.16 31.73
C ARG H 28 -23.66 -22.76 31.82
N ILE H 29 -22.88 -23.16 30.81
CA ILE H 29 -21.48 -22.76 30.69
C ILE H 29 -21.39 -21.71 29.58
N ILE H 30 -20.85 -20.54 29.94
CA ILE H 30 -20.60 -19.44 29.02
C ILE H 30 -19.08 -19.32 28.83
N MET H 31 -18.64 -19.22 27.58
CA MET H 31 -17.22 -19.15 27.25
C MET H 31 -16.86 -17.70 26.90
N LEU H 32 -16.03 -17.08 27.74
CA LEU H 32 -15.39 -15.82 27.41
C LEU H 32 -13.97 -16.15 27.04
N GLY H 33 -13.76 -16.40 25.75
CA GLY H 33 -12.52 -16.94 25.24
C GLY H 33 -11.80 -16.04 24.24
N SER H 34 -12.03 -14.74 24.30
CA SER H 34 -11.43 -13.82 23.37
C SER H 34 -11.23 -12.46 24.02
N GLN H 35 -10.65 -11.54 23.24
CA GLN H 35 -10.59 -10.13 23.59
C GLN H 35 -12.00 -9.61 23.85
N ILE H 36 -12.14 -8.78 24.86
CA ILE H 36 -13.44 -8.24 25.24
C ILE H 36 -13.69 -6.96 24.45
N ASP H 37 -14.62 -7.01 23.51
CA ASP H 37 -15.12 -5.81 22.85
C ASP H 37 -16.64 -5.78 22.98
N ASP H 38 -17.29 -4.79 22.40
CA ASP H 38 -18.73 -4.64 22.52
C ASP H 38 -19.52 -5.87 22.03
N ASN H 39 -19.11 -6.47 20.91
CA ASN H 39 -19.77 -7.68 20.40
C ASN H 39 -19.73 -8.84 21.36
N VAL H 40 -18.55 -9.08 21.91
CA VAL H 40 -18.37 -10.13 22.89
C VAL H 40 -19.22 -9.85 24.12
N ALA H 41 -19.21 -8.61 24.61
CA ALA H 41 -20.01 -8.24 25.78
C ALA H 41 -21.51 -8.45 25.51
N ASN H 42 -21.98 -8.01 24.35
CA ASN H 42 -23.39 -8.17 24.01
C ASN H 42 -23.81 -9.64 23.98
N SER H 43 -22.94 -10.49 23.44
CA SER H 43 -23.21 -11.91 23.39
C SER H 43 -23.25 -12.50 24.80
N ILE H 44 -22.28 -12.16 25.64
CA ILE H 44 -22.23 -12.68 27.00
C ILE H 44 -23.39 -12.17 27.85
N VAL H 45 -23.70 -10.88 27.72
CA VAL H 45 -24.87 -10.32 28.41
C VAL H 45 -26.13 -11.08 28.00
N SER H 46 -26.32 -11.31 26.71
CA SER H 46 -27.48 -12.05 26.22
C SER H 46 -27.55 -13.46 26.77
N GLN H 47 -26.42 -14.14 26.83
CA GLN H 47 -26.37 -15.49 27.39
C GLN H 47 -26.73 -15.50 28.88
N LEU H 48 -26.23 -14.51 29.62
CA LEU H 48 -26.56 -14.40 31.04
C LEU H 48 -28.05 -14.17 31.26
N LEU H 49 -28.65 -13.30 30.46
CA LEU H 49 -30.09 -13.03 30.56
C LEU H 49 -30.92 -14.23 30.17
N PHE H 50 -30.50 -14.93 29.12
CA PHE H 50 -31.16 -16.16 28.72
C PHE H 50 -31.12 -17.20 29.84
N LEU H 51 -29.93 -17.42 30.40
CA LEU H 51 -29.77 -18.43 31.43
C LEU H 51 -30.57 -18.11 32.71
N GLN H 52 -30.60 -16.85 33.13
CA GLN H 52 -31.42 -16.44 34.25
C GLN H 52 -32.91 -16.74 33.99
N ALA H 53 -33.39 -16.46 32.79
CA ALA H 53 -34.78 -16.71 32.42
C ALA H 53 -35.10 -18.22 32.37
N GLN H 54 -34.15 -19.04 31.93
CA GLN H 54 -34.30 -20.50 31.93
C GLN H 54 -34.41 -21.04 33.35
N ASP H 55 -33.55 -20.52 34.25
CA ASP H 55 -33.54 -20.95 35.64
C ASP H 55 -32.87 -19.90 36.51
N SER H 56 -33.64 -19.22 37.33
CA SER H 56 -33.12 -18.12 38.14
C SER H 56 -32.33 -18.57 39.38
N GLU H 57 -32.32 -19.87 39.68
CA GLU H 57 -31.66 -20.39 40.89
C GLU H 57 -30.39 -21.18 40.62
N LYS H 58 -30.28 -21.84 39.47
CA LYS H 58 -29.11 -22.67 39.17
C LYS H 58 -27.90 -21.80 38.84
N ASP H 59 -26.74 -22.22 39.33
CA ASP H 59 -25.48 -21.56 39.05
C ASP H 59 -25.19 -21.50 37.54
N ILE H 60 -24.47 -20.45 37.16
CA ILE H 60 -23.93 -20.28 35.83
C ILE H 60 -22.40 -20.41 35.95
N TYR H 61 -21.78 -20.95 34.91
CA TYR H 61 -20.33 -21.17 34.87
C TYR H 61 -19.71 -20.33 33.76
N LEU H 62 -18.90 -19.34 34.16
CA LEU H 62 -18.21 -18.45 33.21
C LEU H 62 -16.73 -18.84 33.10
N TYR H 63 -16.38 -19.39 31.95
CA TYR H 63 -15.01 -19.74 31.58
C TYR H 63 -14.32 -18.48 31.07
N ILE H 64 -13.11 -18.21 31.58
CA ILE H 64 -12.37 -17.01 31.19
C ILE H 64 -10.99 -17.42 30.69
N ASN H 65 -10.78 -17.20 29.40
CA ASN H 65 -9.46 -17.25 28.76
C ASN H 65 -9.39 -16.03 27.86
N SER H 66 -8.93 -14.91 28.41
CA SER H 66 -9.07 -13.61 27.76
C SER H 66 -7.91 -12.68 28.10
N PRO H 67 -7.36 -11.97 27.10
CA PRO H 67 -6.36 -10.93 27.36
C PRO H 67 -6.95 -9.60 27.82
N GLY H 68 -8.28 -9.52 27.96
CA GLY H 68 -8.93 -8.30 28.38
C GLY H 68 -9.48 -7.55 27.18
N GLY H 69 -9.59 -6.25 27.32
CA GLY H 69 -10.11 -5.40 26.23
C GLY H 69 -10.83 -4.20 26.79
N SER H 70 -11.93 -3.82 26.14
CA SER H 70 -12.68 -2.62 26.46
C SER H 70 -13.19 -2.62 27.90
N VAL H 71 -12.92 -1.54 28.63
CA VAL H 71 -13.36 -1.41 30.00
C VAL H 71 -14.90 -1.31 30.10
N THR H 72 -15.52 -0.52 29.23
CA THR H 72 -16.97 -0.36 29.26
C THR H 72 -17.67 -1.68 28.87
N ALA H 73 -17.12 -2.39 27.90
CA ALA H 73 -17.63 -3.71 27.55
C ALA H 73 -17.50 -4.69 28.74
N GLY H 74 -16.36 -4.63 29.41
CA GLY H 74 -16.16 -5.42 30.62
C GLY H 74 -17.16 -5.09 31.70
N PHE H 75 -17.47 -3.80 31.87
CA PHE H 75 -18.48 -3.40 32.83
C PHE H 75 -19.90 -3.78 32.47
N ALA H 76 -20.20 -3.89 31.17
CA ALA H 76 -21.47 -4.46 30.75
C ALA H 76 -21.64 -5.87 31.30
N ILE H 77 -20.59 -6.68 31.21
CA ILE H 77 -20.61 -8.04 31.69
C ILE H 77 -20.65 -8.04 33.22
N TYR H 78 -19.77 -7.27 33.85
CA TYR H 78 -19.71 -7.16 35.30
C TYR H 78 -21.08 -6.83 35.92
N ASP H 79 -21.69 -5.76 35.44
CA ASP H 79 -22.97 -5.32 36.00
C ASP H 79 -24.08 -6.33 35.75
N THR H 80 -24.05 -7.01 34.61
CA THR H 80 -25.06 -8.02 34.33
C THR H 80 -24.90 -9.21 35.27
N ILE H 81 -23.66 -9.63 35.52
CA ILE H 81 -23.39 -10.68 36.51
C ILE H 81 -24.00 -10.30 37.87
N GLN H 82 -23.73 -9.08 38.35
CA GLN H 82 -24.24 -8.69 39.66
C GLN H 82 -25.75 -8.51 39.66
N HIS H 83 -26.34 -8.13 38.53
CA HIS H 83 -27.75 -7.86 38.45
C HIS H 83 -28.62 -9.13 38.52
N ILE H 84 -28.19 -10.21 37.88
CA ILE H 84 -29.00 -11.41 37.78
C ILE H 84 -28.99 -12.18 39.10
N LYS H 85 -30.01 -13.03 39.28
CA LYS H 85 -30.18 -13.79 40.51
C LYS H 85 -29.20 -14.96 40.66
N PRO H 86 -29.00 -15.77 39.60
CA PRO H 86 -28.07 -16.89 39.75
C PRO H 86 -26.65 -16.46 40.11
N ASP H 87 -25.98 -17.27 40.93
CA ASP H 87 -24.55 -17.12 41.17
C ASP H 87 -23.81 -17.42 39.86
N VAL H 88 -22.81 -16.61 39.56
CA VAL H 88 -21.94 -16.85 38.41
C VAL H 88 -20.59 -17.28 38.92
N GLN H 89 -20.28 -18.56 38.73
CA GLN H 89 -18.97 -19.09 39.06
C GLN H 89 -18.02 -18.68 37.93
N THR H 90 -16.76 -18.41 38.29
CA THR H 90 -15.75 -18.03 37.30
C THR H 90 -14.57 -18.98 37.40
N ILE H 91 -13.99 -19.30 36.25
CA ILE H 91 -12.77 -20.07 36.23
C ILE H 91 -11.80 -19.49 35.21
N CYS H 92 -10.55 -19.36 35.62
CA CYS H 92 -9.49 -18.97 34.70
C CYS H 92 -8.80 -20.21 34.18
N ILE H 93 -8.85 -20.39 32.87
CA ILE H 93 -8.16 -21.45 32.18
C ILE H 93 -7.34 -20.73 31.10
N GLY H 94 -6.03 -20.96 31.10
CA GLY H 94 -5.13 -20.28 30.18
C GLY H 94 -4.63 -18.96 30.75
N MET H 95 -5.40 -17.90 30.50
CA MET H 95 -5.01 -16.55 30.92
C MET H 95 -6.23 -15.71 31.22
N ALA H 96 -6.15 -14.89 32.26
CA ALA H 96 -7.10 -13.80 32.46
C ALA H 96 -6.25 -12.56 32.72
N ALA H 97 -6.26 -11.64 31.76
CA ALA H 97 -5.47 -10.41 31.87
C ALA H 97 -6.40 -9.21 31.82
N SER H 98 -6.04 -8.18 32.58
CA SER H 98 -6.71 -6.88 32.52
C SER H 98 -8.19 -7.02 32.85
N MET H 99 -9.11 -6.57 31.98
CA MET H 99 -10.54 -6.74 32.25
C MET H 99 -10.94 -8.21 32.41
N GLY H 100 -10.18 -9.13 31.83
CA GLY H 100 -10.40 -10.56 32.04
C GLY H 100 -10.22 -10.96 33.49
N SER H 101 -9.16 -10.46 34.11
CA SER H 101 -8.90 -10.76 35.52
C SER H 101 -9.89 -10.03 36.43
N PHE H 102 -10.36 -8.86 36.00
CA PHE H 102 -11.40 -8.13 36.72
C PHE H 102 -12.70 -8.96 36.76
N LEU H 103 -13.06 -9.55 35.61
CA LEU H 103 -14.25 -10.39 35.54
C LEU H 103 -14.09 -11.71 36.31
N LEU H 104 -12.88 -12.27 36.31
CA LEU H 104 -12.58 -13.43 37.12
C LEU H 104 -12.89 -13.16 38.60
N ALA H 105 -12.41 -12.00 39.08
CA ALA H 105 -12.65 -11.57 40.47
C ALA H 105 -14.10 -11.23 40.79
N ALA H 106 -14.92 -11.02 39.75
CA ALA H 106 -16.33 -10.65 39.87
C ALA H 106 -17.28 -11.83 40.11
N GLY H 107 -16.77 -13.07 40.03
CA GLY H 107 -17.60 -14.24 40.24
C GLY H 107 -18.12 -14.30 41.65
N ALA H 108 -19.13 -15.14 41.88
CA ALA H 108 -19.75 -15.28 43.20
C ALA H 108 -18.68 -15.66 44.24
N LYS H 109 -18.74 -15.03 45.40
CA LYS H 109 -17.76 -15.26 46.47
C LYS H 109 -17.77 -16.74 46.86
N GLY H 110 -16.58 -17.32 46.95
CA GLY H 110 -16.40 -18.75 47.14
C GLY H 110 -16.41 -19.59 45.88
N LYS H 111 -16.74 -19.00 44.73
CA LYS H 111 -16.90 -19.77 43.49
C LYS H 111 -16.08 -19.17 42.33
N ARG H 112 -14.90 -18.67 42.67
CA ARG H 112 -13.95 -18.15 41.70
C ARG H 112 -12.75 -19.08 41.73
N PHE H 113 -12.40 -19.65 40.58
CA PHE H 113 -11.41 -20.68 40.48
C PHE H 113 -10.37 -20.38 39.39
N ALA H 114 -9.27 -21.10 39.47
CA ALA H 114 -8.32 -21.20 38.36
C ALA H 114 -7.73 -22.58 38.33
N LEU H 115 -7.33 -23.03 37.15
CA LEU H 115 -6.53 -24.25 37.05
C LEU H 115 -5.06 -23.89 37.33
N PRO H 116 -4.24 -24.88 37.74
CA PRO H 116 -2.94 -24.56 38.38
C PRO H 116 -1.95 -23.77 37.54
N ASN H 117 -1.96 -23.95 36.23
CA ASN H 117 -1.02 -23.29 35.33
C ASN H 117 -1.60 -22.07 34.61
N ALA H 118 -2.81 -21.68 35.01
CA ALA H 118 -3.42 -20.47 34.48
C ALA H 118 -2.66 -19.24 34.95
N GLU H 119 -2.64 -18.23 34.08
CA GLU H 119 -1.92 -16.99 34.32
C GLU H 119 -2.94 -15.87 34.55
N VAL H 120 -2.74 -15.09 35.59
CA VAL H 120 -3.60 -13.94 35.86
C VAL H 120 -2.71 -12.71 35.80
N MET H 121 -3.15 -11.69 35.08
CA MET H 121 -2.37 -10.44 35.00
C MET H 121 -3.25 -9.26 35.33
N ILE H 122 -2.76 -8.37 36.17
CA ILE H 122 -3.46 -7.13 36.51
C ILE H 122 -2.59 -5.95 36.15
N HIS H 123 -3.22 -4.89 35.67
CA HIS H 123 -2.54 -3.65 35.33
C HIS H 123 -3.54 -2.50 35.25
N GLN H 124 -3.04 -1.28 35.10
CA GLN H 124 -3.93 -0.12 35.01
C GLN H 124 -4.52 -0.01 33.61
N PRO H 125 -5.68 0.68 33.49
CA PRO H 125 -6.28 0.83 32.16
C PRO H 125 -5.42 1.64 31.19
N LEU H 126 -5.59 1.36 29.91
CA LEU H 126 -4.91 1.99 28.81
C LEU H 126 -5.92 2.82 28.04
N GLY H 127 -5.45 3.89 27.41
CA GLY H 127 -6.33 4.70 26.57
C GLY H 127 -5.56 5.71 25.74
N GLY H 128 -6.30 6.70 25.28
CA GLY H 128 -5.77 7.67 24.34
C GLY H 128 -6.58 8.95 24.41
N ALA H 129 -5.97 10.02 23.92
CA ALA H 129 -6.64 11.31 23.86
C ALA H 129 -5.88 12.15 22.86
N GLN H 130 -6.60 12.82 21.97
CA GLN H 130 -5.97 13.81 21.11
C GLN H 130 -6.88 15.02 20.96
N GLY H 131 -6.26 16.16 20.68
CA GLY H 131 -6.99 17.38 20.38
C GLY H 131 -6.49 18.53 21.23
N GLN H 132 -7.41 19.41 21.57
CA GLN H 132 -7.09 20.60 22.34
C GLN H 132 -6.76 20.25 23.77
N ALA H 133 -6.02 21.12 24.43
CA ALA H 133 -5.67 20.94 25.85
C ALA H 133 -6.88 20.55 26.73
N THR H 134 -7.99 21.26 26.59
CA THR H 134 -9.19 20.98 27.40
C THR H 134 -9.81 19.61 27.08
N GLU H 135 -9.73 19.18 25.82
CA GLU H 135 -10.17 17.83 25.44
C GLU H 135 -9.27 16.75 26.05
N ILE H 136 -7.96 17.00 26.07
CA ILE H 136 -7.02 16.08 26.69
C ILE H 136 -7.31 15.98 28.20
N GLU H 137 -7.59 17.12 28.83
CA GLU H 137 -7.92 17.17 30.24
C GLU H 137 -9.18 16.33 30.56
N ILE H 138 -10.21 16.48 29.75
CA ILE H 138 -11.45 15.72 29.92
C ILE H 138 -11.19 14.21 29.79
N ALA H 139 -10.43 13.81 28.77
CA ALA H 139 -10.07 12.40 28.60
C ALA H 139 -9.23 11.86 29.75
N ALA H 140 -8.27 12.66 30.24
CA ALA H 140 -7.44 12.27 31.37
C ALA H 140 -8.27 12.08 32.63
N ASN H 141 -9.16 13.04 32.93
CA ASN H 141 -10.04 12.95 34.10
C ASN H 141 -10.93 11.69 34.01
N HIS H 142 -11.43 11.41 32.81
CA HIS H 142 -12.28 10.25 32.61
C HIS H 142 -11.53 8.94 32.87
N ILE H 143 -10.34 8.80 32.31
CA ILE H 143 -9.59 7.54 32.50
C ILE H 143 -9.10 7.39 33.96
N LEU H 144 -8.78 8.50 34.62
CA LEU H 144 -8.43 8.46 36.04
C LEU H 144 -9.62 8.05 36.94
N LYS H 145 -10.80 8.59 36.65
CA LYS H 145 -12.03 8.16 37.35
C LYS H 145 -12.35 6.69 37.09
N THR H 146 -12.15 6.24 35.86
CA THR H 146 -12.35 4.85 35.50
C THR H 146 -11.40 3.96 36.30
N ARG H 147 -10.14 4.35 36.42
CA ARG H 147 -9.19 3.59 37.21
C ARG H 147 -9.60 3.52 38.70
N GLU H 148 -10.04 4.64 39.26
CA GLU H 148 -10.54 4.66 40.64
C GLU H 148 -11.74 3.71 40.84
N LYS H 149 -12.65 3.70 39.88
CA LYS H 149 -13.81 2.81 39.91
C LYS H 149 -13.37 1.34 39.89
N LEU H 150 -12.47 0.99 38.98
CA LEU H 150 -11.92 -0.37 38.89
C LEU H 150 -11.22 -0.79 40.19
N ASN H 151 -10.39 0.09 40.72
CA ASN H 151 -9.62 -0.20 41.91
C ASN H 151 -10.51 -0.37 43.15
N ARG H 152 -11.51 0.46 43.27
CA ARG H 152 -12.47 0.37 44.36
C ARG H 152 -13.20 -0.97 44.33
N ILE H 153 -13.69 -1.37 43.17
CA ILE H 153 -14.39 -2.65 43.03
C ILE H 153 -13.43 -3.81 43.31
N LEU H 154 -12.21 -3.75 42.76
CA LEU H 154 -11.21 -4.79 43.00
C LEU H 154 -10.87 -4.93 44.50
N SER H 155 -10.78 -3.78 45.18
CA SER H 155 -10.58 -3.77 46.63
C SER H 155 -11.70 -4.53 47.37
N GLU H 156 -12.95 -4.23 47.03
CA GLU H 156 -14.11 -4.90 47.61
C GLU H 156 -14.12 -6.40 47.32
N ARG H 157 -13.71 -6.80 46.13
CA ARG H 157 -13.72 -8.18 45.74
C ARG H 157 -12.56 -9.04 46.23
N THR H 158 -11.44 -8.43 46.47
CA THR H 158 -10.24 -9.12 46.92
C THR H 158 -9.98 -9.02 48.42
N GLY H 159 -10.51 -7.98 49.06
CA GLY H 159 -10.11 -7.65 50.42
C GLY H 159 -8.82 -6.85 50.55
N GLN H 160 -8.17 -6.50 49.45
CA GLN H 160 -6.95 -5.66 49.49
C GLN H 160 -7.38 -4.20 49.56
N SER H 161 -6.52 -3.37 50.14
CA SER H 161 -6.79 -1.92 50.17
C SER H 161 -6.68 -1.31 48.78
N ILE H 162 -7.37 -0.19 48.58
CA ILE H 162 -7.27 0.59 47.35
C ILE H 162 -5.82 1.01 47.09
N GLU H 163 -5.10 1.38 48.14
CA GLU H 163 -3.70 1.80 48.01
C GLU H 163 -2.81 0.66 47.50
N LYS H 164 -3.04 -0.53 48.01
CA LYS H 164 -2.28 -1.69 47.54
C LYS H 164 -2.63 -2.04 46.08
N ILE H 165 -3.92 -2.01 45.72
CA ILE H 165 -4.35 -2.27 44.34
C ILE H 165 -3.67 -1.27 43.38
N GLN H 166 -3.69 0.00 43.74
CA GLN H 166 -3.04 1.10 42.97
C GLN H 166 -1.57 0.79 42.70
N LYS H 167 -0.85 0.46 43.75
CA LYS H 167 0.57 0.12 43.66
C LYS H 167 0.80 -1.13 42.81
N ASP H 168 0.00 -2.17 43.03
CA ASP H 168 0.20 -3.45 42.34
C ASP H 168 -0.23 -3.46 40.87
N THR H 169 -1.00 -2.47 40.43
CA THR H 169 -1.45 -2.36 39.05
C THR H 169 -0.73 -1.25 38.27
N ASP H 170 0.28 -0.63 38.88
CA ASP H 170 1.01 0.47 38.25
C ASP H 170 1.67 0.02 36.94
N ARG H 171 2.22 -1.19 36.95
CA ARG H 171 2.71 -1.85 35.76
C ARG H 171 2.17 -3.27 35.71
N ASP H 172 2.37 -3.93 34.58
CA ASP H 172 1.96 -5.30 34.36
C ASP H 172 2.46 -6.19 35.50
N ASN H 173 1.53 -6.87 36.16
CA ASN H 173 1.79 -7.69 37.29
C ASN H 173 1.19 -9.09 37.01
N PHE H 174 2.06 -10.05 36.74
CA PHE H 174 1.68 -11.42 36.43
C PHE H 174 1.62 -12.23 37.71
N LEU H 175 0.52 -12.96 37.90
CA LEU H 175 0.36 -13.83 39.05
C LEU H 175 0.13 -15.26 38.60
N THR H 176 0.71 -16.21 39.32
CA THR H 176 0.33 -17.61 39.19
C THR H 176 -1.09 -17.80 39.79
N ALA H 177 -1.71 -18.95 39.50
CA ALA H 177 -3.02 -19.25 40.08
C ALA H 177 -2.98 -19.19 41.61
N GLU H 178 -1.93 -19.76 42.21
CA GLU H 178 -1.78 -19.75 43.66
C GLU H 178 -1.61 -18.33 44.21
N GLU H 179 -0.81 -17.50 43.53
CA GLU H 179 -0.69 -16.10 43.92
C GLU H 179 -2.00 -15.32 43.77
N ALA H 180 -2.78 -15.63 42.73
CA ALA H 180 -4.10 -15.00 42.56
C ALA H 180 -5.04 -15.36 43.73
N LYS H 181 -4.96 -16.60 44.21
CA LYS H 181 -5.71 -17.02 45.39
C LYS H 181 -5.28 -16.25 46.64
N GLU H 182 -3.98 -16.19 46.89
CA GLU H 182 -3.43 -15.42 48.01
C GLU H 182 -3.81 -13.94 47.93
N TYR H 183 -3.86 -13.41 46.72
CA TYR H 183 -4.26 -12.02 46.51
C TYR H 183 -5.76 -11.77 46.78
N GLY H 184 -6.59 -12.81 46.66
CA GLY H 184 -8.05 -12.67 46.78
C GLY H 184 -8.80 -12.50 45.47
N LEU H 185 -8.12 -12.68 44.33
CA LEU H 185 -8.77 -12.61 43.01
C LEU H 185 -9.62 -13.84 42.74
N ILE H 186 -9.19 -14.98 43.27
CA ILE H 186 -9.94 -16.22 43.22
C ILE H 186 -9.98 -16.81 44.62
N ASP H 187 -10.85 -17.80 44.79
CA ASP H 187 -11.04 -18.49 46.06
C ASP H 187 -10.27 -19.80 46.14
N GLU H 188 -10.10 -20.48 45.01
CA GLU H 188 -9.52 -21.82 45.01
C GLU H 188 -8.80 -22.14 43.69
N VAL H 189 -7.68 -22.84 43.82
CA VAL H 189 -7.03 -23.49 42.69
C VAL H 189 -7.51 -24.93 42.64
N MET H 190 -8.12 -25.34 41.53
CA MET H 190 -8.57 -26.73 41.34
C MET H 190 -7.38 -27.59 40.92
N VAL H 191 -6.86 -28.38 41.86
CA VAL H 191 -5.73 -29.29 41.60
C VAL H 191 -6.29 -30.57 40.96
N PRO H 192 -5.56 -31.17 40.01
CA PRO H 192 -6.14 -32.35 39.35
C PRO H 192 -6.15 -33.60 40.25
N GLU H 193 -7.22 -34.40 40.14
CA GLU H 193 -7.40 -35.66 40.90
C GLU H 193 -6.71 -36.81 40.20
N LEU I 3 -19.61 -17.80 16.66
CA LEU I 3 -19.56 -16.56 17.46
C LEU I 3 -20.85 -16.39 18.25
N ILE I 4 -22.03 -16.52 17.61
CA ILE I 4 -23.33 -16.32 18.27
C ILE I 4 -23.97 -17.68 18.59
N PRO I 5 -24.16 -18.01 19.87
CA PRO I 5 -24.68 -19.33 20.19
C PRO I 5 -26.16 -19.54 19.83
N THR I 6 -26.52 -20.80 19.66
CA THR I 6 -27.89 -21.24 19.41
C THR I 6 -28.53 -21.83 20.67
N VAL I 7 -29.82 -21.59 20.84
CA VAL I 7 -30.63 -22.23 21.90
C VAL I 7 -31.82 -22.96 21.27
N ILE I 8 -32.19 -24.10 21.85
CA ILE I 8 -33.33 -24.88 21.35
C ILE I 8 -34.46 -24.97 22.40
N GLU I 9 -35.63 -24.50 21.96
CA GLU I 9 -36.89 -24.60 22.70
C GLU I 9 -37.84 -25.57 21.97
N ARG I 16 -37.98 -25.43 18.41
CA ARG I 16 -37.46 -24.36 17.56
C ARG I 16 -35.99 -24.03 17.89
N ALA I 17 -35.22 -23.68 16.85
CA ALA I 17 -33.80 -23.33 17.00
C ALA I 17 -33.63 -21.82 16.71
N TYR I 18 -33.10 -21.11 17.71
CA TYR I 18 -32.91 -19.66 17.70
C TYR I 18 -31.44 -19.35 17.96
N ASP I 19 -30.86 -18.38 17.26
CA ASP I 19 -29.67 -17.70 17.79
C ASP I 19 -30.08 -16.90 19.05
N ILE I 20 -29.11 -16.58 19.90
CA ILE I 20 -29.41 -15.99 21.20
C ILE I 20 -30.18 -14.66 21.10
N TYR I 21 -29.85 -13.84 20.11
CA TYR I 21 -30.51 -12.54 19.94
C TYR I 21 -31.98 -12.69 19.53
N SER I 22 -32.24 -13.63 18.63
CA SER I 22 -33.61 -13.96 18.24
C SER I 22 -34.41 -14.52 19.41
N ARG I 23 -33.76 -15.31 20.26
CA ARG I 23 -34.42 -15.82 21.45
C ARG I 23 -34.84 -14.69 22.37
N LEU I 24 -33.94 -13.70 22.56
CA LEU I 24 -34.29 -12.54 23.38
C LEU I 24 -35.42 -11.72 22.75
N LEU I 25 -35.43 -11.60 21.42
CA LEU I 25 -36.48 -10.88 20.73
C LEU I 25 -37.86 -11.49 20.94
N LYS I 26 -37.92 -12.82 21.01
CA LYS I 26 -39.15 -13.54 21.35
C LYS I 26 -39.74 -13.05 22.69
N ASP I 27 -38.88 -12.71 23.66
CA ASP I 27 -39.30 -12.10 24.92
C ASP I 27 -39.27 -10.55 24.94
N ARG I 28 -39.34 -9.95 23.75
CA ARG I 28 -39.48 -8.50 23.58
C ARG I 28 -38.27 -7.68 24.03
N ILE I 29 -37.08 -8.30 23.97
CA ILE I 29 -35.82 -7.63 24.27
C ILE I 29 -35.10 -7.36 22.94
N ILE I 30 -34.80 -6.10 22.68
CA ILE I 30 -34.02 -5.67 21.52
C ILE I 30 -32.64 -5.21 22.00
N MET I 31 -31.59 -5.68 21.34
CA MET I 31 -30.21 -5.32 21.71
C MET I 31 -29.65 -4.29 20.74
N LEU I 32 -29.41 -3.08 21.23
CA LEU I 32 -28.64 -2.08 20.50
C LEU I 32 -27.26 -2.08 21.10
N GLY I 33 -26.38 -2.90 20.53
CA GLY I 33 -25.08 -3.18 21.09
C GLY I 33 -23.89 -2.79 20.21
N SER I 34 -24.09 -1.83 19.32
CA SER I 34 -23.01 -1.41 18.43
C SER I 34 -23.15 0.05 18.06
N GLN I 35 -22.22 0.52 17.24
CA GLN I 35 -22.31 1.81 16.59
C GLN I 35 -23.61 1.90 15.79
N ILE I 36 -24.25 3.05 15.85
CA ILE I 36 -25.53 3.24 15.17
C ILE I 36 -25.26 3.72 13.74
N ASP I 37 -25.54 2.86 12.78
CA ASP I 37 -25.53 3.24 11.37
C ASP I 37 -26.88 2.85 10.77
N ASP I 38 -27.07 3.07 9.48
CA ASP I 38 -28.34 2.78 8.83
C ASP I 38 -28.77 1.33 8.95
N ASN I 39 -27.83 0.38 8.80
CA ASN I 39 -28.16 -1.04 8.95
C ASN I 39 -28.69 -1.40 10.32
N VAL I 40 -28.01 -0.89 11.35
CA VAL I 40 -28.43 -1.12 12.72
C VAL I 40 -29.81 -0.50 12.94
N ALA I 41 -30.02 0.72 12.46
CA ALA I 41 -31.32 1.39 12.61
C ALA I 41 -32.43 0.61 11.91
N ASN I 42 -32.18 0.16 10.68
CA ASN I 42 -33.17 -0.62 9.95
C ASN I 42 -33.57 -1.90 10.68
N SER I 43 -32.58 -2.57 11.27
CA SER I 43 -32.82 -3.77 12.01
C SER I 43 -33.66 -3.47 13.28
N ILE I 44 -33.29 -2.43 14.02
CA ILE I 44 -34.01 -2.08 15.22
C ILE I 44 -35.42 -1.57 14.93
N VAL I 45 -35.57 -0.77 13.89
CA VAL I 45 -36.90 -0.32 13.45
C VAL I 45 -37.76 -1.55 13.12
N SER I 46 -37.23 -2.50 12.37
CA SER I 46 -37.95 -3.71 12.01
C SER I 46 -38.38 -4.52 13.23
N GLN I 47 -37.48 -4.65 14.20
CA GLN I 47 -37.80 -5.35 15.44
C GLN I 47 -38.91 -4.66 16.22
N LEU I 48 -38.87 -3.33 16.28
CA LEU I 48 -39.91 -2.56 16.96
C LEU I 48 -41.28 -2.75 16.30
N LEU I 49 -41.31 -2.72 14.97
CA LEU I 49 -42.55 -2.92 14.22
C LEU I 49 -43.07 -4.33 14.39
N PHE I 50 -42.18 -5.31 14.36
CA PHE I 50 -42.57 -6.69 14.60
C PHE I 50 -43.18 -6.86 15.99
N LEU I 51 -42.52 -6.31 17.00
CA LEU I 51 -42.99 -6.46 18.37
C LEU I 51 -44.34 -5.78 18.61
N GLN I 52 -44.54 -4.59 18.05
CA GLN I 52 -45.84 -3.92 18.14
C GLN I 52 -46.94 -4.77 17.51
N ALA I 53 -46.67 -5.38 16.35
CA ALA I 53 -47.64 -6.24 15.68
C ALA I 53 -47.95 -7.51 16.48
N GLN I 54 -46.94 -8.07 17.14
CA GLN I 54 -47.13 -9.25 18.00
C GLN I 54 -48.02 -8.90 19.21
N ASP I 55 -47.77 -7.74 19.81
CA ASP I 55 -48.56 -7.30 20.96
C ASP I 55 -48.40 -5.79 21.13
N SER I 56 -49.49 -5.05 20.86
CA SER I 56 -49.44 -3.59 20.91
C SER I 56 -49.47 -3.00 22.32
N GLU I 57 -49.68 -3.82 23.35
CA GLU I 57 -49.80 -3.34 24.73
C GLU I 57 -48.59 -3.70 25.62
N LYS I 58 -47.93 -4.81 25.36
CA LYS I 58 -46.84 -5.26 26.22
C LYS I 58 -45.58 -4.43 26.01
N ASP I 59 -44.90 -4.13 27.11
CA ASP I 59 -43.66 -3.38 27.08
C ASP I 59 -42.60 -4.06 26.21
N ILE I 60 -41.74 -3.22 25.63
CA ILE I 60 -40.55 -3.64 24.91
C ILE I 60 -39.35 -3.20 25.74
N TYR I 61 -38.27 -3.99 25.70
CA TYR I 61 -37.06 -3.73 26.46
C TYR I 61 -35.90 -3.48 25.50
N LEU I 62 -35.39 -2.25 25.47
CA LEU I 62 -34.27 -1.87 24.60
C LEU I 62 -32.99 -1.73 25.42
N TYR I 63 -32.08 -2.67 25.20
CA TYR I 63 -30.74 -2.67 25.78
C TYR I 63 -29.83 -1.76 24.97
N ILE I 64 -29.11 -0.88 25.65
CA ILE I 64 -28.23 0.07 24.96
C ILE I 64 -26.82 -0.06 25.52
N ASN I 65 -25.91 -0.52 24.65
CA ASN I 65 -24.47 -0.48 24.87
C ASN I 65 -23.89 0.01 23.54
N SER I 66 -23.75 1.32 23.40
CA SER I 66 -23.45 1.92 22.11
C SER I 66 -22.65 3.20 22.26
N PRO I 67 -21.61 3.38 21.41
CA PRO I 67 -20.87 4.65 21.36
C PRO I 67 -21.58 5.73 20.54
N GLY I 68 -22.76 5.45 19.99
CA GLY I 68 -23.48 6.41 19.19
C GLY I 68 -23.25 6.13 17.72
N GLY I 69 -23.32 7.18 16.90
CA GLY I 69 -23.16 7.05 15.46
C GLY I 69 -24.03 8.05 14.73
N SER I 70 -24.58 7.64 13.60
CA SER I 70 -25.34 8.51 12.71
C SER I 70 -26.57 9.11 13.41
N VAL I 71 -26.70 10.42 13.30
CA VAL I 71 -27.83 11.14 13.87
C VAL I 71 -29.15 10.76 13.19
N THR I 72 -29.16 10.69 11.87
CA THR I 72 -30.39 10.35 11.14
C THR I 72 -30.81 8.90 11.43
N ALA I 73 -29.83 8.00 11.51
CA ALA I 73 -30.12 6.62 11.91
C ALA I 73 -30.69 6.57 13.33
N GLY I 74 -30.11 7.35 14.23
CA GLY I 74 -30.63 7.48 15.59
C GLY I 74 -32.06 7.98 15.61
N PHE I 75 -32.36 8.96 14.77
CA PHE I 75 -33.72 9.48 14.67
C PHE I 75 -34.71 8.51 14.05
N ALA I 76 -34.26 7.62 13.18
CA ALA I 76 -35.11 6.54 12.70
C ALA I 76 -35.60 5.70 13.89
N ILE I 77 -34.70 5.38 14.79
CA ILE I 77 -35.03 4.59 15.97
C ILE I 77 -35.91 5.41 16.92
N TYR I 78 -35.50 6.64 17.20
CA TYR I 78 -36.23 7.54 18.08
C TYR I 78 -37.69 7.69 17.66
N ASP I 79 -37.91 8.06 16.40
CA ASP I 79 -39.26 8.29 15.91
C ASP I 79 -40.09 7.00 15.89
N THR I 80 -39.47 5.86 15.63
CA THR I 80 -40.20 4.60 15.64
C THR I 80 -40.63 4.26 17.08
N ILE I 81 -39.74 4.48 18.05
CA ILE I 81 -40.10 4.32 19.46
C ILE I 81 -41.34 5.15 19.79
N GLN I 82 -41.32 6.43 19.44
CA GLN I 82 -42.46 7.30 19.78
C GLN I 82 -43.72 6.95 19.00
N HIS I 83 -43.56 6.42 17.79
CA HIS I 83 -44.69 6.12 16.93
C HIS I 83 -45.50 4.91 17.39
N ILE I 84 -44.83 3.87 17.87
CA ILE I 84 -45.50 2.64 18.24
C ILE I 84 -46.23 2.79 19.57
N LYS I 85 -47.23 1.91 19.77
CA LYS I 85 -48.08 1.96 20.97
C LYS I 85 -47.39 1.46 22.24
N PRO I 86 -46.68 0.31 22.17
CA PRO I 86 -46.03 -0.16 23.39
C PRO I 86 -45.02 0.81 23.99
N ASP I 87 -44.94 0.84 25.31
CA ASP I 87 -43.86 1.54 26.00
C ASP I 87 -42.54 0.81 25.71
N VAL I 88 -41.50 1.59 25.44
CA VAL I 88 -40.17 1.04 25.24
C VAL I 88 -39.33 1.44 26.44
N GLN I 89 -39.00 0.44 27.25
CA GLN I 89 -38.10 0.64 28.37
C GLN I 89 -36.68 0.65 27.82
N THR I 90 -35.81 1.46 28.41
CA THR I 90 -34.42 1.54 28.00
C THR I 90 -33.53 1.25 29.17
N ILE I 91 -32.43 0.56 28.91
CA ILE I 91 -31.42 0.34 29.93
C ILE I 91 -30.03 0.54 29.34
N CYS I 92 -29.21 1.27 30.06
CA CYS I 92 -27.80 1.41 29.71
C CYS I 92 -26.99 0.40 30.47
N ILE I 93 -26.31 -0.46 29.73
CA ILE I 93 -25.38 -1.44 30.27
C ILE I 93 -24.08 -1.20 29.50
N GLY I 94 -23.00 -0.95 30.22
CA GLY I 94 -21.71 -0.64 29.60
C GLY I 94 -21.58 0.86 29.34
N MET I 95 -22.03 1.30 28.19
CA MET I 95 -21.89 2.69 27.77
C MET I 95 -23.06 3.10 26.87
N ALA I 96 -23.53 4.33 27.05
CA ALA I 96 -24.39 4.98 26.08
C ALA I 96 -23.78 6.34 25.83
N ALA I 97 -23.22 6.54 24.63
CA ALA I 97 -22.58 7.81 24.28
C ALA I 97 -23.28 8.40 23.08
N SER I 98 -23.36 9.74 23.07
CA SER I 98 -23.83 10.50 21.91
C SER I 98 -25.26 10.08 21.54
N MET I 99 -25.53 9.66 20.30
CA MET I 99 -26.87 9.20 19.95
C MET I 99 -27.36 8.03 20.80
N GLY I 100 -26.44 7.24 21.35
CA GLY I 100 -26.79 6.18 22.29
C GLY I 100 -27.45 6.72 23.54
N SER I 101 -26.89 7.78 24.09
CA SER I 101 -27.45 8.41 25.28
C SER I 101 -28.75 9.14 24.96
N PHE I 102 -28.87 9.67 23.74
CA PHE I 102 -30.10 10.28 23.28
C PHE I 102 -31.24 9.24 23.24
N LEU I 103 -30.94 8.05 22.73
CA LEU I 103 -31.91 6.97 22.69
C LEU I 103 -32.25 6.42 24.09
N LEU I 104 -31.26 6.37 24.97
CA LEU I 104 -31.51 6.03 26.37
C LEU I 104 -32.56 6.96 26.99
N ALA I 105 -32.38 8.25 26.78
CA ALA I 105 -33.32 9.27 27.27
C ALA I 105 -34.70 9.24 26.60
N ALA I 106 -34.80 8.57 25.46
CA ALA I 106 -36.04 8.47 24.68
C ALA I 106 -37.01 7.37 25.15
N GLY I 107 -36.59 6.54 26.11
CA GLY I 107 -37.43 5.49 26.62
C GLY I 107 -38.65 6.05 27.32
N ALA I 108 -39.66 5.20 27.55
CA ALA I 108 -40.90 5.61 28.22
C ALA I 108 -40.58 6.22 29.58
N LYS I 109 -41.24 7.33 29.90
CA LYS I 109 -41.02 8.04 31.17
C LYS I 109 -41.28 7.12 32.33
N GLY I 110 -40.36 7.09 33.29
CA GLY I 110 -40.38 6.16 34.39
C GLY I 110 -39.72 4.82 34.12
N LYS I 111 -39.35 4.53 32.87
CA LYS I 111 -38.83 3.22 32.51
C LYS I 111 -37.49 3.32 31.76
N ARG I 112 -36.67 4.27 32.17
CA ARG I 112 -35.32 4.45 31.65
C ARG I 112 -34.36 4.15 32.78
N PHE I 113 -33.47 3.19 32.55
CA PHE I 113 -32.62 2.66 33.60
C PHE I 113 -31.15 2.62 33.18
N ALA I 114 -30.29 2.45 34.17
CA ALA I 114 -28.90 2.08 33.95
C ALA I 114 -28.46 1.17 35.08
N LEU I 115 -27.49 0.31 34.79
CA LEU I 115 -26.81 -0.44 35.82
C LEU I 115 -25.73 0.45 36.44
N PRO I 116 -25.29 0.15 37.68
CA PRO I 116 -24.55 1.14 38.48
C PRO I 116 -23.23 1.64 37.89
N ASN I 117 -22.53 0.78 37.15
CA ASN I 117 -21.23 1.10 36.58
C ASN I 117 -21.27 1.50 35.11
N ALA I 118 -22.49 1.63 34.57
CA ALA I 118 -22.67 2.09 33.21
C ALA I 118 -22.24 3.54 33.08
N GLU I 119 -21.73 3.87 31.90
CA GLU I 119 -21.20 5.19 31.58
C GLU I 119 -22.15 5.85 30.56
N VAL I 120 -22.53 7.09 30.82
CA VAL I 120 -23.35 7.86 29.90
C VAL I 120 -22.51 9.06 29.46
N MET I 121 -22.44 9.32 28.16
CA MET I 121 -21.71 10.48 27.68
C MET I 121 -22.58 11.29 26.75
N ILE I 122 -22.61 12.60 26.97
CA ILE I 122 -23.33 13.52 26.10
C ILE I 122 -22.34 14.53 25.52
N HIS I 123 -22.58 14.89 24.27
CA HIS I 123 -21.78 15.88 23.56
C HIS I 123 -22.53 16.39 22.34
N GLN I 124 -21.99 17.42 21.70
CA GLN I 124 -22.63 17.97 20.51
C GLN I 124 -22.36 17.09 19.28
N PRO I 125 -23.23 17.18 18.26
CA PRO I 125 -23.02 16.34 17.07
C PRO I 125 -21.73 16.68 16.31
N LEU I 126 -21.20 15.67 15.63
CA LEU I 126 -19.95 15.74 14.88
C LEU I 126 -20.29 15.63 13.41
N GLY I 127 -19.48 16.26 12.57
CA GLY I 127 -19.66 16.13 11.14
C GLY I 127 -18.54 16.74 10.34
N GLY I 128 -18.83 17.03 9.10
CA GLY I 128 -17.79 17.37 8.13
C GLY I 128 -18.39 18.02 6.93
N ALA I 129 -17.57 18.80 6.23
CA ALA I 129 -17.99 19.46 4.99
C ALA I 129 -16.72 19.90 4.29
N GLN I 130 -16.66 19.66 2.99
CA GLN I 130 -15.64 20.25 2.15
C GLN I 130 -16.25 20.69 0.84
N GLY I 131 -15.63 21.67 0.20
CA GLY I 131 -16.06 22.17 -1.09
C GLY I 131 -16.15 23.68 -1.04
N GLN I 132 -17.08 24.22 -1.80
CA GLN I 132 -17.21 25.64 -1.96
C GLN I 132 -17.75 26.29 -0.71
N ALA I 133 -17.48 27.58 -0.54
CA ALA I 133 -17.99 28.33 0.61
C ALA I 133 -19.51 28.11 0.86
N THR I 134 -20.31 28.20 -0.19
CA THR I 134 -21.77 28.04 -0.07
C THR I 134 -22.16 26.61 0.35
N GLU I 135 -21.40 25.61 -0.11
CA GLU I 135 -21.62 24.21 0.34
C GLU I 135 -21.27 24.05 1.82
N ILE I 136 -20.19 24.68 2.26
CA ILE I 136 -19.79 24.64 3.68
C ILE I 136 -20.88 25.32 4.52
N GLU I 137 -21.40 26.44 4.05
CA GLU I 137 -22.49 27.14 4.72
C GLU I 137 -23.73 26.27 4.89
N ILE I 138 -24.12 25.58 3.83
CA ILE I 138 -25.28 24.68 3.88
C ILE I 138 -25.06 23.56 4.90
N ALA I 139 -23.88 22.95 4.88
CA ALA I 139 -23.53 21.89 5.85
C ALA I 139 -23.51 22.42 7.29
N ALA I 140 -22.97 23.62 7.49
CA ALA I 140 -22.95 24.24 8.81
C ALA I 140 -24.35 24.52 9.33
N ASN I 141 -25.20 25.12 8.49
CA ASN I 141 -26.58 25.39 8.86
C ASN I 141 -27.33 24.11 9.22
N HIS I 142 -27.09 23.05 8.45
CA HIS I 142 -27.74 21.78 8.69
C HIS I 142 -27.33 21.17 10.03
N ILE I 143 -26.03 21.14 10.33
CA ILE I 143 -25.59 20.56 11.59
C ILE I 143 -26.01 21.41 12.80
N LEU I 144 -26.07 22.74 12.63
CA LEU I 144 -26.58 23.62 13.69
C LEU I 144 -28.07 23.41 13.97
N LYS I 145 -28.87 23.27 12.90
CA LYS I 145 -30.29 22.92 13.05
C LYS I 145 -30.49 21.55 13.70
N THR I 146 -29.66 20.59 13.31
CA THR I 146 -29.69 19.27 13.91
C THR I 146 -29.39 19.34 15.40
N ARG I 147 -28.40 20.12 15.79
CA ARG I 147 -28.09 20.31 17.20
C ARG I 147 -29.26 20.93 17.96
N GLU I 148 -29.88 21.95 17.39
CA GLU I 148 -31.07 22.57 18.01
C GLU I 148 -32.20 21.55 18.22
N LYS I 149 -32.43 20.71 17.21
CA LYS I 149 -33.45 19.67 17.28
C LYS I 149 -33.14 18.68 18.41
N LEU I 150 -31.91 18.20 18.47
CA LEU I 150 -31.47 17.29 19.52
C LEU I 150 -31.61 17.91 20.91
N ASN I 151 -31.17 19.15 21.06
CA ASN I 151 -31.20 19.82 22.34
C ASN I 151 -32.61 20.07 22.83
N ARG I 152 -33.50 20.47 21.92
CA ARG I 152 -34.89 20.70 22.25
C ARG I 152 -35.55 19.40 22.76
N ILE I 153 -35.33 18.29 22.05
CA ILE I 153 -35.89 17.01 22.48
C ILE I 153 -35.28 16.58 23.82
N LEU I 154 -33.97 16.72 23.97
CA LEU I 154 -33.31 16.37 25.23
C LEU I 154 -33.85 17.20 26.41
N SER I 155 -34.10 18.48 26.17
CA SER I 155 -34.72 19.35 27.16
C SER I 155 -36.10 18.82 27.61
N GLU I 156 -36.94 18.45 26.65
CA GLU I 156 -38.25 17.87 26.93
C GLU I 156 -38.16 16.54 27.69
N ARG I 157 -37.18 15.72 27.38
CA ARG I 157 -37.04 14.44 28.03
C ARG I 157 -36.37 14.43 29.39
N THR I 158 -35.52 15.39 29.63
CA THR I 158 -34.79 15.48 30.89
C THR I 158 -35.39 16.46 31.88
N GLY I 159 -36.15 17.43 31.40
CA GLY I 159 -36.57 18.56 32.23
C GLY I 159 -35.53 19.68 32.37
N GLN I 160 -34.36 19.56 31.74
CA GLN I 160 -33.35 20.62 31.80
C GLN I 160 -33.68 21.65 30.73
N SER I 161 -33.25 22.89 30.95
CA SER I 161 -33.45 23.93 29.94
C SER I 161 -32.55 23.71 28.72
N ILE I 162 -32.98 24.23 27.58
CA ILE I 162 -32.17 24.21 26.37
C ILE I 162 -30.81 24.88 26.58
N GLU I 163 -30.76 25.96 27.34
CA GLU I 163 -29.52 26.68 27.60
C GLU I 163 -28.54 25.81 28.39
N LYS I 164 -29.06 25.08 29.38
CA LYS I 164 -28.22 24.17 30.15
C LYS I 164 -27.71 23.00 29.28
N ILE I 165 -28.59 22.41 28.47
CA ILE I 165 -28.20 21.31 27.57
C ILE I 165 -27.06 21.77 26.64
N GLN I 166 -27.24 22.95 26.04
CA GLN I 166 -26.22 23.56 25.14
C GLN I 166 -24.85 23.66 25.83
N LYS I 167 -24.84 24.22 27.03
CA LYS I 167 -23.62 24.37 27.81
C LYS I 167 -23.01 23.01 28.16
N ASP I 168 -23.84 22.06 28.61
CA ASP I 168 -23.33 20.76 29.07
C ASP I 168 -22.90 19.80 27.97
N THR I 169 -23.26 20.09 26.72
CA THR I 169 -22.87 19.27 25.57
C THR I 169 -21.80 19.93 24.69
N ASP I 170 -21.26 21.06 25.15
CA ASP I 170 -20.26 21.81 24.38
C ASP I 170 -19.02 20.96 24.14
N ARG I 171 -18.62 20.22 25.16
CA ARG I 171 -17.58 19.22 25.05
C ARG I 171 -18.05 17.91 25.65
N ASP I 172 -17.28 16.85 25.44
CA ASP I 172 -17.55 15.54 25.99
C ASP I 172 -17.79 15.63 27.48
N ASN I 173 -18.96 15.15 27.91
CA ASN I 173 -19.39 15.21 29.28
C ASN I 173 -19.78 13.78 29.69
N PHE I 174 -18.93 13.17 30.51
CA PHE I 174 -19.11 11.81 31.00
C PHE I 174 -19.89 11.84 32.30
N LEU I 175 -20.94 11.03 32.40
CA LEU I 175 -21.75 10.93 33.60
C LEU I 175 -21.74 9.51 34.11
N THR I 176 -21.71 9.35 35.43
CA THR I 176 -22.01 8.08 36.06
C THR I 176 -23.51 7.80 35.93
N ALA I 177 -23.93 6.56 36.19
CA ALA I 177 -25.35 6.21 36.17
C ALA I 177 -26.17 7.12 37.11
N GLU I 178 -25.64 7.34 38.31
CA GLU I 178 -26.31 8.20 39.29
C GLU I 178 -26.41 9.64 38.81
N GLU I 179 -25.34 10.16 38.21
CA GLU I 179 -25.38 11.52 37.62
C GLU I 179 -26.36 11.61 36.45
N ALA I 180 -26.45 10.55 35.65
CA ALA I 180 -27.45 10.52 34.56
C ALA I 180 -28.89 10.59 35.10
N LYS I 181 -29.13 9.91 36.23
CA LYS I 181 -30.41 9.99 36.91
C LYS I 181 -30.71 11.40 37.40
N GLU I 182 -29.74 12.01 38.07
CA GLU I 182 -29.89 13.38 38.56
C GLU I 182 -30.16 14.32 37.39
N TYR I 183 -29.47 14.11 36.29
CA TYR I 183 -29.64 14.93 35.11
C TYR I 183 -31.04 14.79 34.46
N GLY I 184 -31.69 13.66 34.66
CA GLY I 184 -32.98 13.36 34.01
C GLY I 184 -32.89 12.53 32.73
N LEU I 185 -31.70 11.99 32.42
CA LEU I 185 -31.53 11.13 31.25
C LEU I 185 -32.14 9.75 31.49
N ILE I 186 -32.10 9.30 32.74
CA ILE I 186 -32.73 8.07 33.16
C ILE I 186 -33.56 8.37 34.41
N ASP I 187 -34.41 7.41 34.76
CA ASP I 187 -35.29 7.51 35.92
C ASP I 187 -34.75 6.78 37.13
N GLU I 188 -33.98 5.70 36.92
CA GLU I 188 -33.56 4.87 38.03
C GLU I 188 -32.25 4.12 37.73
N VAL I 189 -31.41 3.99 38.74
CA VAL I 189 -30.28 3.07 38.72
C VAL I 189 -30.73 1.76 39.37
N MET I 190 -30.67 0.66 38.63
CA MET I 190 -30.98 -0.68 39.18
C MET I 190 -29.79 -1.19 39.99
N VAL I 191 -29.93 -1.15 41.30
CA VAL I 191 -28.90 -1.67 42.22
C VAL I 191 -29.07 -3.19 42.32
N PRO I 192 -27.97 -3.96 42.43
CA PRO I 192 -28.14 -5.40 42.54
C PRO I 192 -28.73 -5.85 43.90
N GLU I 193 -29.60 -6.86 43.86
CA GLU I 193 -30.23 -7.44 45.06
C GLU I 193 -29.34 -8.50 45.70
N ILE J 4 -28.81 -10.18 11.64
CA ILE J 4 -30.26 -10.11 11.33
C ILE J 4 -30.99 -11.20 12.13
N PRO J 5 -31.87 -10.80 13.06
CA PRO J 5 -32.51 -11.82 13.89
C PRO J 5 -33.55 -12.68 13.16
N THR J 6 -33.81 -13.85 13.69
CA THR J 6 -34.83 -14.79 13.24
C THR J 6 -36.08 -14.76 14.13
N VAL J 7 -37.25 -14.90 13.53
CA VAL J 7 -38.52 -15.08 14.24
C VAL J 7 -39.18 -16.38 13.79
N ILE J 8 -39.89 -17.05 14.72
CA ILE J 8 -40.71 -18.21 14.35
C ILE J 8 -42.21 -17.93 14.60
N TYR J 18 -38.23 -17.34 9.79
CA TYR J 18 -38.04 -16.17 8.95
C TYR J 18 -36.94 -15.30 9.56
N ASP J 19 -36.04 -14.75 8.74
CA ASP J 19 -35.30 -13.55 9.15
C ASP J 19 -36.32 -12.38 9.26
N ILE J 20 -35.96 -11.35 10.02
CA ILE J 20 -36.90 -10.27 10.34
C ILE J 20 -37.45 -9.57 9.09
N TYR J 21 -36.61 -9.37 8.07
CA TYR J 21 -37.05 -8.69 6.84
C TYR J 21 -38.04 -9.52 6.05
N SER J 22 -37.80 -10.81 5.96
CA SER J 22 -38.75 -11.75 5.35
C SER J 22 -40.07 -11.80 6.09
N ARG J 23 -40.01 -11.71 7.42
CA ARG J 23 -41.23 -11.65 8.22
C ARG J 23 -42.04 -10.42 7.88
N LEU J 24 -41.38 -9.27 7.75
CA LEU J 24 -42.07 -8.04 7.35
C LEU J 24 -42.65 -8.16 5.94
N LEU J 25 -41.93 -8.80 5.04
CA LEU J 25 -42.41 -8.99 3.67
C LEU J 25 -43.70 -9.81 3.61
N LYS J 26 -43.83 -10.80 4.49
CA LYS J 26 -45.07 -11.56 4.64
C LYS J 26 -46.28 -10.65 4.91
N ASP J 27 -46.07 -9.55 5.66
CA ASP J 27 -47.11 -8.51 5.86
C ASP J 27 -47.03 -7.33 4.88
N ARG J 28 -46.42 -7.57 3.71
CA ARG J 28 -46.39 -6.61 2.60
C ARG J 28 -45.60 -5.32 2.89
N ILE J 29 -44.60 -5.43 3.78
CA ILE J 29 -43.68 -4.35 4.07
C ILE J 29 -42.34 -4.63 3.40
N ILE J 30 -41.90 -3.70 2.56
CA ILE J 30 -40.60 -3.76 1.87
C ILE J 30 -39.70 -2.70 2.50
N MET J 31 -38.48 -3.08 2.85
CA MET J 31 -37.51 -2.17 3.49
C MET J 31 -36.47 -1.71 2.46
N LEU J 32 -36.50 -0.42 2.14
CA LEU J 32 -35.43 0.20 1.36
C LEU J 32 -34.59 0.98 2.36
N GLY J 33 -33.58 0.31 2.91
CA GLY J 33 -32.82 0.81 4.03
C GLY J 33 -31.32 1.01 3.76
N SER J 34 -30.97 1.22 2.50
CA SER J 34 -29.57 1.36 2.13
C SER J 34 -29.43 2.26 0.91
N GLN J 35 -28.19 2.46 0.50
CA GLN J 35 -27.86 3.08 -0.75
C GLN J 35 -28.53 2.30 -1.89
N ILE J 36 -29.05 3.01 -2.87
CA ILE J 36 -29.74 2.40 -3.99
C ILE J 36 -28.74 2.05 -5.09
N ASP J 37 -28.48 0.77 -5.28
CA ASP J 37 -27.70 0.30 -6.41
C ASP J 37 -28.52 -0.76 -7.14
N ASP J 38 -27.96 -1.34 -8.18
CA ASP J 38 -28.68 -2.33 -8.99
C ASP J 38 -29.16 -3.54 -8.19
N ASN J 39 -28.36 -4.04 -7.27
CA ASN J 39 -28.73 -5.18 -6.42
C ASN J 39 -29.96 -4.87 -5.56
N VAL J 40 -29.94 -3.71 -4.93
CA VAL J 40 -31.05 -3.28 -4.11
C VAL J 40 -32.30 -3.11 -4.98
N ALA J 41 -32.16 -2.49 -6.15
CA ALA J 41 -33.30 -2.32 -7.06
C ALA J 41 -33.88 -3.66 -7.51
N ASN J 42 -33.01 -4.59 -7.88
CA ASN J 42 -33.47 -5.91 -8.32
C ASN J 42 -34.25 -6.63 -7.23
N SER J 43 -33.77 -6.51 -5.99
CA SER J 43 -34.44 -7.12 -4.86
C SER J 43 -35.81 -6.48 -4.62
N ILE J 44 -35.86 -5.15 -4.65
CA ILE J 44 -37.12 -4.44 -4.41
C ILE J 44 -38.12 -4.68 -5.54
N VAL J 45 -37.65 -4.67 -6.79
CA VAL J 45 -38.50 -4.99 -7.92
C VAL J 45 -39.10 -6.41 -7.76
N SER J 46 -38.25 -7.37 -7.40
CA SER J 46 -38.72 -8.74 -7.18
C SER J 46 -39.77 -8.85 -6.08
N GLN J 47 -39.56 -8.13 -4.98
CA GLN J 47 -40.50 -8.11 -3.88
C GLN J 47 -41.84 -7.50 -4.30
N LEU J 48 -41.80 -6.43 -5.09
CA LEU J 48 -43.02 -5.80 -5.58
C LEU J 48 -43.81 -6.75 -6.49
N LEU J 49 -43.12 -7.45 -7.38
CA LEU J 49 -43.77 -8.41 -8.27
C LEU J 49 -44.35 -9.58 -7.51
N PHE J 50 -43.62 -10.08 -6.51
CA PHE J 50 -44.10 -11.14 -5.66
C PHE J 50 -45.37 -10.72 -4.91
N LEU J 51 -45.34 -9.53 -4.31
CA LEU J 51 -46.49 -9.05 -3.54
C LEU J 51 -47.73 -8.83 -4.40
N GLN J 52 -47.56 -8.27 -5.60
CA GLN J 52 -48.67 -8.12 -6.52
C GLN J 52 -49.30 -9.48 -6.89
N ALA J 53 -48.46 -10.49 -7.13
CA ALA J 53 -48.95 -11.84 -7.44
C ALA J 53 -49.67 -12.49 -6.25
N GLN J 54 -49.20 -12.24 -5.02
CA GLN J 54 -49.87 -12.73 -3.83
C GLN J 54 -51.25 -12.11 -3.66
N ASP J 55 -51.34 -10.79 -3.89
CA ASP J 55 -52.59 -10.06 -3.77
C ASP J 55 -52.51 -8.76 -4.55
N SER J 56 -53.25 -8.67 -5.65
CA SER J 56 -53.18 -7.50 -6.52
C SER J 56 -53.96 -6.27 -6.00
N GLU J 57 -54.71 -6.43 -4.91
CA GLU J 57 -55.55 -5.35 -4.38
C GLU J 57 -55.06 -4.75 -3.07
N LYS J 58 -54.37 -5.54 -2.23
CA LYS J 58 -53.92 -5.05 -0.93
C LYS J 58 -52.73 -4.11 -1.08
N ASP J 59 -52.73 -3.05 -0.28
CA ASP J 59 -51.65 -2.09 -0.25
C ASP J 59 -50.30 -2.75 0.09
N ILE J 60 -49.24 -2.14 -0.43
CA ILE J 60 -47.87 -2.48 -0.11
C ILE J 60 -47.28 -1.29 0.66
N TYR J 61 -46.39 -1.57 1.60
CA TYR J 61 -45.77 -0.57 2.45
C TYR J 61 -44.26 -0.52 2.21
N LEU J 62 -43.78 0.59 1.64
CA LEU J 62 -42.35 0.80 1.35
C LEU J 62 -41.74 1.75 2.37
N TYR J 63 -40.89 1.19 3.22
CA TYR J 63 -40.08 1.93 4.20
C TYR J 63 -38.85 2.49 3.51
N ILE J 64 -38.58 3.78 3.72
CA ILE J 64 -37.42 4.42 3.09
C ILE J 64 -36.55 5.08 4.13
N ASN J 65 -35.34 4.54 4.28
CA ASN J 65 -34.25 5.15 5.02
C ASN J 65 -33.01 4.99 4.14
N SER J 66 -32.77 5.98 3.27
CA SER J 66 -31.80 5.82 2.21
C SER J 66 -31.14 7.15 1.85
N PRO J 67 -29.80 7.16 1.67
CA PRO J 67 -29.10 8.35 1.16
C PRO J 67 -29.22 8.52 -0.37
N GLY J 68 -29.92 7.62 -1.05
CA GLY J 68 -30.05 7.70 -2.50
C GLY J 68 -29.09 6.75 -3.17
N GLY J 69 -28.69 7.09 -4.39
CA GLY J 69 -27.76 6.25 -5.17
C GLY J 69 -28.08 6.34 -6.63
N SER J 70 -27.95 5.22 -7.33
CA SER J 70 -28.06 5.18 -8.80
C SER J 70 -29.42 5.63 -9.27
N VAL J 71 -29.43 6.55 -10.24
CA VAL J 71 -30.66 7.05 -10.82
C VAL J 71 -31.41 5.96 -11.61
N THR J 72 -30.68 5.18 -12.41
CA THR J 72 -31.34 4.13 -13.20
C THR J 72 -31.90 3.03 -12.29
N ALA J 73 -31.16 2.69 -11.23
CA ALA J 73 -31.68 1.75 -10.24
C ALA J 73 -32.94 2.30 -9.56
N GLY J 74 -32.92 3.58 -9.23
CA GLY J 74 -34.08 4.24 -8.67
C GLY J 74 -35.27 4.20 -9.62
N PHE J 75 -35.02 4.40 -10.91
CA PHE J 75 -36.08 4.30 -11.91
C PHE J 75 -36.62 2.90 -12.13
N ALA J 76 -35.80 1.88 -11.92
CA ALA J 76 -36.28 0.51 -11.91
C ALA J 76 -37.38 0.34 -10.84
N ILE J 77 -37.14 0.88 -9.66
CA ILE J 77 -38.08 0.79 -8.56
C ILE J 77 -39.31 1.66 -8.88
N TYR J 78 -39.07 2.90 -9.29
CA TYR J 78 -40.13 3.84 -9.61
C TYR J 78 -41.12 3.25 -10.63
N ASP J 79 -40.60 2.78 -11.77
CA ASP J 79 -41.45 2.27 -12.81
C ASP J 79 -42.20 1.00 -12.39
N THR J 80 -41.57 0.16 -11.56
CA THR J 80 -42.23 -1.03 -11.08
C THR J 80 -43.38 -0.66 -10.14
N ILE J 81 -43.16 0.32 -9.27
CA ILE J 81 -44.23 0.83 -8.41
C ILE J 81 -45.44 1.26 -9.27
N GLN J 82 -45.19 2.07 -10.29
CA GLN J 82 -46.29 2.57 -11.12
C GLN J 82 -46.94 1.46 -11.95
N HIS J 83 -46.17 0.45 -12.33
CA HIS J 83 -46.65 -0.62 -13.18
C HIS J 83 -47.64 -1.56 -12.48
N ILE J 84 -47.37 -1.90 -11.23
CA ILE J 84 -48.19 -2.86 -10.51
C ILE J 84 -49.54 -2.26 -10.08
N LYS J 85 -50.50 -3.13 -9.81
CA LYS J 85 -51.86 -2.72 -9.46
C LYS J 85 -51.97 -2.20 -8.01
N PRO J 86 -51.39 -2.90 -7.02
CA PRO J 86 -51.52 -2.39 -5.66
C PRO J 86 -50.95 -0.98 -5.45
N ASP J 87 -51.60 -0.20 -4.60
CA ASP J 87 -51.05 1.05 -4.13
C ASP J 87 -49.80 0.76 -3.29
N VAL J 88 -48.76 1.54 -3.49
CA VAL J 88 -47.55 1.46 -2.68
C VAL J 88 -47.48 2.67 -1.80
N GLN J 89 -47.69 2.47 -0.50
CA GLN J 89 -47.54 3.52 0.50
C GLN J 89 -46.05 3.68 0.77
N THR J 90 -45.62 4.91 1.03
CA THR J 90 -44.22 5.20 1.36
C THR J 90 -44.13 5.90 2.69
N ILE J 91 -43.09 5.58 3.45
CA ILE J 91 -42.80 6.30 4.67
C ILE J 91 -41.31 6.59 4.77
N CYS J 92 -40.99 7.82 5.14
CA CYS J 92 -39.62 8.19 5.43
C CYS J 92 -39.39 8.09 6.92
N ILE J 93 -38.44 7.24 7.29
CA ILE J 93 -38.00 7.09 8.66
C ILE J 93 -36.48 7.26 8.60
N GLY J 94 -35.95 8.19 9.39
CA GLY J 94 -34.52 8.50 9.36
C GLY J 94 -34.21 9.56 8.33
N MET J 95 -33.95 9.13 7.10
CA MET J 95 -33.54 10.02 6.02
C MET J 95 -34.02 9.48 4.67
N ALA J 96 -34.46 10.38 3.80
CA ALA J 96 -34.63 10.06 2.39
C ALA J 96 -33.93 11.18 1.64
N ALA J 97 -32.79 10.86 1.00
CA ALA J 97 -32.02 11.84 0.26
C ALA J 97 -31.94 11.42 -1.20
N SER J 98 -31.94 12.42 -2.08
CA SER J 98 -31.67 12.22 -3.50
C SER J 98 -32.68 11.25 -4.11
N MET J 99 -32.25 10.15 -4.75
CA MET J 99 -33.20 9.17 -5.27
C MET J 99 -34.12 8.58 -4.22
N GLY J 100 -33.68 8.57 -2.95
CA GLY J 100 -34.52 8.14 -1.83
C GLY J 100 -35.74 9.03 -1.68
N SER J 101 -35.53 10.34 -1.76
CA SER J 101 -36.64 11.29 -1.65
C SER J 101 -37.52 11.26 -2.90
N PHE J 102 -36.93 10.95 -4.05
CA PHE J 102 -37.68 10.77 -5.29
C PHE J 102 -38.65 9.58 -5.15
N LEU J 103 -38.16 8.48 -4.58
CA LEU J 103 -39.00 7.30 -4.36
C LEU J 103 -40.05 7.52 -3.28
N LEU J 104 -39.72 8.29 -2.24
CA LEU J 104 -40.70 8.70 -1.24
C LEU J 104 -41.89 9.41 -1.91
N ALA J 105 -41.58 10.35 -2.80
CA ALA J 105 -42.60 11.10 -3.54
C ALA J 105 -43.39 10.26 -4.55
N ALA J 106 -42.87 9.08 -4.90
CA ALA J 106 -43.48 8.17 -5.86
C ALA J 106 -44.59 7.27 -5.30
N GLY J 107 -44.78 7.29 -3.98
CA GLY J 107 -45.82 6.50 -3.36
C GLY J 107 -47.21 6.93 -3.81
N ALA J 108 -48.20 6.09 -3.58
CA ALA J 108 -49.60 6.38 -3.97
C ALA J 108 -50.03 7.70 -3.34
N LYS J 109 -50.72 8.52 -4.14
CA LYS J 109 -51.19 9.83 -3.70
C LYS J 109 -52.10 9.67 -2.48
N GLY J 110 -51.85 10.48 -1.46
CA GLY J 110 -52.51 10.36 -0.17
C GLY J 110 -51.87 9.37 0.80
N LYS J 111 -50.89 8.59 0.35
CA LYS J 111 -50.31 7.54 1.19
C LYS J 111 -48.78 7.63 1.27
N ARG J 112 -48.27 8.86 1.27
CA ARG J 112 -46.85 9.14 1.43
C ARG J 112 -46.69 9.84 2.76
N PHE J 113 -45.85 9.26 3.63
CA PHE J 113 -45.73 9.70 5.00
C PHE J 113 -44.28 9.93 5.42
N ALA J 114 -44.11 10.63 6.52
CA ALA J 114 -42.83 10.68 7.22
C ALA J 114 -43.08 10.76 8.71
N LEU J 115 -42.15 10.26 9.50
CA LEU J 115 -42.19 10.50 10.94
C LEU J 115 -41.59 11.87 11.23
N PRO J 116 -41.92 12.48 12.38
CA PRO J 116 -41.68 13.93 12.55
C PRO J 116 -40.23 14.41 12.47
N ASN J 117 -39.28 13.55 12.87
CA ASN J 117 -37.87 13.93 12.87
C ASN J 117 -37.09 13.36 11.70
N ALA J 118 -37.80 12.77 10.74
CA ALA J 118 -37.19 12.30 9.51
C ALA J 118 -36.69 13.49 8.68
N GLU J 119 -35.61 13.25 7.96
CA GLU J 119 -34.95 14.26 7.16
C GLU J 119 -35.15 13.91 5.68
N VAL J 120 -35.56 14.89 4.89
CA VAL J 120 -35.71 14.71 3.45
C VAL J 120 -34.75 15.67 2.78
N MET J 121 -33.96 15.18 1.82
CA MET J 121 -33.02 16.04 1.12
C MET J 121 -33.20 15.89 -0.38
N ILE J 122 -33.26 17.02 -1.07
CA ILE J 122 -33.34 17.01 -2.53
C ILE J 122 -32.16 17.78 -3.09
N HIS J 123 -31.63 17.30 -4.20
CA HIS J 123 -30.53 17.95 -4.91
C HIS J 123 -30.46 17.46 -6.34
N GLN J 124 -29.60 18.07 -7.14
CA GLN J 124 -29.47 17.66 -8.55
C GLN J 124 -28.61 16.40 -8.64
N PRO J 125 -28.77 15.64 -9.75
CA PRO J 125 -27.95 14.43 -9.90
C PRO J 125 -26.44 14.73 -10.04
N LEU J 126 -25.64 13.77 -9.59
CA LEU J 126 -24.19 13.86 -9.59
C LEU J 126 -23.68 12.87 -10.61
N GLY J 127 -22.52 13.18 -11.20
CA GLY J 127 -21.87 12.27 -12.11
C GLY J 127 -20.49 12.70 -12.48
N GLY J 128 -20.00 12.13 -13.58
CA GLY J 128 -18.66 12.39 -14.05
C GLY J 128 -18.58 12.16 -15.54
N ALA J 129 -17.48 12.63 -16.11
CA ALA J 129 -17.16 12.40 -17.50
C ALA J 129 -15.67 12.68 -17.65
N GLN J 130 -14.98 11.79 -18.37
CA GLN J 130 -13.61 12.07 -18.78
C GLN J 130 -13.41 11.57 -20.20
N GLY J 131 -12.47 12.20 -20.90
CA GLY J 131 -12.08 11.80 -22.24
C GLY J 131 -12.08 12.97 -23.17
N GLN J 132 -12.41 12.71 -24.42
CA GLN J 132 -12.39 13.73 -25.45
C GLN J 132 -13.53 14.72 -25.27
N ALA J 133 -13.36 15.92 -25.81
CA ALA J 133 -14.39 16.94 -25.75
C ALA J 133 -15.81 16.42 -26.13
N THR J 134 -15.91 15.69 -27.23
CA THR J 134 -17.19 15.17 -27.70
C THR J 134 -17.77 14.12 -26.74
N GLU J 135 -16.91 13.32 -26.10
CA GLU J 135 -17.37 12.38 -25.06
C GLU J 135 -17.90 13.12 -23.83
N ILE J 136 -17.23 14.20 -23.43
CA ILE J 136 -17.68 15.03 -22.31
C ILE J 136 -19.04 15.65 -22.65
N GLU J 137 -19.19 16.13 -23.87
CA GLU J 137 -20.45 16.70 -24.35
C GLU J 137 -21.61 15.69 -24.26
N ILE J 138 -21.35 14.46 -24.72
CA ILE J 138 -22.36 13.40 -24.66
C ILE J 138 -22.76 13.11 -23.22
N ALA J 139 -21.79 12.99 -22.32
CA ALA J 139 -22.06 12.76 -20.89
C ALA J 139 -22.82 13.92 -20.26
N ALA J 140 -22.45 15.16 -20.61
CA ALA J 140 -23.15 16.34 -20.10
C ALA J 140 -24.60 16.38 -20.57
N ASN J 141 -24.83 16.15 -21.86
CA ASN J 141 -26.19 16.11 -22.41
C ASN J 141 -27.02 15.03 -21.73
N HIS J 142 -26.43 13.87 -21.49
CA HIS J 142 -27.12 12.76 -20.85
C HIS J 142 -27.53 13.11 -19.42
N ILE J 143 -26.62 13.68 -18.62
CA ILE J 143 -26.96 14.01 -17.24
C ILE J 143 -27.96 15.17 -17.16
N LEU J 144 -27.89 16.11 -18.10
CA LEU J 144 -28.88 17.20 -18.17
C LEU J 144 -30.28 16.67 -18.54
N LYS J 145 -30.36 15.76 -19.50
CA LYS J 145 -31.64 15.11 -19.84
C LYS J 145 -32.18 14.28 -18.67
N THR J 146 -31.30 13.59 -17.96
CA THR J 146 -31.69 12.85 -16.79
C THR J 146 -32.27 13.76 -15.73
N ARG J 147 -31.64 14.92 -15.50
CA ARG J 147 -32.17 15.89 -14.55
C ARG J 147 -33.54 16.42 -14.97
N GLU J 148 -33.72 16.72 -16.26
CA GLU J 148 -35.04 17.14 -16.77
C GLU J 148 -36.12 16.07 -16.53
N LYS J 149 -35.78 14.82 -16.76
CA LYS J 149 -36.69 13.71 -16.54
C LYS J 149 -37.10 13.62 -15.06
N LEU J 150 -36.11 13.67 -14.17
CA LEU J 150 -36.36 13.67 -12.74
C LEU J 150 -37.23 14.83 -12.28
N ASN J 151 -36.91 16.02 -12.75
CA ASN J 151 -37.62 17.24 -12.34
C ASN J 151 -39.06 17.23 -12.85
N ARG J 152 -39.28 16.76 -14.08
CA ARG J 152 -40.62 16.65 -14.63
C ARG J 152 -41.48 15.72 -13.79
N ILE J 153 -40.95 14.54 -13.45
CA ILE J 153 -41.70 13.58 -12.63
C ILE J 153 -41.94 14.15 -11.24
N LEU J 154 -40.91 14.76 -10.63
CA LEU J 154 -41.08 15.38 -9.32
C LEU J 154 -42.16 16.48 -9.33
N SER J 155 -42.18 17.27 -10.39
CA SER J 155 -43.22 18.29 -10.59
C SER J 155 -44.63 17.67 -10.59
N GLU J 156 -44.81 16.60 -11.34
CA GLU J 156 -46.09 15.88 -11.40
C GLU J 156 -46.48 15.29 -10.02
N ARG J 157 -45.52 14.78 -9.29
CA ARG J 157 -45.77 14.19 -8.01
C ARG J 157 -45.96 15.14 -6.83
N THR J 158 -45.38 16.31 -6.89
CA THR J 158 -45.45 17.31 -5.82
C THR J 158 -46.48 18.41 -6.07
N GLY J 159 -46.81 18.66 -7.34
CA GLY J 159 -47.55 19.86 -7.71
C GLY J 159 -46.73 21.13 -7.85
N GLN J 160 -45.41 21.07 -7.65
CA GLN J 160 -44.54 22.23 -7.86
C GLN J 160 -44.19 22.33 -9.32
N SER J 161 -43.91 23.54 -9.78
CA SER J 161 -43.47 23.75 -11.16
C SER J 161 -42.05 23.18 -11.36
N ILE J 162 -41.75 22.84 -12.60
CA ILE J 162 -40.41 22.41 -12.99
C ILE J 162 -39.38 23.50 -12.67
N GLU J 163 -39.73 24.77 -12.86
CA GLU J 163 -38.83 25.87 -12.62
C GLU J 163 -38.49 25.98 -11.13
N LYS J 164 -39.48 25.77 -10.27
CA LYS J 164 -39.24 25.78 -8.83
C LYS J 164 -38.37 24.59 -8.40
N ILE J 165 -38.66 23.39 -8.93
CA ILE J 165 -37.86 22.19 -8.63
C ILE J 165 -36.38 22.44 -9.01
N GLN J 166 -36.16 22.96 -10.21
CA GLN J 166 -34.82 23.29 -10.72
C GLN J 166 -34.05 24.20 -9.75
N LYS J 167 -34.70 25.28 -9.35
CA LYS J 167 -34.11 26.23 -8.40
C LYS J 167 -33.83 25.58 -7.04
N ASP J 168 -34.79 24.81 -6.52
CA ASP J 168 -34.67 24.23 -5.18
C ASP J 168 -33.71 23.05 -5.08
N THR J 169 -33.32 22.46 -6.21
CA THR J 169 -32.39 21.34 -6.24
C THR J 169 -30.99 21.72 -6.73
N ASP J 170 -30.75 23.02 -6.93
CA ASP J 170 -29.48 23.50 -7.44
C ASP J 170 -28.33 23.11 -6.49
N ARG J 171 -28.60 23.22 -5.18
CA ARG J 171 -27.70 22.70 -4.16
C ARG J 171 -28.47 21.84 -3.18
N ASP J 172 -27.76 21.15 -2.30
CA ASP J 172 -28.35 20.35 -1.25
C ASP J 172 -29.38 21.16 -0.48
N ASN J 173 -30.60 20.65 -0.43
CA ASN J 173 -31.72 21.32 0.20
C ASN J 173 -32.34 20.32 1.19
N PHE J 174 -32.11 20.55 2.47
CA PHE J 174 -32.61 19.70 3.55
C PHE J 174 -33.97 20.20 3.99
N LEU J 175 -34.93 19.30 4.10
CA LEU J 175 -36.28 19.63 4.55
C LEU J 175 -36.61 18.81 5.78
N THR J 176 -37.31 19.44 6.72
CA THR J 176 -37.95 18.71 7.80
C THR J 176 -39.16 17.94 7.22
N ALA J 177 -39.70 17.00 8.00
CA ALA J 177 -40.89 16.26 7.57
C ALA J 177 -42.04 17.20 7.24
N GLU J 178 -42.26 18.21 8.09
CA GLU J 178 -43.32 19.19 7.86
C GLU J 178 -43.08 19.99 6.59
N GLU J 179 -41.84 20.41 6.35
CA GLU J 179 -41.50 21.12 5.09
C GLU J 179 -41.68 20.22 3.87
N ALA J 180 -41.36 18.93 4.00
CA ALA J 180 -41.60 17.98 2.90
C ALA J 180 -43.10 17.85 2.57
N LYS J 181 -43.93 17.89 3.60
CA LYS J 181 -45.38 17.90 3.40
C LYS J 181 -45.85 19.16 2.68
N GLU J 182 -45.41 20.31 3.16
CA GLU J 182 -45.71 21.60 2.50
C GLU J 182 -45.23 21.63 1.05
N TYR J 183 -44.09 21.02 0.80
CA TYR J 183 -43.54 20.94 -0.55
C TYR J 183 -44.35 20.01 -1.48
N GLY J 184 -45.06 19.03 -0.92
CA GLY J 184 -45.79 18.04 -1.70
C GLY J 184 -45.04 16.73 -1.94
N LEU J 185 -43.91 16.53 -1.25
CA LEU J 185 -43.16 15.27 -1.35
C LEU J 185 -43.86 14.14 -0.60
N ILE J 186 -44.53 14.51 0.49
CA ILE J 186 -45.35 13.59 1.24
C ILE J 186 -46.71 14.23 1.47
N ASP J 187 -47.65 13.42 1.92
CA ASP J 187 -49.02 13.87 2.19
C ASP J 187 -49.26 14.15 3.66
N GLU J 188 -48.57 13.44 4.55
CA GLU J 188 -48.84 13.55 5.98
C GLU J 188 -47.62 13.23 6.83
N VAL J 189 -47.47 13.98 7.92
CA VAL J 189 -46.53 13.65 8.98
C VAL J 189 -47.31 12.87 10.04
N MET J 190 -46.90 11.64 10.34
CA MET J 190 -47.53 10.84 11.40
C MET J 190 -47.00 11.28 12.75
N VAL J 191 -47.80 12.02 13.50
CA VAL J 191 -47.44 12.51 14.83
C VAL J 191 -47.73 11.38 15.84
N PRO J 192 -46.89 11.23 16.88
CA PRO J 192 -47.14 10.13 17.80
C PRO J 192 -48.37 10.35 18.71
N GLU J 193 -49.11 9.26 18.96
CA GLU J 193 -50.36 9.29 19.73
C GLU J 193 -50.07 9.13 21.22
N LEU K 3 -28.62 -9.31 0.79
CA LEU K 3 -29.98 -9.34 1.33
C LEU K 3 -31.02 -9.83 0.34
N ILE K 4 -31.37 -11.09 0.46
CA ILE K 4 -32.38 -11.67 -0.39
C ILE K 4 -33.42 -12.25 0.50
N PRO K 5 -34.59 -11.69 0.48
CA PRO K 5 -35.65 -12.22 1.33
C PRO K 5 -36.19 -13.59 0.88
N THR K 6 -36.77 -14.30 1.83
CA THR K 6 -37.40 -15.61 1.64
C THR K 6 -38.93 -15.50 1.61
N VAL K 7 -39.56 -16.31 0.76
CA VAL K 7 -41.02 -16.45 0.74
C VAL K 7 -41.40 -17.92 0.95
N TYR K 18 -38.43 -20.56 -0.52
CA TYR K 18 -37.72 -20.03 -1.67
C TYR K 18 -37.12 -18.68 -1.33
N ASP K 19 -35.89 -18.40 -1.75
CA ASP K 19 -35.45 -17.00 -1.90
C ASP K 19 -36.29 -16.36 -3.04
N ILE K 20 -36.37 -15.03 -3.04
CA ILE K 20 -37.28 -14.33 -3.96
C ILE K 20 -36.98 -14.63 -5.44
N TYR K 21 -35.70 -14.74 -5.80
CA TYR K 21 -35.32 -15.00 -7.20
C TYR K 21 -35.72 -16.39 -7.64
N SER K 22 -35.54 -17.38 -6.77
CA SER K 22 -35.99 -18.74 -7.03
C SER K 22 -37.50 -18.82 -7.16
N ARG K 23 -38.22 -18.03 -6.35
CA ARG K 23 -39.66 -17.95 -6.47
C ARG K 23 -40.07 -17.44 -7.85
N LEU K 24 -39.40 -16.39 -8.33
CA LEU K 24 -39.67 -15.87 -9.67
C LEU K 24 -39.34 -16.89 -10.76
N LEU K 25 -38.26 -17.65 -10.57
CA LEU K 25 -37.86 -18.68 -11.54
C LEU K 25 -38.94 -19.77 -11.69
N LYS K 26 -39.60 -20.11 -10.58
CA LYS K 26 -40.73 -21.04 -10.60
C LYS K 26 -41.84 -20.56 -11.56
N ASP K 27 -42.06 -19.25 -11.68
CA ASP K 27 -42.97 -18.67 -12.68
C ASP K 27 -42.30 -18.24 -14.00
N ARG K 28 -41.15 -18.84 -14.31
CA ARG K 28 -40.46 -18.67 -15.59
C ARG K 28 -39.91 -17.25 -15.83
N ILE K 29 -39.60 -16.54 -14.74
CA ILE K 29 -38.96 -15.24 -14.79
C ILE K 29 -37.48 -15.39 -14.42
N ILE K 30 -36.61 -14.97 -15.31
CA ILE K 30 -35.16 -14.96 -15.11
C ILE K 30 -34.72 -13.51 -14.95
N MET K 31 -33.90 -13.24 -13.94
CA MET K 31 -33.42 -11.87 -13.66
C MET K 31 -31.97 -11.73 -14.13
N LEU K 32 -31.76 -10.89 -15.14
CA LEU K 32 -30.42 -10.45 -15.51
C LEU K 32 -30.26 -9.05 -14.96
N GLY K 33 -29.76 -8.97 -13.73
CA GLY K 33 -29.73 -7.72 -12.98
C GLY K 33 -28.34 -7.24 -12.58
N SER K 34 -27.33 -7.63 -13.35
CA SER K 34 -25.97 -7.24 -13.04
C SER K 34 -25.13 -7.14 -14.29
N GLN K 35 -23.87 -6.78 -14.10
CA GLN K 35 -22.86 -6.85 -15.13
C GLN K 35 -22.79 -8.28 -15.68
N ILE K 36 -22.64 -8.40 -16.99
CA ILE K 36 -22.60 -9.70 -17.64
C ILE K 36 -21.17 -10.21 -17.66
N ASP K 37 -20.89 -11.24 -16.86
CA ASP K 37 -19.63 -11.96 -16.94
C ASP K 37 -19.94 -13.45 -17.13
N ASP K 38 -18.92 -14.28 -17.17
CA ASP K 38 -19.10 -15.71 -17.41
C ASP K 38 -20.00 -16.39 -16.38
N ASN K 39 -19.87 -16.04 -15.09
CA ASN K 39 -20.72 -16.60 -14.05
C ASN K 39 -22.19 -16.30 -14.24
N VAL K 40 -22.48 -15.05 -14.56
CA VAL K 40 -23.84 -14.62 -14.82
C VAL K 40 -24.38 -15.36 -16.04
N ALA K 41 -23.59 -15.45 -17.11
CA ALA K 41 -24.01 -16.16 -18.32
C ALA K 41 -24.29 -17.63 -18.03
N ASN K 42 -23.40 -18.29 -17.30
CA ASN K 42 -23.60 -19.70 -16.96
C ASN K 42 -24.88 -19.94 -16.18
N SER K 43 -25.18 -19.03 -15.25
CA SER K 43 -26.38 -19.13 -14.47
C SER K 43 -27.63 -18.94 -15.34
N ILE K 44 -27.60 -17.93 -16.20
CA ILE K 44 -28.75 -17.65 -17.06
C ILE K 44 -28.95 -18.76 -18.09
N VAL K 45 -27.86 -19.25 -18.68
CA VAL K 45 -27.93 -20.38 -19.59
C VAL K 45 -28.57 -21.59 -18.90
N SER K 46 -28.12 -21.89 -17.68
CA SER K 46 -28.68 -23.01 -16.91
C SER K 46 -30.18 -22.84 -16.64
N GLN K 47 -30.58 -21.63 -16.28
CA GLN K 47 -31.99 -21.35 -16.04
C GLN K 47 -32.83 -21.53 -17.30
N LEU K 48 -32.32 -21.08 -18.44
CA LEU K 48 -33.00 -21.24 -19.71
C LEU K 48 -33.19 -22.72 -20.06
N LEU K 49 -32.14 -23.52 -19.87
CA LEU K 49 -32.21 -24.95 -20.15
C LEU K 49 -33.17 -25.66 -19.20
N PHE K 50 -33.14 -25.29 -17.93
CA PHE K 50 -34.07 -25.83 -16.95
C PHE K 50 -35.51 -25.52 -17.34
N LEU K 51 -35.78 -24.26 -17.68
CA LEU K 51 -37.14 -23.86 -18.02
C LEU K 51 -37.67 -24.53 -19.28
N GLN K 52 -36.83 -24.67 -20.31
CA GLN K 52 -37.22 -25.40 -21.51
C GLN K 52 -37.58 -26.87 -21.19
N ALA K 53 -36.79 -27.51 -20.32
CA ALA K 53 -37.08 -28.89 -19.91
C ALA K 53 -38.36 -29.01 -19.09
N GLN K 54 -38.65 -28.02 -18.26
CA GLN K 54 -39.91 -27.98 -17.50
C GLN K 54 -41.12 -27.86 -18.42
N ASP K 55 -41.01 -26.98 -19.43
CA ASP K 55 -42.08 -26.75 -20.38
C ASP K 55 -41.52 -26.11 -21.65
N SER K 56 -41.51 -26.86 -22.74
CA SER K 56 -40.91 -26.38 -23.99
C SER K 56 -41.79 -25.39 -24.77
N GLU K 57 -43.04 -25.19 -24.34
CA GLU K 57 -43.99 -24.34 -25.05
C GLU K 57 -44.30 -23.02 -24.36
N LYS K 58 -44.24 -22.97 -23.04
CA LYS K 58 -44.59 -21.76 -22.30
C LYS K 58 -43.48 -20.71 -22.42
N ASP K 59 -43.89 -19.45 -22.58
CA ASP K 59 -42.97 -18.33 -22.65
C ASP K 59 -42.09 -18.24 -21.40
N ILE K 60 -40.89 -17.70 -21.61
CA ILE K 60 -39.96 -17.35 -20.55
C ILE K 60 -39.88 -15.81 -20.53
N TYR K 61 -39.68 -15.25 -19.34
CA TYR K 61 -39.61 -13.80 -19.14
C TYR K 61 -38.22 -13.42 -18.62
N LEU K 62 -37.46 -12.70 -19.44
CA LEU K 62 -36.11 -12.24 -19.09
C LEU K 62 -36.12 -10.75 -18.75
N TYR K 63 -35.93 -10.46 -17.46
CA TYR K 63 -35.78 -9.11 -16.94
C TYR K 63 -34.37 -8.63 -17.14
N ILE K 64 -34.20 -7.42 -17.67
CA ILE K 64 -32.87 -6.89 -17.96
C ILE K 64 -32.71 -5.53 -17.29
N ASN K 65 -31.82 -5.49 -16.30
CA ASN K 65 -31.31 -4.26 -15.70
C ASN K 65 -29.79 -4.45 -15.59
N SER K 66 -29.07 -4.06 -16.64
CA SER K 66 -27.67 -4.42 -16.78
C SER K 66 -26.89 -3.36 -17.53
N PRO K 67 -25.67 -3.01 -17.04
CA PRO K 67 -24.76 -2.12 -17.77
C PRO K 67 -23.99 -2.82 -18.89
N GLY K 68 -24.22 -4.12 -19.10
CA GLY K 68 -23.51 -4.87 -20.12
C GLY K 68 -22.37 -5.64 -19.51
N GLY K 69 -21.31 -5.86 -20.29
CA GLY K 69 -20.16 -6.63 -19.84
C GLY K 69 -19.57 -7.44 -20.97
N SER K 70 -19.11 -8.65 -20.67
CA SER K 70 -18.38 -9.48 -21.62
C SER K 70 -19.24 -9.83 -22.83
N VAL K 71 -18.66 -9.62 -24.02
CA VAL K 71 -19.34 -9.92 -25.27
C VAL K 71 -19.56 -11.42 -25.45
N THR K 72 -18.56 -12.23 -25.15
CA THR K 72 -18.69 -13.69 -25.31
C THR K 72 -19.70 -14.25 -24.32
N ALA K 73 -19.71 -13.73 -23.09
CA ALA K 73 -20.72 -14.11 -22.10
C ALA K 73 -22.12 -13.72 -22.59
N GLY K 74 -22.24 -12.53 -23.16
CA GLY K 74 -23.49 -12.09 -23.75
C GLY K 74 -23.95 -13.00 -24.88
N PHE K 75 -23.01 -13.45 -25.71
CA PHE K 75 -23.33 -14.38 -26.78
C PHE K 75 -23.70 -15.77 -26.31
N ALA K 76 -23.18 -16.21 -25.16
CA ALA K 76 -23.64 -17.44 -24.54
C ALA K 76 -25.15 -17.36 -24.27
N ILE K 77 -25.59 -16.23 -23.73
CA ILE K 77 -27.00 -16.03 -23.42
C ILE K 77 -27.80 -15.90 -24.72
N TYR K 78 -27.31 -15.06 -25.64
CA TYR K 78 -27.98 -14.84 -26.91
C TYR K 78 -28.24 -16.16 -27.65
N ASP K 79 -27.20 -16.95 -27.85
CA ASP K 79 -27.32 -18.19 -28.60
C ASP K 79 -28.23 -19.20 -27.89
N THR K 80 -28.20 -19.22 -26.56
CA THR K 80 -29.07 -20.12 -25.82
C THR K 80 -30.54 -19.71 -25.98
N ILE K 81 -30.82 -18.41 -25.92
CA ILE K 81 -32.16 -17.90 -26.21
C ILE K 81 -32.64 -18.40 -27.58
N GLN K 82 -31.83 -18.22 -28.62
CA GLN K 82 -32.26 -18.61 -29.95
C GLN K 82 -32.37 -20.13 -30.10
N HIS K 83 -31.55 -20.88 -29.37
CA HIS K 83 -31.51 -22.32 -29.47
C HIS K 83 -32.77 -23.01 -28.91
N ILE K 84 -33.26 -22.53 -27.78
CA ILE K 84 -34.36 -23.20 -27.10
C ILE K 84 -35.70 -22.95 -27.80
N LYS K 85 -36.67 -23.81 -27.54
CA LYS K 85 -37.99 -23.74 -28.19
C LYS K 85 -38.88 -22.62 -27.65
N PRO K 86 -38.97 -22.45 -26.32
CA PRO K 86 -39.83 -21.37 -25.84
C PRO K 86 -39.43 -19.98 -26.31
N ASP K 87 -40.41 -19.13 -26.56
CA ASP K 87 -40.18 -17.71 -26.77
C ASP K 87 -39.63 -17.09 -25.48
N VAL K 88 -38.62 -16.24 -25.62
CA VAL K 88 -38.09 -15.51 -24.48
C VAL K 88 -38.48 -14.05 -24.65
N GLN K 89 -39.39 -13.61 -23.79
CA GLN K 89 -39.78 -12.21 -23.75
C GLN K 89 -38.70 -11.46 -22.97
N THR K 90 -38.45 -10.22 -23.36
CA THR K 90 -37.47 -9.37 -22.68
C THR K 90 -38.12 -8.09 -22.24
N ILE K 91 -37.69 -7.61 -21.08
CA ILE K 91 -38.12 -6.31 -20.59
C ILE K 91 -36.94 -5.55 -20.01
N CYS K 92 -36.83 -4.28 -20.38
CA CYS K 92 -35.85 -3.39 -19.79
C CYS K 92 -36.50 -2.60 -18.67
N ILE K 93 -35.97 -2.78 -17.47
CA ILE K 93 -36.38 -2.04 -16.29
C ILE K 93 -35.08 -1.45 -15.73
N GLY K 94 -35.05 -0.13 -15.58
CA GLY K 94 -33.85 0.56 -15.13
C GLY K 94 -32.96 0.94 -16.30
N MET K 95 -32.07 0.04 -16.69
CA MET K 95 -31.11 0.31 -17.75
C MET K 95 -30.75 -0.98 -18.50
N ALA K 96 -30.60 -0.87 -19.81
CA ALA K 96 -29.95 -1.91 -20.60
C ALA K 96 -28.89 -1.19 -21.44
N ALA K 97 -27.62 -1.41 -21.12
CA ALA K 97 -26.52 -0.77 -21.84
C ALA K 97 -25.64 -1.84 -22.47
N SER K 98 -25.12 -1.52 -23.65
CA SER K 98 -24.10 -2.34 -24.31
C SER K 98 -24.63 -3.75 -24.56
N MET K 99 -23.95 -4.82 -24.10
CA MET K 99 -24.49 -6.16 -24.27
C MET K 99 -25.87 -6.37 -23.65
N GLY K 100 -26.21 -5.58 -22.63
CA GLY K 100 -27.54 -5.60 -22.06
C GLY K 100 -28.61 -5.20 -23.07
N SER K 101 -28.34 -4.15 -23.83
CA SER K 101 -29.28 -3.69 -24.85
C SER K 101 -29.31 -4.66 -26.03
N PHE K 102 -28.18 -5.32 -26.32
CA PHE K 102 -28.13 -6.34 -27.34
C PHE K 102 -29.05 -7.51 -26.97
N LEU K 103 -29.00 -7.94 -25.71
CA LEU K 103 -29.87 -9.01 -25.22
C LEU K 103 -31.35 -8.60 -25.16
N LEU K 104 -31.61 -7.35 -24.82
CA LEU K 104 -32.97 -6.81 -24.88
C LEU K 104 -33.55 -6.98 -26.29
N ALA K 105 -32.77 -6.60 -27.29
CA ALA K 105 -33.16 -6.73 -28.71
C ALA K 105 -33.28 -8.18 -29.21
N ALA K 106 -32.70 -9.12 -28.46
CA ALA K 106 -32.69 -10.54 -28.80
C ALA K 106 -33.95 -11.31 -28.41
N GLY K 107 -34.86 -10.67 -27.67
CA GLY K 107 -36.09 -11.31 -27.25
C GLY K 107 -36.96 -11.66 -28.44
N ALA K 108 -37.95 -12.53 -28.23
CA ALA K 108 -38.88 -12.95 -29.28
C ALA K 108 -39.54 -11.73 -29.92
N LYS K 109 -39.63 -11.73 -31.26
CA LYS K 109 -40.20 -10.61 -32.00
C LYS K 109 -41.65 -10.40 -31.54
N GLY K 110 -42.00 -9.15 -31.26
CA GLY K 110 -43.27 -8.77 -30.67
C GLY K 110 -43.32 -8.84 -29.14
N LYS K 111 -42.29 -9.37 -28.50
CA LYS K 111 -42.32 -9.57 -27.05
C LYS K 111 -41.08 -8.97 -26.35
N ARG K 112 -40.63 -7.83 -26.87
CA ARG K 112 -39.53 -7.07 -26.29
C ARG K 112 -40.13 -5.77 -25.79
N PHE K 113 -39.95 -5.50 -24.50
CA PHE K 113 -40.60 -4.40 -23.82
C PHE K 113 -39.62 -3.53 -23.03
N ALA K 114 -40.08 -2.35 -22.67
CA ALA K 114 -39.42 -1.53 -21.65
C ALA K 114 -40.47 -0.79 -20.87
N LEU K 115 -40.16 -0.47 -19.62
CA LEU K 115 -40.98 0.45 -18.85
C LEU K 115 -40.59 1.89 -19.23
N PRO K 116 -41.50 2.87 -19.03
CA PRO K 116 -41.35 4.18 -19.69
C PRO K 116 -40.09 4.97 -19.37
N ASN K 117 -39.54 4.82 -18.17
CA ASN K 117 -38.36 5.58 -17.76
C ASN K 117 -37.08 4.78 -17.81
N ALA K 118 -37.15 3.58 -18.39
CA ALA K 118 -35.97 2.76 -18.60
C ALA K 118 -35.06 3.42 -19.64
N GLU K 119 -33.77 3.21 -19.45
CA GLU K 119 -32.72 3.81 -20.28
C GLU K 119 -32.08 2.69 -21.11
N VAL K 120 -31.94 2.91 -22.41
CA VAL K 120 -31.27 1.95 -23.28
C VAL K 120 -30.04 2.68 -23.84
N MET K 121 -28.88 2.04 -23.80
CA MET K 121 -27.68 2.65 -24.37
C MET K 121 -27.01 1.69 -25.31
N ILE K 122 -26.63 2.18 -26.49
CA ILE K 122 -25.89 1.38 -27.46
C ILE K 122 -24.57 2.08 -27.74
N HIS K 123 -23.53 1.29 -27.94
CA HIS K 123 -22.20 1.79 -28.29
C HIS K 123 -21.34 0.66 -28.85
N GLN K 124 -20.17 1.01 -29.35
CA GLN K 124 -19.27 -0.01 -29.92
C GLN K 124 -18.55 -0.76 -28.80
N PRO K 125 -18.08 -1.99 -29.09
CA PRO K 125 -17.39 -2.75 -28.05
C PRO K 125 -16.06 -2.13 -27.61
N LEU K 126 -15.70 -2.38 -26.36
CA LEU K 126 -14.52 -1.84 -25.72
C LEU K 126 -13.55 -2.98 -25.49
N GLY K 127 -12.27 -2.67 -25.49
CA GLY K 127 -11.26 -3.67 -25.17
C GLY K 127 -9.87 -3.09 -25.02
N GLY K 128 -8.90 -3.97 -25.09
CA GLY K 128 -7.53 -3.63 -24.81
C GLY K 128 -6.58 -4.61 -25.46
N ALA K 129 -5.34 -4.19 -25.62
CA ALA K 129 -4.30 -5.02 -26.20
C ALA K 129 -2.98 -4.38 -25.85
N GLN K 130 -2.03 -5.19 -25.42
CA GLN K 130 -0.66 -4.73 -25.27
C GLN K 130 0.30 -5.80 -25.75
N GLY K 131 1.48 -5.36 -26.18
CA GLY K 131 2.55 -6.27 -26.58
C GLY K 131 3.11 -5.87 -27.92
N GLN K 132 3.51 -6.85 -28.69
CA GLN K 132 4.16 -6.63 -29.96
C GLN K 132 3.16 -6.12 -30.99
N ALA K 133 3.67 -5.45 -32.01
CA ALA K 133 2.83 -4.97 -33.11
C ALA K 133 1.87 -6.04 -33.66
N THR K 134 2.40 -7.26 -33.92
CA THR K 134 1.56 -8.32 -34.47
C THR K 134 0.47 -8.79 -33.49
N GLU K 135 0.76 -8.76 -32.18
CA GLU K 135 -0.24 -9.07 -31.15
C GLU K 135 -1.33 -7.99 -31.13
N ILE K 136 -0.94 -6.73 -31.25
CA ILE K 136 -1.90 -5.63 -31.29
C ILE K 136 -2.81 -5.78 -32.52
N GLU K 137 -2.20 -6.13 -33.66
CA GLU K 137 -2.95 -6.34 -34.90
C GLU K 137 -3.99 -7.45 -34.74
N ILE K 138 -3.60 -8.57 -34.14
CA ILE K 138 -4.52 -9.69 -33.91
C ILE K 138 -5.69 -9.26 -33.03
N ALA K 139 -5.40 -8.54 -31.94
CA ALA K 139 -6.44 -8.04 -31.05
C ALA K 139 -7.37 -7.03 -31.75
N ALA K 140 -6.80 -6.15 -32.56
CA ALA K 140 -7.59 -5.18 -33.32
C ALA K 140 -8.52 -5.88 -34.32
N ASN K 141 -7.98 -6.83 -35.08
CA ASN K 141 -8.79 -7.59 -36.04
C ASN K 141 -9.93 -8.33 -35.34
N HIS K 142 -9.63 -8.90 -34.18
CA HIS K 142 -10.64 -9.63 -33.42
C HIS K 142 -11.77 -8.72 -32.95
N ILE K 143 -11.44 -7.56 -32.38
CA ILE K 143 -12.49 -6.67 -31.89
C ILE K 143 -13.29 -6.04 -33.05
N LEU K 144 -12.65 -5.80 -34.19
CA LEU K 144 -13.36 -5.30 -35.37
C LEU K 144 -14.33 -6.35 -35.94
N LYS K 145 -13.90 -7.62 -36.00
CA LYS K 145 -14.80 -8.71 -36.40
C LYS K 145 -15.96 -8.89 -35.41
N THR K 146 -15.68 -8.76 -34.13
CA THR K 146 -16.71 -8.83 -33.12
C THR K 146 -17.74 -7.72 -33.31
N ARG K 147 -17.27 -6.50 -33.59
CA ARG K 147 -18.19 -5.41 -33.86
C ARG K 147 -19.07 -5.65 -35.08
N GLU K 148 -18.47 -6.17 -36.16
CA GLU K 148 -19.24 -6.53 -37.37
C GLU K 148 -20.33 -7.56 -37.06
N LYS K 149 -19.98 -8.58 -36.26
CA LYS K 149 -20.92 -9.61 -35.87
C LYS K 149 -22.09 -9.01 -35.07
N LEU K 150 -21.78 -8.17 -34.08
CA LEU K 150 -22.80 -7.50 -33.28
C LEU K 150 -23.71 -6.62 -34.14
N ASN K 151 -23.12 -5.84 -35.03
CA ASN K 151 -23.87 -4.91 -35.85
C ASN K 151 -24.79 -5.63 -36.84
N ARG K 152 -24.29 -6.72 -37.42
CA ARG K 152 -25.09 -7.52 -38.34
C ARG K 152 -26.33 -8.09 -37.63
N ILE K 153 -26.13 -8.66 -36.43
CA ILE K 153 -27.24 -9.21 -35.69
C ILE K 153 -28.22 -8.11 -35.26
N LEU K 154 -27.69 -6.98 -34.79
CA LEU K 154 -28.53 -5.85 -34.41
C LEU K 154 -29.37 -5.33 -35.59
N SER K 155 -28.75 -5.29 -36.77
CA SER K 155 -29.45 -4.93 -38.00
C SER K 155 -30.66 -5.86 -38.27
N GLU K 156 -30.42 -7.17 -38.18
CA GLU K 156 -31.48 -8.17 -38.35
C GLU K 156 -32.59 -8.04 -37.30
N ARG K 157 -32.22 -7.70 -36.09
CA ARG K 157 -33.18 -7.57 -35.01
C ARG K 157 -33.98 -6.31 -34.93
N THR K 158 -33.42 -5.24 -35.43
CA THR K 158 -34.05 -3.92 -35.39
C THR K 158 -34.70 -3.52 -36.70
N GLY K 159 -34.25 -4.09 -37.82
CA GLY K 159 -34.62 -3.60 -39.14
C GLY K 159 -33.81 -2.41 -39.64
N GLN K 160 -32.83 -1.92 -38.87
CA GLN K 160 -31.98 -0.83 -39.32
C GLN K 160 -30.85 -1.39 -40.17
N SER K 161 -30.33 -0.58 -41.08
CA SER K 161 -29.19 -1.02 -41.88
C SER K 161 -27.91 -1.11 -41.04
N ILE K 162 -26.98 -1.95 -41.48
CA ILE K 162 -25.67 -2.07 -40.86
C ILE K 162 -24.95 -0.71 -40.83
N GLU K 163 -25.08 0.08 -41.90
CA GLU K 163 -24.43 1.39 -41.97
C GLU K 163 -24.98 2.34 -40.91
N LYS K 164 -26.29 2.31 -40.70
CA LYS K 164 -26.89 3.14 -39.67
C LYS K 164 -26.47 2.68 -38.25
N ILE K 165 -26.45 1.37 -38.00
CA ILE K 165 -26.02 0.82 -36.71
C ILE K 165 -24.57 1.28 -36.41
N GLN K 166 -23.69 1.14 -37.41
CA GLN K 166 -22.29 1.57 -37.29
C GLN K 166 -22.16 3.03 -36.86
N LYS K 167 -22.88 3.89 -37.57
CA LYS K 167 -22.89 5.33 -37.26
C LYS K 167 -23.45 5.60 -35.86
N ASP K 168 -24.57 4.96 -35.51
CA ASP K 168 -25.25 5.23 -34.24
C ASP K 168 -24.57 4.65 -33.00
N THR K 169 -23.62 3.72 -33.20
CA THR K 169 -22.87 3.12 -32.09
C THR K 169 -21.42 3.62 -32.00
N ASP K 170 -21.07 4.62 -32.81
CA ASP K 170 -19.71 5.15 -32.84
C ASP K 170 -19.31 5.71 -31.49
N ARG K 171 -20.25 6.39 -30.83
CA ARG K 171 -20.10 6.81 -29.44
C ARG K 171 -21.33 6.42 -28.66
N ASP K 172 -21.26 6.57 -27.34
CA ASP K 172 -22.37 6.30 -26.44
C ASP K 172 -23.63 7.02 -26.92
N ASN K 173 -24.68 6.24 -27.13
CA ASN K 173 -25.93 6.73 -27.64
C ASN K 173 -27.03 6.26 -26.68
N PHE K 174 -27.56 7.20 -25.90
CA PHE K 174 -28.58 6.95 -24.92
C PHE K 174 -29.96 7.12 -25.55
N LEU K 175 -30.84 6.15 -25.36
CA LEU K 175 -32.19 6.22 -25.88
C LEU K 175 -33.18 6.11 -24.74
N THR K 176 -34.27 6.87 -24.83
CA THR K 176 -35.43 6.65 -23.98
C THR K 176 -36.14 5.35 -24.43
N ALA K 177 -37.04 4.84 -23.61
CA ALA K 177 -37.81 3.65 -23.98
C ALA K 177 -38.56 3.84 -25.31
N GLU K 178 -39.17 5.02 -25.48
CA GLU K 178 -39.89 5.33 -26.71
C GLU K 178 -38.96 5.39 -27.91
N GLU K 179 -37.78 6.00 -27.75
CA GLU K 179 -36.78 6.01 -28.83
C GLU K 179 -36.27 4.60 -29.15
N ALA K 180 -36.11 3.75 -28.13
CA ALA K 180 -35.72 2.36 -28.37
C ALA K 180 -36.78 1.61 -29.20
N LYS K 181 -38.05 1.89 -28.94
CA LYS K 181 -39.14 1.33 -29.75
C LYS K 181 -39.07 1.81 -31.20
N GLU K 182 -38.94 3.11 -31.39
CA GLU K 182 -38.79 3.69 -32.74
C GLU K 182 -37.57 3.13 -33.47
N TYR K 183 -36.50 2.87 -32.73
CA TYR K 183 -35.30 2.28 -33.30
C TYR K 183 -35.48 0.80 -33.71
N GLY K 184 -36.41 0.10 -33.08
CA GLY K 184 -36.61 -1.35 -33.31
C GLY K 184 -35.89 -2.26 -32.32
N LEU K 185 -35.36 -1.69 -31.23
CA LEU K 185 -34.71 -2.50 -30.17
C LEU K 185 -35.75 -3.22 -29.32
N ILE K 186 -36.90 -2.59 -29.14
CA ILE K 186 -38.04 -3.18 -28.47
C ILE K 186 -39.27 -2.99 -29.34
N ASP K 187 -40.33 -3.70 -28.98
CA ASP K 187 -41.60 -3.64 -29.70
C ASP K 187 -42.62 -2.73 -29.04
N GLU K 188 -42.57 -2.61 -27.72
CA GLU K 188 -43.60 -1.87 -26.99
C GLU K 188 -43.07 -1.28 -25.68
N VAL K 189 -43.53 -0.08 -25.35
CA VAL K 189 -43.39 0.51 -24.05
C VAL K 189 -44.64 0.21 -23.24
N MET K 190 -44.50 -0.48 -22.10
CA MET K 190 -45.64 -0.76 -21.22
C MET K 190 -45.95 0.46 -20.37
N VAL K 191 -47.02 1.19 -20.73
CA VAL K 191 -47.44 2.38 -19.97
C VAL K 191 -48.27 1.91 -18.76
N PRO K 192 -48.16 2.60 -17.62
CA PRO K 192 -48.93 2.12 -16.46
C PRO K 192 -50.44 2.38 -16.59
N GLU K 193 -51.25 1.45 -16.10
CA GLU K 193 -52.72 1.61 -16.00
C GLU K 193 -53.11 2.33 -14.72
N LEU L 3 -25.96 -14.75 -7.44
CA LEU L 3 -26.64 -15.76 -6.65
C LEU L 3 -27.05 -16.95 -7.53
N ILE L 4 -27.00 -18.14 -6.95
CA ILE L 4 -27.37 -19.37 -7.69
C ILE L 4 -28.78 -19.81 -7.25
N PRO L 5 -29.74 -19.81 -8.17
CA PRO L 5 -31.11 -20.14 -7.77
C PRO L 5 -31.33 -21.62 -7.41
N THR L 6 -32.35 -21.86 -6.63
CA THR L 6 -32.80 -23.18 -6.22
C THR L 6 -34.06 -23.62 -6.96
N VAL L 7 -34.15 -24.92 -7.28
CA VAL L 7 -35.34 -25.53 -7.88
C VAL L 7 -35.81 -26.67 -6.96
N TYR L 18 -32.56 -28.54 -4.99
CA TYR L 18 -31.34 -28.50 -5.77
C TYR L 18 -31.00 -27.06 -6.12
N ASP L 19 -29.73 -26.67 -6.01
CA ASP L 19 -29.24 -25.50 -6.78
C ASP L 19 -29.30 -25.87 -8.28
N ILE L 20 -29.33 -24.86 -9.14
CA ILE L 20 -29.56 -25.08 -10.58
C ILE L 20 -28.50 -26.00 -11.22
N TYR L 21 -27.25 -25.88 -10.81
CA TYR L 21 -26.17 -26.69 -11.38
C TYR L 21 -26.31 -28.16 -10.99
N SER L 22 -26.66 -28.42 -9.75
CA SER L 22 -26.95 -29.77 -9.27
C SER L 22 -28.15 -30.38 -9.99
N ARG L 23 -29.15 -29.55 -10.28
CA ARG L 23 -30.30 -30.01 -11.05
C ARG L 23 -29.88 -30.45 -12.45
N LEU L 24 -29.01 -29.68 -13.09
CA LEU L 24 -28.47 -30.05 -14.41
C LEU L 24 -27.65 -31.34 -14.34
N LEU L 25 -26.87 -31.50 -13.26
CA LEU L 25 -26.06 -32.70 -13.07
C LEU L 25 -26.92 -33.97 -12.98
N LYS L 26 -28.09 -33.86 -12.36
CA LYS L 26 -29.06 -34.95 -12.32
C LYS L 26 -29.44 -35.43 -13.73
N ASP L 27 -29.50 -34.52 -14.71
CA ASP L 27 -29.69 -34.88 -16.13
C ASP L 27 -28.37 -35.04 -16.93
N ARG L 28 -27.28 -35.31 -16.24
CA ARG L 28 -25.98 -35.64 -16.85
C ARG L 28 -25.33 -34.48 -17.63
N ILE L 29 -25.64 -33.26 -17.21
CA ILE L 29 -25.02 -32.06 -17.76
C ILE L 29 -24.01 -31.51 -16.75
N ILE L 30 -22.76 -31.38 -17.18
CA ILE L 30 -21.67 -30.83 -16.38
C ILE L 30 -21.33 -29.45 -16.98
N MET L 31 -21.21 -28.44 -16.14
CA MET L 31 -20.90 -27.07 -16.58
C MET L 31 -19.44 -26.75 -16.28
N LEU L 32 -18.64 -26.57 -17.34
CA LEU L 32 -17.30 -26.02 -17.21
C LEU L 32 -17.39 -24.58 -17.67
N GLY L 33 -17.66 -23.70 -16.71
CA GLY L 33 -18.01 -22.32 -16.98
C GLY L 33 -17.04 -21.29 -16.38
N SER L 34 -15.80 -21.69 -16.16
CA SER L 34 -14.83 -20.80 -15.56
C SER L 34 -13.42 -21.13 -16.03
N GLN L 35 -12.46 -20.36 -15.53
CA GLN L 35 -11.05 -20.65 -15.69
C GLN L 35 -10.77 -22.05 -15.13
N ILE L 36 -9.92 -22.80 -15.81
CA ILE L 36 -9.60 -24.15 -15.40
C ILE L 36 -8.42 -24.12 -14.44
N ASP L 37 -8.67 -24.43 -13.19
CA ASP L 37 -7.61 -24.62 -12.20
C ASP L 37 -7.84 -25.98 -11.55
N ASP L 38 -7.00 -26.33 -10.58
CA ASP L 38 -7.10 -27.64 -9.94
C ASP L 38 -8.45 -27.91 -9.29
N ASN L 39 -9.03 -26.92 -8.63
CA ASN L 39 -10.35 -27.05 -8.00
C ASN L 39 -11.44 -27.39 -8.99
N VAL L 40 -11.45 -26.66 -10.11
CA VAL L 40 -12.42 -26.89 -11.16
C VAL L 40 -12.22 -28.30 -11.74
N ALA L 41 -10.96 -28.69 -11.99
CA ALA L 41 -10.67 -30.02 -12.51
C ALA L 41 -11.14 -31.12 -11.56
N ASN L 42 -10.85 -30.96 -10.27
CA ASN L 42 -11.26 -31.94 -9.27
C ASN L 42 -12.78 -32.12 -9.24
N SER L 43 -13.49 -31.00 -9.34
CA SER L 43 -14.94 -31.03 -9.34
C SER L 43 -15.47 -31.74 -10.59
N ILE L 44 -14.91 -31.40 -11.75
CA ILE L 44 -15.37 -32.00 -13.00
C ILE L 44 -15.02 -33.48 -13.07
N VAL L 45 -13.81 -33.85 -12.63
CA VAL L 45 -13.42 -35.25 -12.54
C VAL L 45 -14.41 -36.02 -11.65
N SER L 46 -14.73 -35.47 -10.49
CA SER L 46 -15.68 -36.10 -9.58
C SER L 46 -17.05 -36.28 -10.19
N GLN L 47 -17.53 -35.28 -10.91
CA GLN L 47 -18.82 -35.35 -11.58
C GLN L 47 -18.82 -36.43 -12.66
N LEU L 48 -17.74 -36.53 -13.42
CA LEU L 48 -17.62 -37.56 -14.45
C LEU L 48 -17.65 -38.97 -13.84
N LEU L 49 -16.92 -39.17 -12.74
CA LEU L 49 -16.91 -40.46 -12.06
C LEU L 49 -18.26 -40.80 -11.47
N PHE L 50 -18.93 -39.81 -10.88
CA PHE L 50 -20.26 -40.00 -10.36
C PHE L 50 -21.23 -40.41 -11.47
N LEU L 51 -21.21 -39.69 -12.58
CA LEU L 51 -22.13 -39.98 -13.67
C LEU L 51 -21.90 -41.35 -14.30
N GLN L 52 -20.64 -41.76 -14.47
CA GLN L 52 -20.34 -43.09 -14.96
C GLN L 52 -20.90 -44.18 -14.01
N ALA L 53 -20.76 -43.97 -12.71
CA ALA L 53 -21.28 -44.92 -11.72
C ALA L 53 -22.81 -44.97 -11.72
N GLN L 54 -23.47 -43.84 -11.94
CA GLN L 54 -24.93 -43.80 -12.06
C GLN L 54 -25.41 -44.56 -13.28
N ASP L 55 -24.72 -44.38 -14.41
CA ASP L 55 -25.07 -45.05 -15.65
C ASP L 55 -23.87 -45.05 -16.60
N SER L 56 -23.29 -46.23 -16.82
CA SER L 56 -22.08 -46.33 -17.64
C SER L 56 -22.32 -46.25 -19.15
N GLU L 57 -23.58 -46.24 -19.58
CA GLU L 57 -23.93 -46.26 -21.01
C GLU L 57 -24.50 -44.94 -21.52
N LYS L 58 -25.19 -44.18 -20.68
CA LYS L 58 -25.82 -42.94 -21.13
C LYS L 58 -24.79 -41.83 -21.35
N ASP L 59 -24.99 -41.06 -22.41
CA ASP L 59 -24.13 -39.93 -22.72
C ASP L 59 -24.08 -38.91 -21.57
N ILE L 60 -22.95 -38.22 -21.49
CA ILE L 60 -22.74 -37.09 -20.61
C ILE L 60 -22.62 -35.85 -21.49
N TYR L 61 -23.08 -34.72 -20.99
CA TYR L 61 -23.06 -33.45 -21.73
C TYR L 61 -22.18 -32.44 -21.00
N LEU L 62 -21.06 -32.07 -21.61
CA LEU L 62 -20.11 -31.10 -21.04
C LEU L 62 -20.24 -29.77 -21.75
N TYR L 63 -20.77 -28.79 -21.02
CA TYR L 63 -20.89 -27.40 -21.46
C TYR L 63 -19.55 -26.69 -21.22
N ILE L 64 -19.05 -26.00 -22.23
CA ILE L 64 -17.78 -25.29 -22.11
C ILE L 64 -17.95 -23.83 -22.45
N ASN L 65 -17.76 -22.99 -21.44
CA ASN L 65 -17.61 -21.55 -21.58
C ASN L 65 -16.43 -21.16 -20.68
N SER L 66 -15.23 -21.19 -21.25
CA SER L 66 -14.00 -21.11 -20.46
C SER L 66 -12.88 -20.43 -21.22
N PRO L 67 -12.14 -19.52 -20.56
CA PRO L 67 -10.93 -18.92 -21.14
C PRO L 67 -9.70 -19.82 -21.05
N GLY L 68 -9.83 -21.02 -20.50
CA GLY L 68 -8.72 -21.93 -20.36
C GLY L 68 -8.15 -21.87 -18.97
N GLY L 69 -6.84 -22.13 -18.84
CA GLY L 69 -6.17 -22.16 -17.55
C GLY L 69 -5.10 -23.24 -17.52
N SER L 70 -4.96 -23.88 -16.37
CA SER L 70 -3.86 -24.80 -16.12
C SER L 70 -3.90 -26.00 -17.09
N VAL L 71 -2.75 -26.28 -17.69
CA VAL L 71 -2.61 -27.41 -18.60
C VAL L 71 -2.78 -28.75 -17.89
N THR L 72 -2.14 -28.91 -16.72
CA THR L 72 -2.24 -30.17 -15.98
C THR L 72 -3.66 -30.40 -15.48
N ALA L 73 -4.32 -29.33 -15.02
CA ALA L 73 -5.73 -29.43 -14.65
C ALA L 73 -6.60 -29.83 -15.85
N GLY L 74 -6.33 -29.24 -17.00
CA GLY L 74 -7.02 -29.60 -18.22
C GLY L 74 -6.80 -31.07 -18.59
N PHE L 75 -5.58 -31.56 -18.40
CA PHE L 75 -5.29 -32.97 -18.64
C PHE L 75 -5.94 -33.93 -17.65
N ALA L 76 -6.16 -33.48 -16.42
CA ALA L 76 -6.96 -34.27 -15.48
C ALA L 76 -8.36 -34.53 -16.05
N ILE L 77 -8.96 -33.50 -16.61
CA ILE L 77 -10.29 -33.61 -17.19
C ILE L 77 -10.22 -34.45 -18.47
N TYR L 78 -9.27 -34.14 -19.35
CA TYR L 78 -9.10 -34.85 -20.60
C TYR L 78 -8.97 -36.36 -20.38
N ASP L 79 -8.04 -36.77 -19.53
CA ASP L 79 -7.80 -38.18 -19.29
C ASP L 79 -9.00 -38.88 -18.65
N THR L 80 -9.73 -38.17 -17.78
CA THR L 80 -10.90 -38.75 -17.17
C THR L 80 -12.00 -38.96 -18.21
N ILE L 81 -12.19 -38.00 -19.11
CA ILE L 81 -13.12 -38.16 -20.22
C ILE L 81 -12.79 -39.43 -21.01
N GLN L 82 -11.54 -39.60 -21.40
CA GLN L 82 -11.17 -40.76 -22.21
C GLN L 82 -11.25 -42.07 -21.42
N HIS L 83 -11.03 -42.01 -20.11
CA HIS L 83 -11.02 -43.19 -19.27
C HIS L 83 -12.41 -43.81 -19.06
N ILE L 84 -13.42 -42.99 -18.88
CA ILE L 84 -14.76 -43.47 -18.55
C ILE L 84 -15.46 -44.07 -19.77
N LYS L 85 -16.46 -44.91 -19.52
CA LYS L 85 -17.17 -45.62 -20.58
C LYS L 85 -18.16 -44.71 -21.34
N PRO L 86 -18.97 -43.90 -20.65
CA PRO L 86 -19.90 -43.05 -21.40
C PRO L 86 -19.23 -42.09 -22.38
N ASP L 87 -19.87 -41.86 -23.51
CA ASP L 87 -19.48 -40.78 -24.41
C ASP L 87 -19.72 -39.44 -23.73
N VAL L 88 -18.76 -38.54 -23.86
CA VAL L 88 -18.90 -37.19 -23.35
C VAL L 88 -19.07 -36.26 -24.54
N GLN L 89 -20.27 -35.73 -24.70
CA GLN L 89 -20.54 -34.73 -25.70
C GLN L 89 -20.03 -33.39 -25.18
N THR L 90 -19.52 -32.54 -26.07
CA THR L 90 -19.05 -31.21 -25.70
C THR L 90 -19.76 -30.17 -26.52
N ILE L 91 -20.06 -29.04 -25.89
CA ILE L 91 -20.61 -27.91 -26.59
C ILE L 91 -19.91 -26.62 -26.14
N CYS L 92 -19.54 -25.80 -27.11
CA CYS L 92 -19.03 -24.48 -26.83
C CYS L 92 -20.15 -23.47 -26.91
N ILE L 93 -20.39 -22.79 -25.80
CA ILE L 93 -21.35 -21.71 -25.70
C ILE L 93 -20.56 -20.54 -25.11
N GLY L 94 -20.56 -19.42 -25.80
CA GLY L 94 -19.78 -18.26 -25.39
C GLY L 94 -18.37 -18.30 -25.95
N MET L 95 -17.46 -18.94 -25.22
CA MET L 95 -16.06 -18.99 -25.60
C MET L 95 -15.42 -20.28 -25.11
N ALA L 96 -14.55 -20.86 -25.93
CA ALA L 96 -13.62 -21.89 -25.48
C ALA L 96 -12.24 -21.45 -25.96
N ALA L 97 -11.38 -21.06 -25.03
CA ALA L 97 -10.03 -20.61 -25.36
C ALA L 97 -9.01 -21.50 -24.70
N SER L 98 -7.89 -21.72 -25.38
CA SER L 98 -6.73 -22.40 -24.83
C SER L 98 -7.10 -23.81 -24.37
N MET L 99 -6.85 -24.17 -23.10
CA MET L 99 -7.26 -25.50 -22.63
C MET L 99 -8.76 -25.75 -22.75
N GLY L 100 -9.57 -24.69 -22.75
CA GLY L 100 -11.00 -24.82 -22.99
C GLY L 100 -11.30 -25.38 -24.38
N SER L 101 -10.60 -24.88 -25.39
CA SER L 101 -10.78 -25.37 -26.75
C SER L 101 -10.19 -26.77 -26.92
N PHE L 102 -9.14 -27.07 -26.16
CA PHE L 102 -8.56 -28.42 -26.14
C PHE L 102 -9.60 -29.43 -25.62
N LEU L 103 -10.28 -29.07 -24.54
CA LEU L 103 -11.33 -29.92 -23.96
C LEU L 103 -12.55 -30.03 -24.86
N LEU L 104 -12.91 -28.95 -25.55
CA LEU L 104 -13.97 -28.99 -26.55
C LEU L 104 -13.67 -30.07 -27.61
N ALA L 105 -12.44 -30.06 -28.11
CA ALA L 105 -11.97 -31.04 -29.10
C ALA L 105 -11.86 -32.47 -28.57
N ALA L 106 -11.86 -32.63 -27.25
CA ALA L 106 -11.74 -33.92 -26.58
C ALA L 106 -13.05 -34.71 -26.45
N GLY L 107 -14.18 -34.09 -26.80
CA GLY L 107 -15.47 -34.77 -26.72
C GLY L 107 -15.53 -35.95 -27.67
N ALA L 108 -16.51 -36.83 -27.46
CA ALA L 108 -16.69 -38.01 -28.31
C ALA L 108 -16.82 -37.60 -29.77
N LYS L 109 -16.14 -38.33 -30.66
CA LYS L 109 -16.14 -38.03 -32.10
C LYS L 109 -17.59 -38.08 -32.62
N GLY L 110 -17.96 -37.07 -33.37
CA GLY L 110 -19.33 -36.85 -33.82
C GLY L 110 -20.22 -36.10 -32.85
N LYS L 111 -19.76 -35.85 -31.62
CA LYS L 111 -20.61 -35.24 -30.61
C LYS L 111 -19.95 -34.01 -29.96
N ARG L 112 -19.22 -33.25 -30.78
CA ARG L 112 -18.61 -32.00 -30.37
C ARG L 112 -19.32 -30.89 -31.14
N PHE L 113 -19.87 -29.94 -30.40
CA PHE L 113 -20.72 -28.92 -30.97
C PHE L 113 -20.32 -27.51 -30.54
N ALA L 114 -20.84 -26.53 -31.26
CA ALA L 114 -20.82 -25.14 -30.82
C ALA L 114 -22.09 -24.47 -31.28
N LEU L 115 -22.53 -23.45 -30.54
CA LEU L 115 -23.59 -22.58 -31.01
C LEU L 115 -22.98 -21.54 -31.96
N PRO L 116 -23.80 -20.94 -32.85
CA PRO L 116 -23.25 -20.23 -34.01
C PRO L 116 -22.33 -19.04 -33.72
N ASN L 117 -22.58 -18.34 -32.60
CA ASN L 117 -21.81 -17.15 -32.25
C ASN L 117 -20.74 -17.40 -31.20
N ALA L 118 -20.53 -18.67 -30.87
CA ALA L 118 -19.48 -19.05 -29.94
C ALA L 118 -18.11 -18.79 -30.57
N GLU L 119 -17.15 -18.45 -29.72
CA GLU L 119 -15.80 -18.11 -30.12
C GLU L 119 -14.86 -19.23 -29.65
N VAL L 120 -14.00 -19.71 -30.53
CA VAL L 120 -13.00 -20.70 -30.17
C VAL L 120 -11.64 -20.05 -30.41
N MET L 121 -10.73 -20.17 -29.44
CA MET L 121 -9.39 -19.62 -29.61
C MET L 121 -8.35 -20.67 -29.28
N ILE L 122 -7.34 -20.80 -30.15
CA ILE L 122 -6.23 -21.71 -29.92
C ILE L 122 -4.95 -20.90 -29.91
N HIS L 123 -4.01 -21.30 -29.05
CA HIS L 123 -2.70 -20.69 -28.96
C HIS L 123 -1.74 -21.60 -28.22
N GLN L 124 -0.46 -21.24 -28.20
CA GLN L 124 0.53 -22.07 -27.52
C GLN L 124 0.46 -21.86 -26.01
N PRO L 125 0.96 -22.85 -25.22
CA PRO L 125 0.94 -22.67 -23.77
C PRO L 125 1.83 -21.53 -23.28
N LEU L 126 1.43 -20.97 -22.14
CA LEU L 126 2.11 -19.87 -21.48
C LEU L 126 2.75 -20.38 -20.21
N GLY L 127 3.85 -19.77 -19.80
CA GLY L 127 4.49 -20.11 -18.54
C GLY L 127 5.56 -19.12 -18.16
N GLY L 128 6.43 -19.58 -17.28
CA GLY L 128 7.50 -18.74 -16.78
C GLY L 128 8.59 -19.59 -16.19
N ALA L 129 9.73 -18.95 -15.97
CA ALA L 129 10.90 -19.62 -15.42
C ALA L 129 11.83 -18.55 -14.90
N GLN L 130 12.36 -18.75 -13.70
CA GLN L 130 13.40 -17.90 -13.17
C GLN L 130 14.44 -18.75 -12.46
N GLY L 131 15.67 -18.23 -12.39
CA GLY L 131 16.73 -18.82 -11.60
C GLY L 131 17.99 -18.97 -12.43
N GLN L 132 18.73 -20.02 -12.14
CA GLN L 132 19.98 -20.31 -12.83
C GLN L 132 19.73 -20.74 -14.25
N ALA L 133 20.73 -20.58 -15.10
CA ALA L 133 20.64 -21.01 -16.50
C ALA L 133 20.11 -22.45 -16.65
N THR L 134 20.63 -23.39 -15.88
CA THR L 134 20.20 -24.79 -15.97
C THR L 134 18.75 -24.99 -15.53
N GLU L 135 18.29 -24.20 -14.55
CA GLU L 135 16.87 -24.22 -14.14
C GLU L 135 15.97 -23.68 -15.24
N ILE L 136 16.41 -22.61 -15.91
CA ILE L 136 15.65 -22.03 -17.04
C ILE L 136 15.57 -23.07 -18.16
N GLU L 137 16.68 -23.75 -18.44
CA GLU L 137 16.71 -24.80 -19.45
C GLU L 137 15.71 -25.92 -19.15
N ILE L 138 15.67 -26.37 -17.91
CA ILE L 138 14.73 -27.42 -17.48
C ILE L 138 13.29 -26.96 -17.69
N ALA L 139 12.97 -25.73 -17.27
CA ALA L 139 11.63 -25.16 -17.45
C ALA L 139 11.27 -25.02 -18.93
N ALA L 140 12.23 -24.57 -19.75
CA ALA L 140 12.00 -24.44 -21.19
C ALA L 140 11.73 -25.78 -21.84
N ASN L 141 12.56 -26.78 -21.53
CA ASN L 141 12.35 -28.15 -22.06
C ASN L 141 11.00 -28.70 -21.65
N HIS L 142 10.59 -28.45 -20.42
CA HIS L 142 9.31 -28.92 -19.92
C HIS L 142 8.14 -28.29 -20.68
N ILE L 143 8.16 -26.96 -20.85
CA ILE L 143 7.06 -26.32 -21.56
C ILE L 143 7.03 -26.68 -23.06
N LEU L 144 8.20 -26.89 -23.66
CA LEU L 144 8.28 -27.34 -25.05
C LEU L 144 7.73 -28.76 -25.22
N LYS L 145 8.06 -29.67 -24.31
CA LYS L 145 7.48 -31.02 -24.29
C LYS L 145 5.98 -31.00 -24.06
N THR L 146 5.52 -30.12 -23.18
CA THR L 146 4.10 -29.95 -22.95
C THR L 146 3.40 -29.49 -24.22
N ARG L 147 3.98 -28.56 -24.94
CA ARG L 147 3.41 -28.10 -26.20
C ARG L 147 3.36 -29.23 -27.24
N GLU L 148 4.41 -30.02 -27.35
CA GLU L 148 4.42 -31.19 -28.25
C GLU L 148 3.31 -32.18 -27.90
N LYS L 149 3.11 -32.43 -26.61
CA LYS L 149 2.06 -33.33 -26.14
C LYS L 149 0.68 -32.80 -26.54
N LEU L 150 0.43 -31.52 -26.28
CA LEU L 150 -0.82 -30.88 -26.67
C LEU L 150 -1.07 -30.93 -28.16
N ASN L 151 -0.05 -30.61 -28.94
CA ASN L 151 -0.17 -30.56 -30.40
C ASN L 151 -0.41 -31.94 -30.98
N ARG L 152 0.25 -32.95 -30.42
CA ARG L 152 0.08 -34.32 -30.88
C ARG L 152 -1.37 -34.76 -30.68
N ILE L 153 -1.90 -34.52 -29.47
CA ILE L 153 -3.28 -34.89 -29.18
C ILE L 153 -4.26 -34.10 -30.03
N LEU L 154 -4.03 -32.80 -30.18
CA LEU L 154 -4.88 -31.97 -31.04
C LEU L 154 -4.87 -32.46 -32.50
N SER L 155 -3.71 -32.87 -32.98
CA SER L 155 -3.58 -33.48 -34.31
C SER L 155 -4.47 -34.72 -34.46
N GLU L 156 -4.40 -35.62 -33.49
CA GLU L 156 -5.25 -36.83 -33.46
C GLU L 156 -6.73 -36.50 -33.41
N ARG L 157 -7.12 -35.48 -32.64
CA ARG L 157 -8.53 -35.11 -32.52
C ARG L 157 -9.13 -34.28 -33.63
N THR L 158 -8.31 -33.56 -34.34
CA THR L 158 -8.79 -32.69 -35.43
C THR L 158 -8.56 -33.29 -36.82
N GLY L 159 -7.60 -34.20 -36.94
CA GLY L 159 -7.13 -34.63 -38.26
C GLY L 159 -6.11 -33.71 -38.93
N GLN L 160 -5.71 -32.60 -38.29
CA GLN L 160 -4.69 -31.72 -38.84
C GLN L 160 -3.31 -32.26 -38.50
N SER L 161 -2.32 -31.95 -39.33
CA SER L 161 -0.95 -32.37 -39.03
C SER L 161 -0.39 -31.58 -37.83
N ILE L 162 0.58 -32.17 -37.15
CA ILE L 162 1.32 -31.51 -36.09
C ILE L 162 1.96 -30.20 -36.57
N GLU L 163 2.49 -30.20 -37.80
CA GLU L 163 3.15 -29.01 -38.35
C GLU L 163 2.15 -27.88 -38.54
N LYS L 164 0.94 -28.20 -39.01
CA LYS L 164 -0.09 -27.19 -39.17
C LYS L 164 -0.56 -26.65 -37.78
N ILE L 165 -0.76 -27.54 -36.81
CA ILE L 165 -1.15 -27.14 -35.46
C ILE L 165 -0.11 -26.15 -34.88
N GLN L 166 1.16 -26.51 -35.00
CA GLN L 166 2.29 -25.68 -34.54
C GLN L 166 2.23 -24.26 -35.12
N LYS L 167 2.08 -24.19 -36.44
CA LYS L 167 1.96 -22.92 -37.14
C LYS L 167 0.73 -22.12 -36.68
N ASP L 168 -0.42 -22.79 -36.60
CA ASP L 168 -1.68 -22.10 -36.28
C ASP L 168 -1.84 -21.69 -34.82
N THR L 169 -1.01 -22.22 -33.93
CA THR L 169 -1.05 -21.87 -32.51
C THR L 169 0.12 -20.97 -32.08
N ASP L 170 0.92 -20.51 -33.04
CA ASP L 170 2.09 -19.68 -32.73
C ASP L 170 1.69 -18.40 -32.02
N ARG L 171 0.58 -17.80 -32.48
CA ARG L 171 -0.05 -16.69 -31.79
C ARG L 171 -1.54 -16.97 -31.62
N ASP L 172 -2.20 -16.11 -30.85
CA ASP L 172 -3.64 -16.20 -30.64
C ASP L 172 -4.36 -16.29 -31.98
N ASN L 173 -5.16 -17.33 -32.13
CA ASN L 173 -5.88 -17.62 -33.35
C ASN L 173 -7.36 -17.81 -32.97
N PHE L 174 -8.17 -16.82 -33.30
CA PHE L 174 -9.59 -16.82 -33.01
C PHE L 174 -10.35 -17.44 -34.17
N LEU L 175 -11.24 -18.38 -33.87
CA LEU L 175 -12.06 -19.03 -34.88
C LEU L 175 -13.52 -18.82 -34.56
N THR L 176 -14.33 -18.62 -35.61
CA THR L 176 -15.78 -18.72 -35.48
C THR L 176 -16.17 -20.20 -35.28
N ALA L 177 -17.41 -20.43 -34.87
CA ALA L 177 -17.90 -21.81 -34.72
C ALA L 177 -17.76 -22.60 -36.03
N GLU L 178 -18.10 -21.98 -37.15
CA GLU L 178 -17.99 -22.61 -38.46
C GLU L 178 -16.53 -22.92 -38.81
N GLU L 179 -15.62 -21.99 -38.53
CA GLU L 179 -14.19 -22.24 -38.74
C GLU L 179 -13.66 -23.35 -37.84
N ALA L 180 -14.15 -23.43 -36.59
CA ALA L 180 -13.77 -24.53 -35.69
C ALA L 180 -14.21 -25.89 -36.24
N LYS L 181 -15.39 -25.93 -36.86
CA LYS L 181 -15.86 -27.14 -37.54
C LYS L 181 -14.96 -27.52 -38.71
N GLU L 182 -14.67 -26.56 -39.57
CA GLU L 182 -13.75 -26.79 -40.70
C GLU L 182 -12.37 -27.24 -40.24
N TYR L 183 -11.91 -26.70 -39.10
CA TYR L 183 -10.64 -27.09 -38.54
C TYR L 183 -10.64 -28.52 -37.96
N GLY L 184 -11.80 -29.03 -37.57
CA GLY L 184 -11.91 -30.35 -36.93
C GLY L 184 -11.94 -30.31 -35.41
N LEU L 185 -12.08 -29.12 -34.81
CA LEU L 185 -12.18 -28.99 -33.35
C LEU L 185 -13.56 -29.42 -32.86
N ILE L 186 -14.57 -29.20 -33.69
CA ILE L 186 -15.93 -29.65 -33.44
C ILE L 186 -16.44 -30.36 -34.68
N ASP L 187 -17.56 -31.04 -34.52
CA ASP L 187 -18.20 -31.79 -35.60
C ASP L 187 -19.36 -31.04 -36.22
N GLU L 188 -20.06 -30.21 -35.45
CA GLU L 188 -21.28 -29.58 -35.93
C GLU L 188 -21.55 -28.25 -35.23
N VAL L 189 -22.05 -27.28 -35.98
CA VAL L 189 -22.64 -26.06 -35.45
C VAL L 189 -24.14 -26.27 -35.34
N MET L 190 -24.71 -26.16 -34.15
CA MET L 190 -26.16 -26.27 -33.96
C MET L 190 -26.84 -24.96 -34.32
N VAL L 191 -27.47 -24.92 -35.49
CA VAL L 191 -28.18 -23.73 -35.97
C VAL L 191 -29.58 -23.70 -35.32
N PRO L 192 -30.09 -22.52 -34.98
CA PRO L 192 -31.45 -22.50 -34.41
C PRO L 192 -32.56 -22.85 -35.40
N LEU M 3 -20.26 -23.55 -6.11
CA LEU M 3 -19.03 -24.11 -6.72
C LEU M 3 -19.12 -25.64 -6.73
N ILE M 4 -19.47 -26.27 -5.61
CA ILE M 4 -19.46 -27.74 -5.46
C ILE M 4 -20.89 -28.29 -5.56
N PRO M 5 -21.18 -29.09 -6.60
CA PRO M 5 -22.56 -29.54 -6.78
C PRO M 5 -23.01 -30.58 -5.73
N THR M 6 -24.32 -30.64 -5.55
CA THR M 6 -24.99 -31.61 -4.68
C THR M 6 -25.64 -32.76 -5.50
N VAL M 7 -25.58 -33.97 -4.94
CA VAL M 7 -26.29 -35.13 -5.49
C VAL M 7 -27.23 -35.69 -4.44
N TYR M 18 -25.78 -35.08 -0.52
CA TYR M 18 -24.34 -35.08 -0.44
C TYR M 18 -23.77 -34.03 -1.39
N ASP M 19 -22.76 -33.27 -0.97
CA ASP M 19 -21.86 -32.63 -1.94
C ASP M 19 -21.08 -33.75 -2.70
N ILE M 20 -20.58 -33.43 -3.89
CA ILE M 20 -19.98 -34.44 -4.76
C ILE M 20 -18.80 -35.18 -4.10
N TYR M 21 -17.98 -34.47 -3.34
CA TYR M 21 -16.82 -35.09 -2.68
C TYR M 21 -17.23 -36.07 -1.59
N SER M 22 -18.24 -35.70 -0.81
CA SER M 22 -18.80 -36.60 0.19
C SER M 22 -19.44 -37.83 -0.43
N ARG M 23 -20.07 -37.65 -1.60
CA ARG M 23 -20.61 -38.79 -2.34
C ARG M 23 -19.52 -39.76 -2.74
N LEU M 24 -18.39 -39.24 -3.23
CA LEU M 24 -17.25 -40.09 -3.58
C LEU M 24 -16.67 -40.79 -2.34
N LEU M 25 -16.63 -40.09 -1.21
CA LEU M 25 -16.13 -40.67 0.03
C LEU M 25 -16.97 -41.87 0.49
N LYS M 26 -18.27 -41.81 0.27
CA LYS M 26 -19.17 -42.94 0.53
C LYS M 26 -18.72 -44.20 -0.22
N ASP M 27 -18.18 -44.05 -1.43
CA ASP M 27 -17.58 -45.16 -2.19
C ASP M 27 -16.06 -45.33 -2.00
N ARG M 28 -15.54 -44.81 -0.88
CA ARG M 28 -14.15 -45.00 -0.46
C ARG M 28 -13.12 -44.33 -1.38
N ILE M 29 -13.53 -43.25 -2.03
CA ILE M 29 -12.64 -42.43 -2.84
C ILE M 29 -12.33 -41.15 -2.08
N ILE M 30 -11.03 -40.90 -1.86
CA ILE M 30 -10.53 -39.68 -1.22
C ILE M 30 -9.83 -38.85 -2.29
N MET M 31 -10.15 -37.55 -2.34
CA MET M 31 -9.56 -36.63 -3.33
C MET M 31 -8.47 -35.77 -2.68
N LEU M 32 -7.23 -35.97 -3.09
CA LEU M 32 -6.15 -35.06 -2.75
C LEU M 32 -5.90 -34.23 -3.99
N GLY M 33 -6.59 -33.10 -4.06
CA GLY M 33 -6.64 -32.27 -5.26
C GLY M 33 -6.10 -30.86 -5.09
N SER M 34 -5.21 -30.66 -4.13
CA SER M 34 -4.68 -29.33 -3.86
C SER M 34 -3.26 -29.43 -3.31
N GLN M 35 -2.70 -28.26 -3.05
CA GLN M 35 -1.45 -28.14 -2.31
C GLN M 35 -1.60 -28.84 -0.95
N ILE M 36 -0.56 -29.53 -0.53
CA ILE M 36 -0.59 -30.26 0.73
C ILE M 36 -0.13 -29.34 1.86
N ASP M 37 -1.06 -28.95 2.72
CA ASP M 37 -0.73 -28.25 3.94
C ASP M 37 -1.37 -29.01 5.11
N ASP M 38 -1.22 -28.49 6.33
CA ASP M 38 -1.73 -29.17 7.50
C ASP M 38 -3.24 -29.43 7.46
N ASN M 39 -4.02 -28.48 6.98
CA ASN M 39 -5.48 -28.65 6.85
C ASN M 39 -5.86 -29.80 5.93
N VAL M 40 -5.21 -29.84 4.78
CA VAL M 40 -5.45 -30.91 3.82
C VAL M 40 -5.05 -32.25 4.43
N ALA M 41 -3.89 -32.30 5.09
CA ALA M 41 -3.44 -33.54 5.74
C ALA M 41 -4.42 -34.01 6.81
N ASN M 42 -4.87 -33.08 7.66
CA ASN M 42 -5.81 -33.43 8.71
C ASN M 42 -7.11 -34.01 8.16
N SER M 43 -7.59 -33.42 7.06
CA SER M 43 -8.80 -33.89 6.42
C SER M 43 -8.59 -35.30 5.84
N ILE M 44 -7.48 -35.50 5.14
CA ILE M 44 -7.21 -36.80 4.53
C ILE M 44 -6.96 -37.87 5.58
N VAL M 45 -6.22 -37.54 6.64
CA VAL M 45 -6.02 -38.46 7.74
C VAL M 45 -7.38 -38.87 8.34
N SER M 46 -8.25 -37.90 8.58
CA SER M 46 -9.58 -38.18 9.12
C SER M 46 -10.41 -39.09 8.23
N GLN M 47 -10.36 -38.84 6.92
CA GLN M 47 -11.07 -39.67 5.95
C GLN M 47 -10.55 -41.10 5.95
N LEU M 48 -9.22 -41.27 6.03
CA LEU M 48 -8.63 -42.59 6.08
C LEU M 48 -9.06 -43.36 7.33
N LEU M 49 -9.11 -42.70 8.47
CA LEU M 49 -9.52 -43.28 9.71
C LEU M 49 -10.98 -43.67 9.64
N PHE M 50 -11.81 -42.77 9.15
CA PHE M 50 -13.23 -43.04 8.98
C PHE M 50 -13.45 -44.27 8.09
N LEU M 51 -12.77 -44.32 6.96
CA LEU M 51 -12.95 -45.43 6.03
C LEU M 51 -12.50 -46.78 6.59
N GLN M 52 -11.39 -46.79 7.31
CA GLN M 52 -10.94 -48.00 7.99
C GLN M 52 -11.98 -48.50 9.00
N ALA M 53 -12.57 -47.58 9.77
CA ALA M 53 -13.61 -47.93 10.73
C ALA M 53 -14.90 -48.44 10.07
N GLN M 54 -15.25 -47.89 8.91
CA GLN M 54 -16.40 -48.37 8.14
C GLN M 54 -16.17 -49.78 7.63
N ASP M 55 -14.97 -50.05 7.13
CA ASP M 55 -14.60 -51.37 6.61
C ASP M 55 -13.10 -51.51 6.57
N SER M 56 -12.55 -52.37 7.43
CA SER M 56 -11.11 -52.53 7.55
C SER M 56 -10.47 -53.38 6.43
N GLU M 57 -11.28 -53.99 5.57
CA GLU M 57 -10.78 -54.90 4.53
C GLU M 57 -10.90 -54.34 3.11
N LYS M 58 -11.90 -53.50 2.85
CA LYS M 58 -12.10 -52.98 1.50
C LYS M 58 -11.05 -51.91 1.15
N ASP M 59 -10.59 -51.96 -0.10
CA ASP M 59 -9.63 -51.00 -0.60
C ASP M 59 -10.16 -49.56 -0.50
N ILE M 60 -9.22 -48.64 -0.37
CA ILE M 60 -9.47 -47.20 -0.42
C ILE M 60 -8.80 -46.69 -1.70
N TYR M 61 -9.41 -45.68 -2.32
CA TYR M 61 -8.91 -45.10 -3.56
C TYR M 61 -8.52 -43.63 -3.33
N LEU M 62 -7.22 -43.34 -3.43
CA LEU M 62 -6.70 -41.98 -3.26
C LEU M 62 -6.33 -41.37 -4.60
N TYR M 63 -7.11 -40.38 -5.00
CA TYR M 63 -6.88 -39.57 -6.20
C TYR M 63 -5.87 -38.48 -5.88
N ILE M 64 -4.86 -38.34 -6.72
CA ILE M 64 -3.81 -37.34 -6.49
C ILE M 64 -3.67 -36.45 -7.71
N ASN M 65 -4.03 -35.18 -7.51
CA ASN M 65 -3.74 -34.08 -8.44
C ASN M 65 -3.22 -32.94 -7.58
N SER M 66 -1.90 -32.90 -7.37
CA SER M 66 -1.31 -32.03 -6.37
C SER M 66 0.08 -31.57 -6.76
N PRO M 67 0.40 -30.28 -6.57
CA PRO M 67 1.77 -29.76 -6.76
C PRO M 67 2.70 -30.06 -5.58
N GLY M 68 2.20 -30.73 -4.54
CA GLY M 68 2.99 -31.01 -3.36
C GLY M 68 2.71 -30.01 -2.27
N GLY M 69 3.71 -29.74 -1.43
CA GLY M 69 3.55 -28.85 -0.30
C GLY M 69 4.38 -29.32 0.88
N SER M 70 3.82 -29.14 2.08
CA SER M 70 4.55 -29.39 3.32
C SER M 70 4.98 -30.86 3.44
N VAL M 71 6.25 -31.06 3.77
CA VAL M 71 6.80 -32.39 3.96
C VAL M 71 6.18 -33.09 5.18
N THR M 72 6.06 -32.38 6.30
CA THR M 72 5.50 -32.98 7.51
C THR M 72 4.02 -33.31 7.32
N ALA M 73 3.28 -32.44 6.63
CA ALA M 73 1.89 -32.75 6.28
C ALA M 73 1.81 -33.97 5.38
N GLY M 74 2.71 -34.06 4.41
CA GLY M 74 2.79 -35.24 3.55
C GLY M 74 3.07 -36.51 4.35
N PHE M 75 3.95 -36.42 5.34
CA PHE M 75 4.25 -37.55 6.20
C PHE M 75 3.10 -37.95 7.13
N ALA M 76 2.26 -36.99 7.52
CA ALA M 76 1.05 -37.32 8.23
C ALA M 76 0.17 -38.28 7.40
N ILE M 77 0.04 -37.97 6.11
CA ILE M 77 -0.75 -38.78 5.20
C ILE M 77 -0.05 -40.12 4.98
N TYR M 78 1.25 -40.07 4.66
CA TYR M 78 2.03 -41.27 4.40
C TYR M 78 1.93 -42.28 5.55
N ASP M 79 2.21 -41.83 6.77
CA ASP M 79 2.19 -42.72 7.91
C ASP M 79 0.80 -43.28 8.20
N THR M 80 -0.23 -42.47 7.97
CA THR M 80 -1.60 -42.94 8.19
C THR M 80 -1.96 -44.01 7.16
N ILE M 81 -1.56 -43.82 5.90
CA ILE M 81 -1.74 -44.85 4.88
C ILE M 81 -1.10 -46.17 5.33
N GLN M 82 0.16 -46.13 5.77
CA GLN M 82 0.83 -47.36 6.17
C GLN M 82 0.25 -47.96 7.46
N HIS M 83 -0.28 -47.12 8.34
CA HIS M 83 -0.81 -47.57 9.61
C HIS M 83 -2.12 -48.37 9.50
N ILE M 84 -3.01 -47.94 8.62
CA ILE M 84 -4.34 -48.54 8.53
C ILE M 84 -4.28 -49.91 7.82
N LYS M 85 -5.30 -50.72 8.04
CA LYS M 85 -5.35 -52.07 7.49
C LYS M 85 -5.70 -52.11 5.99
N PRO M 86 -6.70 -51.34 5.55
CA PRO M 86 -7.03 -51.39 4.12
C PRO M 86 -5.87 -50.97 3.20
N ASP M 87 -5.76 -51.61 2.05
CA ASP M 87 -4.89 -51.16 0.99
C ASP M 87 -5.37 -49.81 0.47
N VAL M 88 -4.44 -48.89 0.26
CA VAL M 88 -4.76 -47.61 -0.34
C VAL M 88 -4.19 -47.58 -1.74
N GLN M 89 -5.09 -47.62 -2.73
CA GLN M 89 -4.69 -47.50 -4.12
C GLN M 89 -4.48 -46.01 -4.40
N THR M 90 -3.51 -45.70 -5.25
CA THR M 90 -3.24 -44.32 -5.64
C THR M 90 -3.34 -44.17 -7.14
N ILE M 91 -3.86 -43.03 -7.57
CA ILE M 91 -3.87 -42.69 -8.99
C ILE M 91 -3.45 -41.25 -9.19
N CYS M 92 -2.58 -41.02 -10.14
CA CYS M 92 -2.23 -39.68 -10.56
C CYS M 92 -3.05 -39.28 -11.76
N ILE M 93 -3.83 -38.22 -11.58
CA ILE M 93 -4.62 -37.61 -12.63
C ILE M 93 -4.22 -36.14 -12.63
N GLY M 94 -3.77 -35.66 -13.78
CA GLY M 94 -3.27 -34.28 -13.89
C GLY M 94 -1.79 -34.19 -13.58
N MET M 95 -1.47 -34.01 -12.29
CA MET M 95 -0.10 -33.83 -11.85
C MET M 95 0.11 -34.38 -10.46
N ALA M 96 1.25 -35.01 -10.21
CA ALA M 96 1.71 -35.28 -8.86
C ALA M 96 3.16 -34.79 -8.81
N ALA M 97 3.39 -33.72 -8.07
CA ALA M 97 4.72 -33.12 -7.96
C ALA M 97 5.16 -33.15 -6.50
N SER M 98 6.45 -33.35 -6.30
CA SER M 98 7.09 -33.22 -4.98
C SER M 98 6.43 -34.18 -3.98
N MET M 99 5.93 -33.70 -2.84
CA MET M 99 5.25 -34.59 -1.89
C MET M 99 4.06 -35.31 -2.49
N GLY M 100 3.44 -34.75 -3.54
CA GLY M 100 2.37 -35.41 -4.27
C GLY M 100 2.84 -36.69 -4.92
N SER M 101 4.01 -36.65 -5.54
CA SER M 101 4.58 -37.83 -6.19
C SER M 101 5.08 -38.83 -5.15
N PHE M 102 5.54 -38.33 -3.99
CA PHE M 102 5.92 -39.20 -2.88
C PHE M 102 4.71 -40.00 -2.39
N LEU M 103 3.57 -39.34 -2.24
CA LEU M 103 2.34 -40.01 -1.84
C LEU M 103 1.80 -40.97 -2.89
N LEU M 104 1.94 -40.61 -4.16
CA LEU M 104 1.60 -41.51 -5.26
C LEU M 104 2.36 -42.85 -5.12
N ALA M 105 3.67 -42.74 -4.89
CA ALA M 105 4.55 -43.90 -4.69
C ALA M 105 4.27 -44.69 -3.40
N ALA M 106 3.53 -44.09 -2.46
CA ALA M 106 3.21 -44.70 -1.18
C ALA M 106 1.99 -45.64 -1.20
N GLY M 107 1.27 -45.68 -2.32
CA GLY M 107 0.11 -46.55 -2.44
C GLY M 107 0.49 -48.01 -2.34
N ALA M 108 -0.49 -48.87 -2.10
CA ALA M 108 -0.26 -50.32 -1.99
C ALA M 108 0.45 -50.85 -3.21
N LYS M 109 1.46 -51.70 -3.00
CA LYS M 109 2.26 -52.26 -4.10
C LYS M 109 1.34 -53.00 -5.06
N GLY M 110 1.52 -52.74 -6.35
CA GLY M 110 0.63 -53.24 -7.39
C GLY M 110 -0.60 -52.40 -7.66
N LYS M 111 -0.87 -51.39 -6.83
CA LYS M 111 -2.11 -50.61 -6.96
C LYS M 111 -1.83 -49.10 -7.01
N ARG M 112 -0.73 -48.74 -7.67
CA ARG M 112 -0.37 -47.35 -7.92
C ARG M 112 -0.47 -47.12 -9.41
N PHE M 113 -1.28 -46.14 -9.79
CA PHE M 113 -1.64 -45.92 -11.18
C PHE M 113 -1.44 -44.47 -11.61
N ALA M 114 -1.43 -44.26 -12.91
CA ALA M 114 -1.57 -42.93 -13.49
C ALA M 114 -2.34 -43.04 -14.79
N LEU M 115 -3.05 -41.98 -15.15
CA LEU M 115 -3.63 -41.88 -16.48
C LEU M 115 -2.54 -41.39 -17.45
N PRO M 116 -2.71 -41.67 -18.77
CA PRO M 116 -1.57 -41.57 -19.69
C PRO M 116 -0.90 -40.21 -19.83
N ASN M 117 -1.67 -39.14 -19.67
CA ASN M 117 -1.15 -37.78 -19.84
C ASN M 117 -0.85 -37.08 -18.51
N ALA M 118 -0.93 -37.83 -17.42
CA ALA M 118 -0.57 -37.30 -16.12
C ALA M 118 0.93 -37.03 -16.06
N GLU M 119 1.28 -36.01 -15.28
CA GLU M 119 2.65 -35.54 -15.14
C GLU M 119 3.11 -35.87 -13.72
N VAL M 120 4.29 -36.46 -13.59
CA VAL M 120 4.87 -36.74 -12.29
C VAL M 120 6.18 -35.96 -12.22
N MET M 121 6.41 -35.25 -11.12
CA MET M 121 7.64 -34.51 -10.95
C MET M 121 8.28 -34.82 -9.61
N ILE M 122 9.58 -35.10 -9.63
CA ILE M 122 10.33 -35.33 -8.40
C ILE M 122 11.45 -34.31 -8.32
N HIS M 123 11.73 -33.87 -7.09
CA HIS M 123 12.82 -32.94 -6.82
C HIS M 123 13.16 -32.95 -5.34
N GLN M 124 14.24 -32.28 -4.97
CA GLN M 124 14.65 -32.23 -3.57
C GLN M 124 13.79 -31.26 -2.78
N PRO M 125 13.69 -31.44 -1.44
CA PRO M 125 12.89 -30.50 -0.65
C PRO M 125 13.43 -29.08 -0.65
N LEU M 126 12.51 -28.12 -0.48
CA LEU M 126 12.80 -26.70 -0.48
C LEU M 126 12.58 -26.18 0.92
N GLY M 127 13.30 -25.13 1.28
CA GLY M 127 13.10 -24.50 2.57
C GLY M 127 13.86 -23.21 2.72
N GLY M 128 14.11 -22.83 3.96
CA GLY M 128 14.71 -21.55 4.26
C GLY M 128 15.23 -21.53 5.66
N ALA M 129 16.09 -20.55 5.93
CA ALA M 129 16.66 -20.34 7.25
C ALA M 129 17.25 -18.94 7.25
N GLN M 130 17.00 -18.20 8.33
CA GLN M 130 17.70 -16.95 8.55
C GLN M 130 18.05 -16.82 10.02
N GLY M 131 19.11 -16.06 10.30
CA GLY M 131 19.53 -15.79 11.66
C GLY M 131 21.00 -16.06 11.82
N GLN M 132 21.38 -16.48 13.01
CA GLN M 132 22.78 -16.71 13.35
C GLN M 132 23.33 -17.92 12.63
N ALA M 133 24.64 -17.94 12.46
CA ALA M 133 25.31 -19.09 11.82
C ALA M 133 24.85 -20.45 12.38
N THR M 134 24.80 -20.58 13.71
CA THR M 134 24.40 -21.84 14.35
C THR M 134 22.93 -22.19 14.07
N GLU M 135 22.06 -21.19 13.96
CA GLU M 135 20.66 -21.42 13.57
C GLU M 135 20.56 -21.89 12.13
N ILE M 136 21.37 -21.31 11.24
CA ILE M 136 21.40 -21.73 9.83
C ILE M 136 21.88 -23.18 9.75
N GLU M 137 22.91 -23.52 10.54
CA GLU M 137 23.43 -24.87 10.59
C GLU M 137 22.37 -25.90 11.02
N ILE M 138 21.62 -25.56 12.07
CA ILE M 138 20.54 -26.43 12.55
C ILE M 138 19.50 -26.64 11.47
N ALA M 139 19.08 -25.56 10.80
CA ALA M 139 18.10 -25.66 9.72
C ALA M 139 18.62 -26.48 8.54
N ALA M 140 19.89 -26.28 8.18
CA ALA M 140 20.52 -27.05 7.11
C ALA M 140 20.58 -28.54 7.43
N ASN M 141 21.02 -28.87 8.63
CA ASN M 141 21.07 -30.27 9.08
C ASN M 141 19.68 -30.92 9.05
N HIS M 142 18.67 -30.16 9.48
CA HIS M 142 17.31 -30.66 9.50
C HIS M 142 16.80 -30.96 8.09
N ILE M 143 16.99 -30.03 7.15
CA ILE M 143 16.49 -30.26 5.79
C ILE M 143 17.28 -31.37 5.07
N LEU M 144 18.58 -31.50 5.37
CA LEU M 144 19.38 -32.60 4.83
C LEU M 144 18.94 -33.97 5.36
N LYS M 145 18.66 -34.05 6.66
CA LYS M 145 18.10 -35.28 7.26
C LYS M 145 16.72 -35.61 6.68
N THR M 146 15.90 -34.58 6.47
CA THR M 146 14.60 -34.76 5.86
C THR M 146 14.74 -35.34 4.45
N ARG M 147 15.69 -34.81 3.67
CA ARG M 147 15.93 -35.33 2.34
C ARG M 147 16.39 -36.79 2.36
N GLU M 148 17.29 -37.14 3.29
CA GLU M 148 17.72 -38.54 3.46
C GLU M 148 16.55 -39.46 3.78
N LYS M 149 15.65 -39.02 4.65
CA LYS M 149 14.48 -39.79 5.02
C LYS M 149 13.57 -40.02 3.80
N LEU M 150 13.30 -38.96 3.06
CA LEU M 150 12.50 -39.05 1.84
C LEU M 150 13.12 -39.99 0.80
N ASN M 151 14.41 -39.84 0.58
CA ASN M 151 15.12 -40.64 -0.42
C ASN M 151 15.16 -42.11 -0.06
N ARG M 152 15.38 -42.41 1.22
CA ARG M 152 15.40 -43.77 1.71
C ARG M 152 14.03 -44.44 1.47
N ILE M 153 12.95 -43.75 1.83
CA ILE M 153 11.62 -44.31 1.62
C ILE M 153 11.31 -44.47 0.12
N LEU M 154 11.67 -43.46 -0.67
CA LEU M 154 11.47 -43.55 -2.12
C LEU M 154 12.25 -44.72 -2.74
N SER M 155 13.47 -44.95 -2.26
CA SER M 155 14.27 -46.10 -2.67
C SER M 155 13.54 -47.42 -2.40
N GLU M 156 13.01 -47.57 -1.18
CA GLU M 156 12.23 -48.76 -0.81
C GLU M 156 10.98 -48.94 -1.65
N ARG M 157 10.33 -47.86 -2.01
CA ARG M 157 9.11 -47.97 -2.77
C ARG M 157 9.25 -48.12 -4.25
N THR M 158 10.33 -47.63 -4.80
CA THR M 158 10.57 -47.69 -6.25
C THR M 158 11.49 -48.84 -6.65
N GLY M 159 12.32 -49.33 -5.74
CA GLY M 159 13.40 -50.25 -6.09
C GLY M 159 14.67 -49.59 -6.62
N GLN M 160 14.71 -48.25 -6.71
CA GLN M 160 15.92 -47.54 -7.15
C GLN M 160 16.84 -47.37 -5.96
N SER M 161 18.14 -47.28 -6.22
CA SER M 161 19.10 -47.03 -5.14
C SER M 161 18.96 -45.59 -4.61
N ILE M 162 19.37 -45.39 -3.36
CA ILE M 162 19.43 -44.08 -2.76
C ILE M 162 20.32 -43.13 -3.58
N GLU M 163 21.43 -43.64 -4.11
CA GLU M 163 22.35 -42.80 -4.91
C GLU M 163 21.68 -42.33 -6.18
N LYS M 164 20.91 -43.19 -6.83
CA LYS M 164 20.19 -42.80 -8.03
C LYS M 164 19.07 -41.78 -7.71
N ILE M 165 18.32 -41.99 -6.63
CA ILE M 165 17.27 -41.06 -6.22
C ILE M 165 17.89 -39.67 -5.97
N GLN M 166 19.00 -39.63 -5.24
CA GLN M 166 19.74 -38.38 -4.94
C GLN M 166 20.09 -37.61 -6.22
N LYS M 167 20.69 -38.32 -7.18
CA LYS M 167 21.05 -37.74 -8.47
C LYS M 167 19.82 -37.26 -9.24
N ASP M 168 18.77 -38.08 -9.29
CA ASP M 168 17.59 -37.75 -10.10
C ASP M 168 16.67 -36.67 -9.51
N THR M 169 16.85 -36.34 -8.23
CA THR M 169 16.06 -35.31 -7.56
C THR M 169 16.85 -34.02 -7.31
N ASP M 170 18.08 -33.94 -7.85
CA ASP M 170 18.95 -32.78 -7.64
C ASP M 170 18.30 -31.52 -8.19
N ARG M 171 17.66 -31.64 -9.35
CA ARG M 171 16.82 -30.59 -9.90
C ARG M 171 15.47 -31.16 -10.30
N ASP M 172 14.54 -30.28 -10.65
CA ASP M 172 13.22 -30.66 -11.12
C ASP M 172 13.34 -31.68 -12.25
N ASN M 173 12.69 -32.82 -12.05
CA ASN M 173 12.74 -33.93 -12.97
C ASN M 173 11.29 -34.32 -13.27
N PHE M 174 10.85 -33.98 -14.48
CA PHE M 174 9.50 -34.25 -14.95
C PHE M 174 9.46 -35.60 -15.64
N LEU M 175 8.50 -36.45 -15.27
CA LEU M 175 8.32 -37.75 -15.88
C LEU M 175 6.93 -37.84 -16.48
N THR M 176 6.85 -38.50 -17.64
CA THR M 176 5.56 -38.95 -18.17
C THR M 176 5.03 -40.10 -17.30
N ALA M 177 3.76 -40.45 -17.46
CA ALA M 177 3.19 -41.58 -16.73
C ALA M 177 3.97 -42.88 -17.00
N GLU M 178 4.33 -43.10 -18.26
CA GLU M 178 5.11 -44.29 -18.64
C GLU M 178 6.49 -44.28 -18.00
N GLU M 179 7.16 -43.12 -18.00
CA GLU M 179 8.46 -43.01 -17.31
C GLU M 179 8.34 -43.21 -15.81
N ALA M 180 7.25 -42.74 -15.20
CA ALA M 180 7.01 -42.99 -13.77
C ALA M 180 6.86 -44.48 -13.46
N LYS M 181 6.22 -45.21 -14.37
CA LYS M 181 6.11 -46.67 -14.26
C LYS M 181 7.48 -47.33 -14.35
N GLU M 182 8.25 -46.98 -15.37
CA GLU M 182 9.62 -47.48 -15.53
C GLU M 182 10.50 -47.17 -14.33
N TYR M 183 10.30 -46.00 -13.74
CA TYR M 183 11.03 -45.60 -12.55
C TYR M 183 10.65 -46.40 -11.29
N GLY M 184 9.43 -46.93 -11.25
CA GLY M 184 8.90 -47.63 -10.07
C GLY M 184 8.05 -46.78 -9.14
N LEU M 185 7.68 -45.57 -9.56
CA LEU M 185 6.81 -44.70 -8.77
C LEU M 185 5.36 -45.18 -8.82
N ILE M 186 4.97 -45.76 -9.95
CA ILE M 186 3.67 -46.39 -10.11
C ILE M 186 3.89 -47.79 -10.70
N ASP M 187 2.83 -48.57 -10.67
CA ASP M 187 2.84 -49.93 -11.18
C ASP M 187 2.25 -50.05 -12.57
N GLU M 188 1.29 -49.19 -12.91
CA GLU M 188 0.58 -49.31 -14.18
C GLU M 188 0.04 -47.98 -14.68
N VAL M 189 0.10 -47.80 -16.00
CA VAL M 189 -0.61 -46.73 -16.68
C VAL M 189 -1.94 -47.30 -17.18
N MET M 190 -3.06 -46.72 -16.73
CA MET M 190 -4.39 -47.15 -17.21
C MET M 190 -4.67 -46.52 -18.56
N VAL M 191 -4.59 -47.33 -19.61
CA VAL M 191 -4.86 -46.88 -20.99
C VAL M 191 -6.40 -46.92 -21.19
N PRO M 192 -6.95 -45.96 -21.95
CA PRO M 192 -8.41 -45.96 -22.07
C PRO M 192 -8.94 -47.09 -22.98
N ILE N 4 -14.30 -29.49 3.74
CA ILE N 4 -14.47 -30.53 4.78
C ILE N 4 -15.63 -31.44 4.39
N PRO N 5 -15.37 -32.74 4.12
CA PRO N 5 -16.45 -33.60 3.67
C PRO N 5 -17.48 -33.94 4.74
N THR N 6 -18.67 -34.31 4.28
CA THR N 6 -19.79 -34.76 5.13
C THR N 6 -19.95 -36.28 5.06
N VAL N 7 -20.30 -36.89 6.20
CA VAL N 7 -20.66 -38.32 6.29
C VAL N 7 -22.08 -38.43 6.86
N ILE N 8 -22.80 -39.46 6.40
CA ILE N 8 -24.18 -39.71 6.86
C ILE N 8 -24.28 -41.08 7.54
N TYR N 18 -22.98 -35.33 9.57
CA TYR N 18 -21.80 -34.86 10.28
C TYR N 18 -20.74 -34.40 9.28
N ASP N 19 -20.07 -33.28 9.53
CA ASP N 19 -18.74 -33.06 8.94
C ASP N 19 -17.77 -34.11 9.52
N ILE N 20 -16.67 -34.37 8.81
CA ILE N 20 -15.77 -35.47 9.18
C ILE N 20 -15.19 -35.32 10.60
N TYR N 21 -14.88 -34.10 11.01
CA TYR N 21 -14.30 -33.86 12.35
C TYR N 21 -15.30 -34.14 13.46
N SER N 22 -16.55 -33.72 13.25
CA SER N 22 -17.63 -34.02 14.18
C SER N 22 -17.90 -35.52 14.27
N ARG N 23 -17.77 -36.21 13.14
CA ARG N 23 -17.91 -37.67 13.14
C ARG N 23 -16.83 -38.31 14.01
N LEU N 24 -15.59 -37.84 13.89
CA LEU N 24 -14.51 -38.34 14.74
C LEU N 24 -14.74 -38.02 16.21
N LEU N 25 -15.29 -36.84 16.50
CA LEU N 25 -15.58 -36.45 17.88
C LEU N 25 -16.61 -37.38 18.54
N LYS N 26 -17.59 -37.85 17.76
CA LYS N 26 -18.54 -38.86 18.21
C LYS N 26 -17.84 -40.12 18.74
N ASP N 27 -16.71 -40.51 18.13
CA ASP N 27 -15.86 -41.60 18.65
C ASP N 27 -14.71 -41.15 19.57
N ARG N 28 -14.86 -39.98 20.19
CA ARG N 28 -13.94 -39.49 21.21
C ARG N 28 -12.53 -39.15 20.68
N ILE N 29 -12.44 -38.79 19.41
CA ILE N 29 -11.21 -38.34 18.79
C ILE N 29 -11.30 -36.81 18.60
N ILE N 30 -10.33 -36.11 19.17
CA ILE N 30 -10.19 -34.65 19.05
C ILE N 30 -8.98 -34.38 18.17
N MET N 31 -9.14 -33.50 17.18
CA MET N 31 -8.06 -33.15 16.24
C MET N 31 -7.47 -31.79 16.61
N LEU N 32 -6.20 -31.80 17.04
CA LEU N 32 -5.44 -30.57 17.17
C LEU N 32 -4.50 -30.52 15.97
N GLY N 33 -4.99 -29.90 14.92
CA GLY N 33 -4.34 -29.94 13.61
C GLY N 33 -3.91 -28.58 13.06
N SER N 34 -3.67 -27.63 13.94
CA SER N 34 -3.31 -26.29 13.51
C SER N 34 -2.43 -25.62 14.56
N GLN N 35 -2.03 -24.39 14.25
CA GLN N 35 -1.40 -23.51 15.20
C GLN N 35 -2.30 -23.33 16.42
N ILE N 36 -1.71 -23.32 17.61
CA ILE N 36 -2.46 -23.20 18.84
C ILE N 36 -2.64 -21.73 19.17
N ASP N 37 -3.86 -21.24 19.07
CA ASP N 37 -4.22 -19.91 19.53
C ASP N 37 -5.43 -20.07 20.47
N ASP N 38 -5.94 -18.95 20.97
CA ASP N 38 -7.04 -18.99 21.92
C ASP N 38 -8.29 -19.68 21.39
N ASN N 39 -8.64 -19.46 20.13
CA ASN N 39 -9.80 -20.11 19.51
C ASN N 39 -9.68 -21.62 19.46
N VAL N 40 -8.51 -22.09 19.06
CA VAL N 40 -8.23 -23.52 19.02
C VAL N 40 -8.31 -24.10 20.44
N ALA N 41 -7.70 -23.42 21.41
CA ALA N 41 -7.75 -23.87 22.80
C ALA N 41 -9.18 -23.95 23.33
N ASN N 42 -9.97 -22.91 23.08
CA ASN N 42 -11.35 -22.88 23.53
C ASN N 42 -12.16 -24.04 22.96
N SER N 43 -11.93 -24.33 21.68
CA SER N 43 -12.62 -25.42 21.02
C SER N 43 -12.21 -26.77 21.63
N ILE N 44 -10.91 -26.97 21.83
CA ILE N 44 -10.41 -28.22 22.37
C ILE N 44 -10.84 -28.40 23.84
N VAL N 45 -10.78 -27.34 24.62
CA VAL N 45 -11.27 -27.38 25.99
C VAL N 45 -12.76 -27.79 26.02
N SER N 46 -13.57 -27.18 25.15
CA SER N 46 -14.98 -27.50 25.07
C SER N 46 -15.24 -28.96 24.69
N GLN N 47 -14.47 -29.47 23.74
CA GLN N 47 -14.59 -30.86 23.33
C GLN N 47 -14.22 -31.81 24.46
N LEU N 48 -13.17 -31.49 25.22
CA LEU N 48 -12.77 -32.30 26.36
C LEU N 48 -13.86 -32.35 27.42
N LEU N 49 -14.47 -31.20 27.73
CA LEU N 49 -15.54 -31.13 28.70
C LEU N 49 -16.78 -31.89 28.23
N PHE N 50 -17.11 -31.76 26.95
CA PHE N 50 -18.21 -32.49 26.37
C PHE N 50 -17.99 -34.00 26.48
N LEU N 51 -16.79 -34.45 26.10
CA LEU N 51 -16.50 -35.88 26.12
C LEU N 51 -16.51 -36.47 27.53
N GLN N 52 -15.97 -35.74 28.51
CA GLN N 52 -16.04 -36.18 29.90
C GLN N 52 -17.49 -36.32 30.38
N ALA N 53 -18.35 -35.38 30.00
CA ALA N 53 -19.77 -35.44 30.37
C ALA N 53 -20.50 -36.59 29.69
N GLN N 54 -20.14 -36.91 28.45
CA GLN N 54 -20.70 -38.06 27.74
C GLN N 54 -20.32 -39.36 28.43
N ASP N 55 -19.05 -39.48 28.82
CA ASP N 55 -18.54 -40.68 29.47
C ASP N 55 -17.25 -40.35 30.23
N SER N 56 -17.32 -40.37 31.55
CA SER N 56 -16.19 -39.98 32.38
C SER N 56 -15.09 -41.06 32.50
N GLU N 57 -15.33 -42.26 31.97
CA GLU N 57 -14.40 -43.39 32.11
C GLU N 57 -13.69 -43.77 30.81
N LYS N 58 -14.33 -43.56 29.66
CA LYS N 58 -13.74 -43.97 28.39
C LYS N 58 -12.61 -43.01 27.98
N ASP N 59 -11.54 -43.59 27.43
CA ASP N 59 -10.41 -42.83 26.93
C ASP N 59 -10.84 -41.82 25.85
N ILE N 60 -10.08 -40.73 25.79
CA ILE N 60 -10.17 -39.74 24.73
C ILE N 60 -8.89 -39.84 23.92
N TYR N 61 -9.00 -39.58 22.62
CA TYR N 61 -7.87 -39.65 21.69
C TYR N 61 -7.58 -38.26 21.10
N LEU N 62 -6.43 -37.69 21.45
CA LEU N 62 -6.00 -36.39 20.95
C LEU N 62 -4.93 -36.54 19.87
N TYR N 63 -5.32 -36.24 18.65
CA TYR N 63 -4.42 -36.19 17.48
C TYR N 63 -3.68 -34.86 17.46
N ILE N 64 -2.37 -34.91 17.29
CA ILE N 64 -1.57 -33.69 17.28
C ILE N 64 -0.74 -33.62 16.01
N ASN N 65 -1.08 -32.63 15.18
CA ASN N 65 -0.28 -32.21 14.03
C ASN N 65 -0.25 -30.69 14.09
N SER N 66 0.73 -30.13 14.80
CA SER N 66 0.72 -28.72 15.14
C SER N 66 2.14 -28.16 15.24
N PRO N 67 2.36 -26.95 14.68
CA PRO N 67 3.63 -26.24 14.86
C PRO N 67 3.73 -25.52 16.21
N GLY N 68 2.72 -25.61 17.07
CA GLY N 68 2.74 -24.94 18.35
C GLY N 68 1.96 -23.65 18.30
N GLY N 69 2.35 -22.68 19.13
CA GLY N 69 1.65 -21.41 19.20
C GLY N 69 1.66 -20.86 20.60
N SER N 70 0.56 -20.24 20.99
CA SER N 70 0.46 -19.53 22.27
C SER N 70 0.66 -20.45 23.46
N VAL N 71 1.55 -20.05 24.37
CA VAL N 71 1.83 -20.80 25.58
C VAL N 71 0.61 -20.86 26.52
N THR N 72 -0.07 -19.73 26.71
CA THR N 72 -1.23 -19.69 27.60
C THR N 72 -2.38 -20.53 27.02
N ALA N 73 -2.57 -20.46 25.70
CA ALA N 73 -3.55 -21.31 25.04
C ALA N 73 -3.20 -22.79 25.21
N GLY N 74 -1.93 -23.12 25.06
CA GLY N 74 -1.46 -24.47 25.30
C GLY N 74 -1.71 -24.93 26.72
N PHE N 75 -1.52 -24.04 27.68
CA PHE N 75 -1.80 -24.38 29.07
C PHE N 75 -3.28 -24.53 29.39
N ALA N 76 -4.15 -23.82 28.66
CA ALA N 76 -5.58 -24.06 28.77
C ALA N 76 -5.90 -25.53 28.45
N ILE N 77 -5.30 -26.04 27.39
CA ILE N 77 -5.51 -27.41 26.97
C ILE N 77 -4.86 -28.37 27.97
N TYR N 78 -3.61 -28.09 28.32
CA TYR N 78 -2.87 -28.92 29.27
C TYR N 78 -3.64 -29.11 30.59
N ASP N 79 -4.05 -28.01 31.21
CA ASP N 79 -4.73 -28.07 32.48
C ASP N 79 -6.10 -28.77 32.38
N THR N 80 -6.79 -28.60 31.26
CA THR N 80 -8.07 -29.26 31.07
C THR N 80 -7.87 -30.76 30.93
N ILE N 81 -6.85 -31.18 30.19
CA ILE N 81 -6.50 -32.60 30.12
C ILE N 81 -6.30 -33.18 31.52
N GLN N 82 -5.48 -32.52 32.34
CA GLN N 82 -5.21 -33.05 33.68
C GLN N 82 -6.43 -32.99 34.60
N HIS N 83 -7.31 -32.01 34.39
CA HIS N 83 -8.46 -31.81 35.24
C HIS N 83 -9.55 -32.90 35.07
N ILE N 84 -9.80 -33.32 33.84
CA ILE N 84 -10.87 -34.26 33.57
C ILE N 84 -10.50 -35.69 34.00
N LYS N 85 -11.51 -36.52 34.20
CA LYS N 85 -11.32 -37.90 34.67
C LYS N 85 -10.80 -38.85 33.59
N PRO N 86 -11.35 -38.81 32.37
CA PRO N 86 -10.84 -39.73 31.35
C PRO N 86 -9.36 -39.55 31.03
N ASP N 87 -8.66 -40.65 30.76
CA ASP N 87 -7.32 -40.61 30.19
C ASP N 87 -7.38 -40.00 28.81
N VAL N 88 -6.43 -39.12 28.52
CA VAL N 88 -6.31 -38.55 27.17
C VAL N 88 -5.06 -39.13 26.54
N GLN N 89 -5.27 -39.99 25.55
CA GLN N 89 -4.18 -40.53 24.77
C GLN N 89 -3.77 -39.47 23.75
N THR N 90 -2.47 -39.40 23.45
CA THR N 90 -1.96 -38.45 22.46
C THR N 90 -1.21 -39.20 21.38
N ILE N 91 -1.33 -38.71 20.16
CA ILE N 91 -0.54 -39.24 19.06
C ILE N 91 -0.01 -38.09 18.20
N CYS N 92 1.25 -38.17 17.86
CA CYS N 92 1.86 -37.24 16.92
C CYS N 92 1.83 -37.86 15.53
N ILE N 93 1.14 -37.18 14.63
CA ILE N 93 1.09 -37.55 13.23
C ILE N 93 1.52 -36.27 12.48
N GLY N 94 2.55 -36.39 11.66
CA GLY N 94 3.10 -35.23 10.95
C GLY N 94 4.17 -34.53 11.76
N MET N 95 3.75 -33.59 12.59
CA MET N 95 4.67 -32.77 13.38
C MET N 95 4.03 -32.36 14.69
N ALA N 96 4.82 -32.37 15.76
CA ALA N 96 4.45 -31.69 17.01
C ALA N 96 5.64 -30.83 17.37
N ALA N 97 5.49 -29.51 17.26
CA ALA N 97 6.56 -28.57 17.58
C ALA N 97 6.13 -27.65 18.69
N SER N 98 7.09 -27.30 19.55
CA SER N 98 6.91 -26.27 20.58
C SER N 98 5.76 -26.66 21.52
N MET N 99 4.74 -25.83 21.70
CA MET N 99 3.61 -26.21 22.55
C MET N 99 2.90 -27.47 22.08
N GLY N 100 2.99 -27.80 20.79
CA GLY N 100 2.47 -29.04 20.26
C GLY N 100 3.14 -30.25 20.88
N SER N 101 4.47 -30.20 20.98
CA SER N 101 5.23 -31.29 21.59
C SER N 101 5.02 -31.33 23.11
N PHE N 102 4.79 -30.17 23.72
CA PHE N 102 4.45 -30.10 25.13
C PHE N 102 3.13 -30.83 25.40
N LEU N 103 2.13 -30.60 24.55
CA LEU N 103 0.85 -31.28 24.67
C LEU N 103 0.91 -32.77 24.36
N LEU N 104 1.76 -33.15 23.40
CA LEU N 104 2.03 -34.56 23.14
C LEU N 104 2.51 -35.26 24.41
N ALA N 105 3.47 -34.64 25.09
CA ALA N 105 4.02 -35.17 26.35
C ALA N 105 3.03 -35.17 27.53
N ALA N 106 1.94 -34.40 27.40
CA ALA N 106 0.92 -34.27 28.43
C ALA N 106 -0.14 -35.39 28.46
N GLY N 107 -0.11 -36.28 27.46
CA GLY N 107 -1.05 -37.38 27.40
C GLY N 107 -0.86 -38.33 28.57
N ALA N 108 -1.86 -39.18 28.80
CA ALA N 108 -1.81 -40.16 29.90
C ALA N 108 -0.56 -41.02 29.79
N LYS N 109 0.11 -41.25 30.91
CA LYS N 109 1.35 -42.04 30.94
C LYS N 109 1.07 -43.45 30.40
N GLY N 110 1.93 -43.89 29.50
CA GLY N 110 1.74 -45.13 28.74
C GLY N 110 0.91 -45.00 27.48
N LYS N 111 0.28 -43.85 27.24
CA LYS N 111 -0.64 -43.70 26.12
C LYS N 111 -0.29 -42.48 25.26
N ARG N 112 1.00 -42.21 25.11
CA ARG N 112 1.52 -41.16 24.25
C ARG N 112 2.27 -41.85 23.12
N PHE N 113 1.85 -41.55 21.90
CA PHE N 113 2.34 -42.24 20.72
C PHE N 113 2.81 -41.29 19.63
N ALA N 114 3.57 -41.85 18.69
CA ALA N 114 3.84 -41.17 17.42
C ALA N 114 3.91 -42.22 16.33
N LEU N 115 3.58 -41.82 15.11
CA LEU N 115 3.82 -42.65 13.95
C LEU N 115 5.30 -42.49 13.53
N PRO N 116 5.87 -43.47 12.80
CA PRO N 116 7.34 -43.56 12.68
C PRO N 116 8.05 -42.37 12.04
N ASN N 117 7.38 -41.69 11.11
CA ASN N 117 7.98 -40.56 10.39
C ASN N 117 7.53 -39.20 10.91
N ALA N 118 6.81 -39.21 12.03
CA ALA N 118 6.42 -37.97 12.68
C ALA N 118 7.64 -37.26 13.24
N GLU N 119 7.57 -35.94 13.23
CA GLU N 119 8.66 -35.07 13.65
C GLU N 119 8.25 -34.39 14.96
N VAL N 120 9.14 -34.40 15.95
CA VAL N 120 8.89 -33.72 17.20
C VAL N 120 9.98 -32.67 17.35
N MET N 121 9.60 -31.44 17.69
CA MET N 121 10.58 -30.38 17.88
C MET N 121 10.35 -29.68 19.21
N ILE N 122 11.43 -29.48 19.95
CA ILE N 122 11.37 -28.76 21.22
C ILE N 122 12.30 -27.57 21.14
N HIS N 123 11.87 -26.46 21.74
CA HIS N 123 12.67 -25.24 21.82
C HIS N 123 12.14 -24.33 22.92
N GLN N 124 12.86 -23.26 23.20
CA GLN N 124 12.42 -22.34 24.26
C GLN N 124 11.31 -21.43 23.75
N PRO N 125 10.50 -20.87 24.68
CA PRO N 125 9.44 -19.96 24.23
C PRO N 125 9.97 -18.68 23.58
N LEU N 126 9.14 -18.13 22.70
CA LEU N 126 9.43 -16.92 21.94
C LEU N 126 8.51 -15.82 22.45
N GLY N 127 8.98 -14.58 22.36
CA GLY N 127 8.15 -13.45 22.71
C GLY N 127 8.74 -12.13 22.31
N GLY N 128 8.28 -11.09 22.99
CA GLY N 128 8.66 -9.74 22.66
C GLY N 128 8.45 -8.83 23.85
N ALA N 129 9.08 -7.67 23.80
CA ALA N 129 8.88 -6.63 24.79
C ALA N 129 9.36 -5.33 24.14
N GLN N 130 8.58 -4.27 24.29
CA GLN N 130 9.03 -2.95 23.93
C GLN N 130 8.56 -1.94 24.97
N GLY N 131 9.30 -0.85 25.09
CA GLY N 131 8.95 0.24 25.97
C GLY N 131 10.09 0.62 26.88
N GLN N 132 9.74 1.06 28.06
CA GLN N 132 10.71 1.53 29.04
C GLN N 132 11.51 0.37 29.61
N ALA N 133 12.69 0.67 30.11
CA ALA N 133 13.55 -0.35 30.73
C ALA N 133 12.81 -1.25 31.73
N THR N 134 12.03 -0.67 32.63
CA THR N 134 11.28 -1.41 33.64
C THR N 134 10.20 -2.30 33.02
N GLU N 135 9.57 -1.84 31.93
CA GLU N 135 8.60 -2.68 31.19
C GLU N 135 9.31 -3.87 30.52
N ILE N 136 10.49 -3.64 29.95
CA ILE N 136 11.27 -4.72 29.35
C ILE N 136 11.65 -5.74 30.42
N GLU N 137 12.06 -5.26 31.60
CA GLU N 137 12.40 -6.13 32.71
C GLU N 137 11.23 -7.01 33.14
N ILE N 138 10.05 -6.42 33.26
CA ILE N 138 8.83 -7.17 33.61
C ILE N 138 8.54 -8.25 32.58
N ALA N 139 8.60 -7.90 31.30
CA ALA N 139 8.38 -8.87 30.22
C ALA N 139 9.42 -9.98 30.22
N ALA N 140 10.69 -9.63 30.46
CA ALA N 140 11.76 -10.62 30.53
C ALA N 140 11.56 -11.59 31.69
N ASN N 141 11.26 -11.05 32.87
CA ASN N 141 10.98 -11.89 34.05
C ASN N 141 9.81 -12.83 33.80
N HIS N 142 8.77 -12.32 33.14
CA HIS N 142 7.60 -13.12 32.85
C HIS N 142 7.93 -14.28 31.90
N ILE N 143 8.64 -14.01 30.81
CA ILE N 143 8.96 -15.08 29.86
C ILE N 143 9.95 -16.09 30.46
N LEU N 144 10.87 -15.62 31.32
CA LEU N 144 11.77 -16.53 32.02
C LEU N 144 11.04 -17.44 33.02
N LYS N 145 10.10 -16.89 33.76
CA LYS N 145 9.23 -17.70 34.66
C LYS N 145 8.37 -18.68 33.88
N THR N 146 7.85 -18.26 32.73
CA THR N 146 7.09 -19.14 31.86
C THR N 146 7.95 -20.29 31.39
N ARG N 147 9.18 -20.02 31.00
CA ARG N 147 10.10 -21.09 30.58
C ARG N 147 10.39 -22.06 31.73
N GLU N 148 10.62 -21.55 32.94
CA GLU N 148 10.80 -22.41 34.12
C GLU N 148 9.60 -23.31 34.38
N LYS N 149 8.40 -22.77 34.24
CA LYS N 149 7.16 -23.51 34.41
C LYS N 149 7.07 -24.64 33.38
N LEU N 150 7.30 -24.31 32.11
CA LEU N 150 7.32 -25.30 31.04
C LEU N 150 8.34 -26.40 31.27
N ASN N 151 9.55 -26.02 31.64
CA ASN N 151 10.65 -26.96 31.82
C ASN N 151 10.39 -27.89 33.02
N ARG N 152 9.85 -27.35 34.09
CA ARG N 152 9.49 -28.13 35.26
C ARG N 152 8.46 -29.20 34.91
N ILE N 153 7.41 -28.81 34.20
CA ILE N 153 6.37 -29.77 33.80
C ILE N 153 6.94 -30.80 32.83
N LEU N 154 7.73 -30.35 31.86
CA LEU N 154 8.36 -31.27 30.90
C LEU N 154 9.27 -32.28 31.62
N SER N 155 10.00 -31.82 32.62
CA SER N 155 10.82 -32.69 33.46
C SER N 155 9.99 -33.80 34.13
N GLU N 156 8.88 -33.41 34.74
CA GLU N 156 7.95 -34.36 35.37
C GLU N 156 7.36 -35.35 34.36
N ARG N 157 7.04 -34.90 33.17
CA ARG N 157 6.46 -35.77 32.18
C ARG N 157 7.41 -36.68 31.41
N THR N 158 8.65 -36.28 31.28
CA THR N 158 9.65 -37.04 30.53
C THR N 158 10.58 -37.86 31.42
N GLY N 159 10.73 -37.48 32.68
CA GLY N 159 11.78 -38.03 33.54
C GLY N 159 13.17 -37.40 33.36
N GLN N 160 13.30 -36.41 32.49
CA GLN N 160 14.59 -35.71 32.32
C GLN N 160 14.71 -34.62 33.34
N SER N 161 15.93 -34.28 33.71
CA SER N 161 16.15 -33.17 34.66
C SER N 161 15.79 -31.82 34.01
N ILE N 162 15.45 -30.85 34.83
CA ILE N 162 15.23 -29.47 34.42
C ILE N 162 16.48 -28.91 33.71
N GLU N 163 17.67 -29.24 34.21
CA GLU N 163 18.92 -28.76 33.63
C GLU N 163 19.11 -29.31 32.22
N LYS N 164 18.79 -30.58 32.02
CA LYS N 164 18.87 -31.16 30.69
C LYS N 164 17.84 -30.56 29.73
N ILE N 165 16.61 -30.36 30.19
CA ILE N 165 15.55 -29.75 29.37
C ILE N 165 16.02 -28.33 28.92
N GLN N 166 16.54 -27.55 29.86
CA GLN N 166 17.07 -26.20 29.59
C GLN N 166 18.12 -26.21 28.47
N LYS N 167 19.09 -27.09 28.60
CA LYS N 167 20.16 -27.23 27.62
C LYS N 167 19.59 -27.68 26.25
N ASP N 168 18.70 -28.66 26.25
CA ASP N 168 18.19 -29.23 25.01
C ASP N 168 17.17 -28.37 24.26
N THR N 169 16.62 -27.35 24.93
CA THR N 169 15.66 -26.43 24.33
C THR N 169 16.25 -25.05 24.03
N ASP N 170 17.57 -24.90 24.21
CA ASP N 170 18.22 -23.62 23.99
C ASP N 170 18.05 -23.15 22.55
N ARG N 171 18.16 -24.09 21.62
CA ARG N 171 17.83 -23.85 20.22
C ARG N 171 16.90 -24.95 19.72
N ASP N 172 16.37 -24.75 18.52
CA ASP N 172 15.52 -25.74 17.86
C ASP N 172 16.18 -27.11 17.86
N ASN N 173 15.47 -28.08 18.42
CA ASN N 173 15.97 -29.43 18.57
C ASN N 173 14.91 -30.37 17.96
N PHE N 174 15.22 -30.91 16.80
CA PHE N 174 14.35 -31.82 16.06
C PHE N 174 14.62 -33.25 16.48
N LEU N 175 13.57 -33.99 16.81
CA LEU N 175 13.68 -35.39 17.19
C LEU N 175 12.85 -36.23 16.23
N THR N 176 13.38 -37.40 15.89
CA THR N 176 12.58 -38.44 15.25
C THR N 176 11.59 -39.02 16.29
N ALA N 177 10.60 -39.78 15.81
CA ALA N 177 9.67 -40.45 16.73
C ALA N 177 10.41 -41.34 17.74
N GLU N 178 11.38 -42.09 17.26
CA GLU N 178 12.18 -42.97 18.13
C GLU N 178 12.98 -42.18 19.16
N GLU N 179 13.59 -41.06 18.73
CA GLU N 179 14.30 -40.18 19.68
C GLU N 179 13.36 -39.54 20.69
N ALA N 180 12.13 -39.19 20.27
CA ALA N 180 11.12 -38.68 21.21
C ALA N 180 10.76 -39.71 22.28
N LYS N 181 10.69 -40.97 21.88
CA LYS N 181 10.46 -42.07 22.82
C LYS N 181 11.61 -42.20 23.82
N GLU N 182 12.84 -42.24 23.31
CA GLU N 182 14.04 -42.28 24.17
C GLU N 182 14.11 -41.10 25.12
N TYR N 183 13.67 -39.93 24.64
CA TYR N 183 13.64 -38.73 25.47
C TYR N 183 12.58 -38.79 26.59
N GLY N 184 11.52 -39.57 26.39
CA GLY N 184 10.40 -39.65 27.33
C GLY N 184 9.21 -38.74 26.98
N LEU N 185 9.22 -38.15 25.77
CA LEU N 185 8.09 -37.32 25.32
C LEU N 185 6.89 -38.18 24.94
N ILE N 186 7.16 -39.37 24.43
CA ILE N 186 6.16 -40.35 24.11
C ILE N 186 6.57 -41.68 24.73
N ASP N 187 5.62 -42.61 24.76
CA ASP N 187 5.84 -43.94 25.31
C ASP N 187 6.13 -44.98 24.24
N GLU N 188 5.56 -44.81 23.05
CA GLU N 188 5.66 -45.83 22.01
C GLU N 188 5.56 -45.24 20.60
N VAL N 189 6.35 -45.80 19.69
CA VAL N 189 6.20 -45.57 18.27
C VAL N 189 5.34 -46.69 17.71
N MET N 190 4.19 -46.37 17.10
CA MET N 190 3.33 -47.37 16.47
C MET N 190 3.87 -47.72 15.10
N VAL N 191 4.49 -48.88 14.98
CA VAL N 191 5.03 -49.38 13.71
C VAL N 191 3.88 -50.02 12.93
N PRO N 192 3.87 -49.88 11.58
CA PRO N 192 2.75 -50.50 10.85
C PRO N 192 2.83 -52.02 10.79
#